data_1FFV
#
_entry.id   1FFV
#
_cell.length_a   86.373
_cell.length_b   193.793
_cell.length_c   218.755
_cell.angle_alpha   90.00
_cell.angle_beta   90.00
_cell.angle_gamma   90.00
#
_symmetry.space_group_name_H-M   'P 21 21 21'
#
loop_
_entity.id
_entity.type
_entity.pdbx_description
1 polymer 'CUTS, IRON-SULFUR PROTEIN OF CARBON MONOXIDE DEHYDROGENASE'
2 polymer 'CUTL, MOLYBDOPROTEIN OF CARBON MONOXIDE DEHYDROGENASE'
3 polymer 'CUTM, FLAVOPROTEIN OF CARBON MONOXIDE DEHYDROGENASE'
4 non-polymer 'FE2/S2 (INORGANIC) CLUSTER'
5 non-polymer '(MOLYBDOPTERIN-CYTOSINE DINUCLEOTIDE-S,S)-DIOXO-AQUA-MOLYBDENUM(V)'
6 non-polymer 'FLAVIN-ADENINE DINUCLEOTIDE'
7 water water
#
loop_
_entity_poly.entity_id
_entity_poly.type
_entity_poly.pdbx_seq_one_letter_code
_entity_poly.pdbx_strand_id
1 'polypeptide(L)'
;MAKKIITVNVNGKAQEKAVEPRTLLIHFLREELNLTGAHIGCETSHCGACTVDIDGRSVKSCTHLAVQCDGSEVLTVEGL
ANKGVLHAVQEGFYKEHGLQCGFCTPGMLMRAYRFLQENPNPTEAEIRMGMTGNLCRCTGYQNIVKAVQYAARKLQEPST
AAA
;
A,D
2 'polypeptide(L)'
;MNAPVQDAEARELALAGMGASRLRKEDARFIQGKGNYVDDIKMPGMLHMDIVRAPIAHGRIKKIHKDAALAMPGVHAVLT
AEDLKPLKLHWMPTLAGDVAAVLADEKVHFQMQEVAIVIADDRYIAADAVEAVKVEYDELPVVIDPIDALKPDAPVLRED
LAGKTSGAHGPREHHNHIFTWGAGDKAATDAVFANAPVTVSQHMYYPRVHPCPLETCGCVASFDPIKGDLTTYITSQAPH
VVRTVVSMLSGIPESKVRIVSPDIGGGFGNKVGIYPGYVCAIVASIVLGRPVKWVEDRVENISTTAFARDYHMDGELAAT
PDGKILGLRVNVVADHGAFDACADPTKFPAGLFHICSGSYDIPRAHCSVKGVYTNKAPGGVAY(ARO)(CSZ)SFRVTEA
VYLIERMVDVLAQKLNMDKAEIRAKNFIRKEQFPYTTQFGFEYDSGDYHTALKKVLDAVDYPALRAEQAARRADPNSPTL
MGIGLVTFTEVVGAGPSKMCDILGVGMFDSCEIRIHPTGSAIARMGTITQGQGHQTTYAQIIATELGIPSEVIQVEEGDT
STAPYGLGTYGSRSTPVAGAAIALAARKIHAKARKIAAHMLEVNENDLDWEVDRFKVKGDDSKFKTMADIAWQAYHQPPA
GLEPGLEAVHYYDPPNFTYPFGIYLCVVDIDRATGETKVRRFYALDDCGTRINPMIIEGQIHGGLTEGYAVAMGQQMPFD
AQGNLLGNTLMDYFLPTAVETPHWETDHTVTPSPHHPIGAKGVAESPHVGSIPTFTAAVVDAFAHVGVTHLDMPHTSYRV
WKSLKEHNLAL
;
B,E
3 'polypeptide(L)'
;MIPPRFEYHAPKSVGEAVALLGQLGSDAKLLAGGHSLLPMMKLRFAQPEHLIDINRIPELRGIREEGSTVVIGAMTVEND
LISSPIVQARLPLLAEAAKLIADPQVRNRGTIGGDIAHGDPGNDHPALSIAVEAHFVLEGPNGRRTVPADGFFLGTYMTL
LEENEVMVEIRVPAFAQGTGWAYEKLKRKTGDWATAGCAVVMRKSGNTVSHIRIALTNVAPTALRAEAAEAALLGKAFTK
EAVQAAADAAIAICEPAEDLRGDADYKTAMAGQMVKRALNAAWARCA
;
C,F
#
# COMPACT_ATOMS: atom_id res chain seq x y z
N LYS A 3 26.04 9.57 21.69
CA LYS A 3 25.03 8.53 21.73
C LYS A 3 25.33 7.43 22.75
N LYS A 4 24.28 6.97 23.42
CA LYS A 4 24.41 5.91 24.41
C LYS A 4 23.77 4.61 23.94
N ILE A 5 24.53 3.52 24.04
CA ILE A 5 24.03 2.20 23.66
C ILE A 5 23.26 1.67 24.83
N ILE A 6 22.00 1.31 24.60
CA ILE A 6 21.15 0.78 25.65
C ILE A 6 20.55 -0.54 25.24
N THR A 7 20.04 -1.27 26.22
CA THR A 7 19.38 -2.54 25.96
C THR A 7 18.06 -2.48 26.69
N VAL A 8 16.98 -2.36 25.93
CA VAL A 8 15.64 -2.29 26.52
C VAL A 8 14.86 -3.54 26.15
N ASN A 9 14.18 -4.11 27.15
CA ASN A 9 13.35 -5.28 26.94
C ASN A 9 11.98 -4.76 26.56
N VAL A 10 11.65 -4.78 25.26
CA VAL A 10 10.34 -4.30 24.82
C VAL A 10 9.43 -5.45 24.42
N ASN A 11 8.37 -5.62 25.20
CA ASN A 11 7.41 -6.69 24.96
C ASN A 11 8.08 -8.07 24.96
N GLY A 12 8.98 -8.27 25.92
CA GLY A 12 9.67 -9.54 26.07
C GLY A 12 10.90 -9.77 25.23
N LYS A 13 11.20 -8.87 24.30
CA LYS A 13 12.36 -9.01 23.45
C LYS A 13 13.40 -7.94 23.71
N ALA A 14 14.66 -8.37 23.81
CA ALA A 14 15.77 -7.46 24.07
C ALA A 14 16.08 -6.61 22.83
N GLN A 15 16.25 -5.31 23.05
CA GLN A 15 16.54 -4.37 21.97
C GLN A 15 17.76 -3.53 22.31
N GLU A 16 18.88 -3.82 21.67
CA GLU A 16 20.11 -3.06 21.89
C GLU A 16 20.17 -2.01 20.79
N LYS A 17 20.07 -0.75 21.19
CA LYS A 17 20.09 0.36 20.24
C LYS A 17 20.97 1.51 20.70
N ALA A 18 21.42 2.32 19.74
CA ALA A 18 22.24 3.49 20.01
C ALA A 18 21.26 4.67 19.93
N VAL A 19 21.11 5.39 21.04
CA VAL A 19 20.17 6.51 21.10
C VAL A 19 20.76 7.84 21.53
N GLU A 20 20.16 8.92 21.05
CA GLU A 20 20.57 10.26 21.43
C GLU A 20 19.83 10.52 22.72
N PRO A 21 20.52 11.08 23.72
CA PRO A 21 19.92 11.38 25.03
C PRO A 21 18.57 12.11 24.99
N ARG A 22 18.42 13.07 24.09
CA ARG A 22 17.18 13.83 23.98
C ARG A 22 15.99 13.10 23.38
N THR A 23 16.21 11.90 22.86
CA THR A 23 15.11 11.13 22.26
C THR A 23 14.07 10.67 23.26
N LEU A 24 12.86 11.19 23.12
CA LEU A 24 11.73 10.84 23.97
C LEU A 24 11.38 9.36 23.73
N LEU A 25 11.06 8.63 24.79
CA LEU A 25 10.72 7.21 24.66
C LEU A 25 9.61 6.97 23.65
N ILE A 26 8.63 7.86 23.60
CA ILE A 26 7.52 7.73 22.66
C ILE A 26 7.98 7.67 21.20
N HIS A 27 8.99 8.48 20.86
CA HIS A 27 9.52 8.51 19.49
C HIS A 27 10.42 7.30 19.23
N PHE A 28 11.10 6.84 20.27
CA PHE A 28 11.95 5.67 20.15
C PHE A 28 11.07 4.47 19.79
N LEU A 29 9.95 4.31 20.51
CA LEU A 29 9.03 3.21 20.25
C LEU A 29 8.36 3.31 18.88
N ARG A 30 7.87 4.49 18.56
CA ARG A 30 7.18 4.71 17.30
C ARG A 30 8.08 4.74 16.06
N GLU A 31 9.21 5.43 16.17
CA GLU A 31 10.12 5.62 15.05
C GLU A 31 11.19 4.57 14.85
N GLU A 32 11.80 4.12 15.93
CA GLU A 32 12.85 3.12 15.83
C GLU A 32 12.30 1.69 15.77
N LEU A 33 11.33 1.37 16.62
CA LEU A 33 10.78 0.03 16.66
C LEU A 33 9.49 -0.14 15.87
N ASN A 34 8.93 0.96 15.39
CA ASN A 34 7.68 0.92 14.63
C ASN A 34 6.49 0.37 15.45
N LEU A 35 6.51 0.66 16.75
CA LEU A 35 5.45 0.27 17.65
C LEU A 35 4.57 1.51 17.73
N THR A 36 3.80 1.69 16.67
CA THR A 36 2.93 2.84 16.50
C THR A 36 1.58 2.84 17.22
N GLY A 37 1.39 1.91 18.14
CA GLY A 37 0.15 1.86 18.91
C GLY A 37 0.10 3.08 19.84
N ALA A 38 1.21 3.32 20.54
CA ALA A 38 1.31 4.46 21.43
C ALA A 38 1.20 5.72 20.58
N HIS A 39 0.43 6.70 21.07
CA HIS A 39 0.23 7.95 20.34
C HIS A 39 0.66 9.20 21.09
N ILE A 40 0.61 10.32 20.38
CA ILE A 40 0.96 11.63 20.92
C ILE A 40 -0.27 12.54 20.76
N GLY A 41 -0.69 13.17 21.85
CA GLY A 41 -1.85 14.05 21.79
C GLY A 41 -1.61 15.41 22.41
N CYS A 42 -0.41 15.60 22.97
CA CYS A 42 -0.06 16.86 23.62
C CYS A 42 1.43 16.92 23.85
N GLU A 43 1.92 18.11 24.22
CA GLU A 43 3.35 18.31 24.49
C GLU A 43 3.57 18.74 25.95
N THR A 44 2.48 18.78 26.71
CA THR A 44 2.50 19.20 28.11
C THR A 44 2.38 18.08 29.15
N SER A 45 2.30 16.83 28.68
CA SER A 45 2.20 15.65 29.55
C SER A 45 0.83 15.38 30.17
N HIS A 46 -0.24 15.88 29.57
CA HIS A 46 -1.58 15.70 30.09
C HIS A 46 -2.41 14.53 29.54
N CYS A 47 -2.43 14.37 28.22
CA CYS A 47 -3.28 13.36 27.58
C CYS A 47 -3.12 11.88 27.92
N GLY A 48 -1.89 11.43 28.04
CA GLY A 48 -1.64 10.04 28.38
C GLY A 48 -1.81 9.04 27.25
N ALA A 49 -1.88 9.52 26.01
CA ALA A 49 -2.04 8.62 24.85
C ALA A 49 -0.75 7.87 24.56
N CYS A 50 0.31 8.27 25.26
CA CYS A 50 1.65 7.70 25.11
C CYS A 50 2.00 6.72 26.25
N THR A 51 1.04 6.50 27.15
CA THR A 51 1.25 5.61 28.28
C THR A 51 1.68 4.19 27.91
N VAL A 52 2.76 3.74 28.55
CA VAL A 52 3.29 2.39 28.39
C VAL A 52 3.65 1.92 29.80
N ASP A 53 3.86 0.62 29.98
CA ASP A 53 4.21 0.08 31.30
C ASP A 53 5.73 -0.05 31.33
N ILE A 54 6.36 0.61 32.31
CA ILE A 54 7.80 0.57 32.46
C ILE A 54 8.17 0.13 33.86
N ASP A 55 8.87 -0.99 33.95
CA ASP A 55 9.31 -1.54 35.23
C ASP A 55 8.18 -1.60 36.25
N GLY A 56 7.06 -2.18 35.82
CA GLY A 56 5.91 -2.35 36.68
C GLY A 56 5.00 -1.15 36.91
N ARG A 57 5.24 -0.03 36.23
CA ARG A 57 4.41 1.17 36.40
C ARG A 57 3.98 1.87 35.10
N SER A 58 2.81 2.51 35.13
CA SER A 58 2.29 3.25 33.97
C SER A 58 3.08 4.56 33.91
N VAL A 59 3.60 4.87 32.72
CA VAL A 59 4.40 6.07 32.52
C VAL A 59 4.07 6.70 31.16
N LYS A 60 4.00 8.03 31.12
CA LYS A 60 3.75 8.74 29.87
C LYS A 60 5.09 8.83 29.14
N SER A 61 5.27 7.95 28.15
CA SER A 61 6.52 7.88 27.37
C SER A 61 7.01 9.16 26.71
N CYS A 62 6.17 10.20 26.68
CA CYS A 62 6.57 11.47 26.09
C CYS A 62 7.33 12.33 27.09
N THR A 63 7.38 11.89 28.35
CA THR A 63 8.07 12.62 29.41
C THR A 63 9.10 11.71 30.08
N HIS A 64 9.73 10.86 29.26
CA HIS A 64 10.72 9.90 29.71
C HIS A 64 11.67 9.77 28.52
N LEU A 65 12.96 9.65 28.78
CA LEU A 65 13.93 9.52 27.70
C LEU A 65 14.19 8.05 27.44
N ALA A 66 14.44 7.72 26.18
CA ALA A 66 14.72 6.35 25.79
C ALA A 66 15.97 5.85 26.50
N VAL A 67 16.97 6.73 26.64
CA VAL A 67 18.21 6.39 27.31
C VAL A 67 18.03 5.94 28.76
N GLN A 68 16.99 6.45 29.41
CA GLN A 68 16.73 6.09 30.80
C GLN A 68 16.23 4.66 30.94
N CYS A 69 15.85 4.06 29.81
CA CYS A 69 15.32 2.70 29.79
C CYS A 69 16.34 1.57 29.67
N ASP A 70 17.63 1.91 29.80
CA ASP A 70 18.67 0.90 29.73
C ASP A 70 18.44 -0.09 30.87
N GLY A 71 18.16 -1.34 30.51
CA GLY A 71 17.91 -2.36 31.52
C GLY A 71 16.47 -2.44 31.99
N SER A 72 15.59 -1.65 31.38
CA SER A 72 14.18 -1.64 31.75
C SER A 72 13.33 -2.69 31.03
N GLU A 73 12.14 -2.87 31.57
CA GLU A 73 11.14 -3.80 31.05
C GLU A 73 10.00 -2.89 30.58
N VAL A 74 9.82 -2.77 29.26
CA VAL A 74 8.77 -1.93 28.70
C VAL A 74 7.70 -2.76 27.99
N LEU A 75 6.44 -2.45 28.26
CA LEU A 75 5.33 -3.17 27.64
C LEU A 75 4.44 -2.18 26.89
N THR A 76 4.19 -2.43 25.62
CA THR A 76 3.32 -1.55 24.83
C THR A 76 2.06 -2.32 24.43
N VAL A 77 1.04 -1.64 23.91
CA VAL A 77 -0.21 -2.30 23.53
C VAL A 77 -0.06 -3.49 22.57
N GLU A 78 0.96 -3.47 21.72
CA GLU A 78 1.22 -4.57 20.78
C GLU A 78 1.57 -5.84 21.53
N GLY A 79 2.01 -5.68 22.78
CA GLY A 79 2.38 -6.83 23.58
C GLY A 79 1.32 -7.34 24.54
N LEU A 80 0.14 -6.70 24.56
CA LEU A 80 -0.91 -7.14 25.47
C LEU A 80 -1.49 -8.52 25.13
N ALA A 81 -1.88 -8.72 23.89
CA ALA A 81 -2.43 -10.00 23.46
C ALA A 81 -1.40 -11.11 23.63
N ASN A 82 -1.85 -12.26 24.13
CA ASN A 82 -0.97 -13.39 24.35
C ASN A 82 -1.31 -14.49 23.37
N LYS A 83 -0.40 -14.72 22.41
CA LYS A 83 -0.59 -15.75 21.40
C LYS A 83 -1.86 -15.46 20.58
N GLY A 84 -2.19 -14.18 20.44
CA GLY A 84 -3.38 -13.81 19.69
C GLY A 84 -4.68 -13.73 20.49
N VAL A 85 -4.66 -14.19 21.74
CA VAL A 85 -5.83 -14.13 22.62
C VAL A 85 -5.78 -12.78 23.34
N LEU A 86 -6.82 -11.97 23.14
CA LEU A 86 -6.89 -10.65 23.76
C LEU A 86 -6.77 -10.67 25.27
N HIS A 87 -6.17 -9.61 25.82
CA HIS A 87 -6.04 -9.48 27.26
C HIS A 87 -7.41 -8.99 27.71
N ALA A 88 -7.74 -9.29 28.97
CA ALA A 88 -9.03 -8.89 29.53
C ALA A 88 -9.39 -7.43 29.27
N VAL A 89 -8.41 -6.53 29.33
CA VAL A 89 -8.69 -5.11 29.09
C VAL A 89 -9.04 -4.82 27.64
N GLN A 90 -8.43 -5.57 26.71
CA GLN A 90 -8.72 -5.40 25.30
C GLN A 90 -10.14 -5.91 25.04
N GLU A 91 -10.47 -7.03 25.68
CA GLU A 91 -11.79 -7.62 25.53
C GLU A 91 -12.87 -6.72 26.13
N GLY A 92 -12.59 -6.15 27.31
CA GLY A 92 -13.54 -5.26 27.95
C GLY A 92 -13.86 -4.03 27.13
N PHE A 93 -12.84 -3.40 26.57
CA PHE A 93 -13.03 -2.20 25.75
C PHE A 93 -13.84 -2.52 24.49
N TYR A 94 -13.59 -3.69 23.92
CA TYR A 94 -14.29 -4.12 22.72
C TYR A 94 -15.77 -4.43 23.01
N LYS A 95 -16.00 -5.26 24.02
CA LYS A 95 -17.34 -5.65 24.41
C LYS A 95 -18.21 -4.47 24.87
N GLU A 96 -17.60 -3.54 25.60
CA GLU A 96 -18.35 -2.39 26.13
C GLU A 96 -18.29 -1.11 25.32
N HIS A 97 -17.83 -1.21 24.08
CA HIS A 97 -17.73 -0.05 23.19
C HIS A 97 -17.00 1.09 23.89
N GLY A 98 -15.78 0.79 24.34
CA GLY A 98 -14.96 1.76 25.03
C GLY A 98 -14.04 2.53 24.11
N LEU A 99 -14.29 2.50 22.81
CA LEU A 99 -13.44 3.25 21.88
C LEU A 99 -14.18 3.61 20.61
N GLN A 100 -13.78 4.71 20.00
CA GLN A 100 -14.40 5.17 18.77
C GLN A 100 -13.32 5.43 17.72
N CYS A 101 -12.64 6.56 17.82
CA CYS A 101 -11.58 6.88 16.86
C CYS A 101 -10.33 6.04 17.13
N GLY A 102 -10.27 5.51 18.35
CA GLY A 102 -9.17 4.66 18.76
C GLY A 102 -7.83 5.32 19.06
N PHE A 103 -7.77 6.65 19.06
CA PHE A 103 -6.52 7.34 19.32
C PHE A 103 -6.01 7.27 20.76
N CYS A 104 -6.91 7.29 21.73
CA CYS A 104 -6.53 7.23 23.14
C CYS A 104 -6.54 5.80 23.67
N THR A 105 -7.04 4.87 22.85
CA THR A 105 -7.18 3.48 23.23
C THR A 105 -5.92 2.74 23.69
N PRO A 106 -4.82 2.79 22.92
CA PRO A 106 -3.62 2.09 23.36
C PRO A 106 -3.16 2.55 24.75
N GLY A 107 -3.23 3.86 24.99
CA GLY A 107 -2.82 4.43 26.26
C GLY A 107 -3.77 4.03 27.36
N MET A 108 -5.06 4.00 27.04
CA MET A 108 -6.10 3.62 27.98
C MET A 108 -5.93 2.16 28.39
N LEU A 109 -5.64 1.31 27.40
CA LEU A 109 -5.45 -0.11 27.64
C LEU A 109 -4.21 -0.38 28.49
N MET A 110 -3.11 0.31 28.20
CA MET A 110 -1.88 0.14 28.96
C MET A 110 -2.07 0.59 30.40
N ARG A 111 -2.84 1.65 30.58
CA ARG A 111 -3.12 2.16 31.92
C ARG A 111 -3.99 1.16 32.68
N ALA A 112 -5.12 0.78 32.09
CA ALA A 112 -6.07 -0.17 32.67
C ALA A 112 -5.40 -1.49 33.04
N TYR A 113 -4.43 -1.90 32.21
CA TYR A 113 -3.68 -3.12 32.42
C TYR A 113 -2.95 -3.08 33.78
N ARG A 114 -2.38 -1.92 34.10
CA ARG A 114 -1.67 -1.76 35.36
C ARG A 114 -2.59 -1.41 36.53
N PHE A 115 -3.57 -0.55 36.28
CA PHE A 115 -4.51 -0.15 37.31
C PHE A 115 -5.24 -1.35 37.91
N LEU A 116 -5.61 -2.31 37.07
CA LEU A 116 -6.29 -3.50 37.54
C LEU A 116 -5.40 -4.40 38.39
N GLN A 117 -4.10 -4.18 38.35
CA GLN A 117 -3.18 -4.94 39.18
C GLN A 117 -2.98 -4.16 40.48
N GLU A 118 -3.10 -2.83 40.40
CA GLU A 118 -2.97 -1.95 41.55
C GLU A 118 -4.21 -2.05 42.42
N ASN A 119 -5.35 -2.25 41.77
CA ASN A 119 -6.65 -2.32 42.42
C ASN A 119 -7.53 -3.25 41.57
N PRO A 120 -7.66 -4.53 41.97
CA PRO A 120 -8.45 -5.56 41.29
C PRO A 120 -9.98 -5.46 41.41
N ASN A 121 -10.46 -4.81 42.46
CA ASN A 121 -11.91 -4.67 42.69
C ASN A 121 -12.25 -3.19 42.86
N PRO A 122 -12.01 -2.38 41.83
CA PRO A 122 -12.29 -0.94 41.91
C PRO A 122 -13.74 -0.52 41.79
N THR A 123 -14.08 0.54 42.51
CA THR A 123 -15.42 1.11 42.47
C THR A 123 -15.40 2.07 41.28
N GLU A 124 -16.58 2.53 40.86
CA GLU A 124 -16.63 3.45 39.74
C GLU A 124 -15.76 4.69 39.99
N ALA A 125 -15.86 5.24 41.20
CA ALA A 125 -15.10 6.42 41.59
C ALA A 125 -13.61 6.16 41.48
N GLU A 126 -13.19 4.98 41.97
CA GLU A 126 -11.79 4.62 41.91
C GLU A 126 -11.31 4.44 40.48
N ILE A 127 -12.19 3.97 39.60
CA ILE A 127 -11.83 3.78 38.20
C ILE A 127 -11.64 5.15 37.54
N ARG A 128 -12.61 6.03 37.70
CA ARG A 128 -12.53 7.37 37.12
C ARG A 128 -11.27 8.08 37.59
N MET A 129 -10.98 7.96 38.88
CA MET A 129 -9.78 8.58 39.45
C MET A 129 -8.52 7.82 38.99
N GLY A 130 -8.61 6.49 38.91
CA GLY A 130 -7.48 5.71 38.46
C GLY A 130 -7.11 5.86 36.99
N MET A 131 -8.05 6.38 36.19
CA MET A 131 -7.83 6.58 34.77
C MET A 131 -7.67 8.07 34.44
N THR A 132 -7.51 8.91 35.47
CA THR A 132 -7.40 10.36 35.30
C THR A 132 -6.29 10.90 34.44
N GLY A 133 -5.23 10.12 34.28
CA GLY A 133 -4.12 10.56 33.46
C GLY A 133 -4.35 10.41 31.98
N ASN A 134 -5.48 9.80 31.59
CA ASN A 134 -5.80 9.58 30.19
C ASN A 134 -7.03 10.34 29.72
N LEU A 135 -6.86 11.15 28.67
CA LEU A 135 -7.96 11.91 28.11
C LEU A 135 -8.56 11.18 26.92
N CYS A 136 -9.85 11.40 26.68
CA CYS A 136 -10.54 10.82 25.54
C CYS A 136 -11.49 11.90 25.04
N ARG A 137 -11.54 12.08 23.73
CA ARG A 137 -12.40 13.07 23.11
C ARG A 137 -13.70 12.48 22.54
N CYS A 138 -13.73 11.15 22.39
CA CYS A 138 -14.87 10.48 21.78
C CYS A 138 -15.94 9.84 22.66
N THR A 139 -15.49 9.04 23.62
CA THR A 139 -16.38 8.28 24.48
C THR A 139 -17.17 8.93 25.61
N GLY A 140 -16.65 9.99 26.20
CA GLY A 140 -17.36 10.57 27.32
C GLY A 140 -17.06 9.74 28.56
N TYR A 141 -16.08 8.85 28.45
CA TYR A 141 -15.60 7.99 29.54
C TYR A 141 -16.52 6.92 30.12
N GLN A 142 -17.82 7.12 30.02
CA GLN A 142 -18.81 6.18 30.57
C GLN A 142 -18.61 4.73 30.18
N ASN A 143 -18.42 4.47 28.88
CA ASN A 143 -18.21 3.10 28.42
C ASN A 143 -16.84 2.58 28.78
N ILE A 144 -15.90 3.49 29.03
CA ILE A 144 -14.54 3.10 29.42
C ILE A 144 -14.61 2.55 30.83
N VAL A 145 -15.41 3.19 31.69
CA VAL A 145 -15.59 2.74 33.06
C VAL A 145 -16.17 1.32 33.02
N LYS A 146 -17.13 1.08 32.13
CA LYS A 146 -17.73 -0.23 31.97
C LYS A 146 -16.72 -1.24 31.40
N ALA A 147 -15.87 -0.78 30.49
CA ALA A 147 -14.84 -1.62 29.90
C ALA A 147 -13.89 -2.11 30.98
N VAL A 148 -13.47 -1.20 31.85
CA VAL A 148 -12.57 -1.56 32.94
C VAL A 148 -13.27 -2.49 33.95
N GLN A 149 -14.56 -2.26 34.17
CA GLN A 149 -15.32 -3.10 35.09
C GLN A 149 -15.43 -4.52 34.54
N TYR A 150 -15.61 -4.61 33.22
CA TYR A 150 -15.71 -5.89 32.52
C TYR A 150 -14.38 -6.63 32.63
N ALA A 151 -13.28 -5.91 32.49
CA ALA A 151 -11.96 -6.53 32.58
C ALA A 151 -11.67 -6.99 34.01
N ALA A 152 -12.12 -6.21 34.98
CA ALA A 152 -11.92 -6.55 36.40
C ALA A 152 -12.61 -7.86 36.75
N ARG A 153 -13.83 -8.05 36.25
CA ARG A 153 -14.59 -9.26 36.50
C ARG A 153 -13.94 -10.47 35.83
N LYS A 154 -13.44 -10.27 34.61
CA LYS A 154 -12.81 -11.36 33.88
C LYS A 154 -11.45 -11.76 34.46
N LEU A 155 -10.75 -10.81 35.05
CA LEU A 155 -9.45 -11.08 35.64
C LEU A 155 -9.55 -11.89 36.93
N GLN A 156 -10.69 -11.78 37.62
CA GLN A 156 -10.90 -12.54 38.86
C GLN A 156 -11.83 -13.73 38.62
N GLU A 157 -11.87 -14.17 37.36
CA GLU A 157 -12.70 -15.28 36.91
C GLU A 157 -11.85 -16.55 36.72
N ASP B 7 -37.70 -19.36 13.06
CA ASP B 7 -36.55 -19.50 12.16
C ASP B 7 -36.33 -18.25 11.29
N ALA B 8 -37.41 -17.65 10.83
CA ALA B 8 -37.28 -16.43 10.01
C ALA B 8 -36.70 -15.35 10.91
N GLU B 9 -37.04 -15.40 12.20
CA GLU B 9 -36.54 -14.45 13.17
C GLU B 9 -35.08 -14.77 13.48
N ALA B 10 -34.76 -16.06 13.48
CA ALA B 10 -33.39 -16.51 13.73
C ALA B 10 -32.48 -16.07 12.60
N ARG B 11 -33.01 -16.11 11.37
CA ARG B 11 -32.25 -15.72 10.20
C ARG B 11 -32.00 -14.21 10.20
N GLU B 12 -33.00 -13.45 10.64
CA GLU B 12 -32.88 -11.99 10.69
C GLU B 12 -31.86 -11.61 11.76
N LEU B 13 -31.91 -12.30 12.89
CA LEU B 13 -31.00 -12.04 14.00
C LEU B 13 -29.56 -12.30 13.57
N ALA B 14 -29.37 -13.40 12.82
CA ALA B 14 -28.05 -13.78 12.35
C ALA B 14 -27.41 -12.74 11.43
N LEU B 15 -28.22 -11.91 10.79
CA LEU B 15 -27.72 -10.87 9.89
C LEU B 15 -26.93 -9.76 10.59
N ALA B 16 -27.34 -9.45 11.83
CA ALA B 16 -26.75 -8.40 12.63
C ALA B 16 -26.87 -7.09 11.84
N GLY B 17 -28.09 -6.84 11.38
CA GLY B 17 -28.38 -5.66 10.59
C GLY B 17 -29.04 -4.52 11.33
N MET B 18 -29.93 -3.81 10.64
CA MET B 18 -30.65 -2.67 11.19
C MET B 18 -31.22 -2.93 12.59
N GLY B 19 -30.94 -2.00 13.50
CA GLY B 19 -31.45 -2.08 14.87
C GLY B 19 -30.64 -2.82 15.90
N ALA B 20 -29.73 -3.67 15.46
CA ALA B 20 -28.92 -4.44 16.39
C ALA B 20 -27.78 -3.64 17.00
N SER B 21 -27.48 -3.95 18.26
CA SER B 21 -26.39 -3.29 18.96
C SER B 21 -25.14 -4.17 18.83
N ARG B 22 -24.79 -4.50 17.58
CA ARG B 22 -23.62 -5.35 17.33
C ARG B 22 -22.32 -4.63 17.65
N LEU B 23 -21.33 -5.42 18.03
CA LEU B 23 -20.01 -4.90 18.36
C LEU B 23 -19.33 -4.39 17.09
N ARG B 24 -18.40 -3.46 17.25
CA ARG B 24 -17.71 -2.85 16.12
C ARG B 24 -16.69 -3.70 15.39
N LYS B 25 -16.75 -3.64 14.05
CA LYS B 25 -15.83 -4.37 13.20
C LYS B 25 -14.43 -3.76 13.21
N GLU B 26 -14.35 -2.44 13.44
CA GLU B 26 -13.06 -1.78 13.43
C GLU B 26 -12.24 -1.86 14.71
N ASP B 27 -12.84 -2.33 15.81
CA ASP B 27 -12.13 -2.41 17.09
C ASP B 27 -10.86 -3.24 17.12
N ALA B 28 -10.91 -4.41 16.50
CA ALA B 28 -9.77 -5.32 16.46
C ALA B 28 -8.42 -4.63 16.23
N ARG B 29 -8.29 -3.88 15.13
CA ARG B 29 -7.01 -3.21 14.87
C ARG B 29 -6.63 -2.16 15.91
N PHE B 30 -7.58 -1.33 16.31
CA PHE B 30 -7.28 -0.28 17.29
C PHE B 30 -6.90 -0.78 18.68
N ILE B 31 -7.52 -1.87 19.16
CA ILE B 31 -7.19 -2.37 20.49
C ILE B 31 -5.84 -3.11 20.56
N GLN B 32 -5.22 -3.27 19.40
CA GLN B 32 -3.93 -3.95 19.30
C GLN B 32 -2.84 -3.03 18.72
N GLY B 33 -3.15 -1.74 18.61
CA GLY B 33 -2.21 -0.77 18.09
C GLY B 33 -1.91 -0.91 16.61
N LYS B 34 -2.83 -1.52 15.87
CA LYS B 34 -2.66 -1.72 14.44
C LYS B 34 -3.50 -0.78 13.59
N GLY B 35 -3.90 0.33 14.19
CA GLY B 35 -4.63 1.34 13.45
C GLY B 35 -3.59 2.01 12.56
N ASN B 36 -4.03 2.71 11.53
CA ASN B 36 -3.09 3.37 10.62
C ASN B 36 -3.41 4.86 10.48
N TYR B 37 -2.86 5.64 11.40
CA TYR B 37 -3.06 7.08 11.38
C TYR B 37 -1.89 7.73 10.63
N VAL B 38 -2.07 8.98 10.22
CA VAL B 38 -1.05 9.69 9.46
C VAL B 38 0.37 9.63 10.01
N ASP B 39 0.57 9.84 11.30
CA ASP B 39 1.93 9.81 11.82
C ASP B 39 2.55 8.42 11.94
N ASP B 40 1.77 7.38 11.62
CA ASP B 40 2.30 6.02 11.67
C ASP B 40 2.98 5.68 10.35
N ILE B 41 2.71 6.50 9.34
CA ILE B 41 3.27 6.30 8.01
C ILE B 41 4.73 6.66 7.84
N LYS B 42 5.44 5.76 7.17
CA LYS B 42 6.85 5.91 6.84
C LYS B 42 7.03 5.44 5.41
N MET B 43 7.55 6.31 4.56
CA MET B 43 7.77 5.99 3.15
C MET B 43 9.25 6.09 2.81
N PRO B 44 9.71 5.35 1.79
CA PRO B 44 11.12 5.40 1.39
C PRO B 44 11.52 6.85 1.08
N GLY B 45 12.62 7.30 1.67
CA GLY B 45 13.12 8.66 1.44
C GLY B 45 12.29 9.82 2.01
N MET B 46 11.42 9.51 2.97
CA MET B 46 10.55 10.50 3.60
C MET B 46 11.29 11.46 4.51
N LEU B 47 11.09 12.75 4.27
CA LEU B 47 11.68 13.81 5.06
C LEU B 47 10.58 14.43 5.93
N HIS B 48 10.98 15.27 6.88
CA HIS B 48 10.02 15.89 7.79
C HIS B 48 10.01 17.40 7.65
N MET B 49 8.83 17.98 7.84
CA MET B 49 8.66 19.41 7.71
C MET B 49 8.21 20.02 9.03
N ASP B 50 8.71 21.22 9.31
CA ASP B 50 8.30 21.95 10.48
C ASP B 50 8.05 23.39 10.03
N ILE B 51 7.25 24.14 10.79
CA ILE B 51 6.89 25.50 10.41
C ILE B 51 7.33 26.62 11.34
N VAL B 52 7.92 27.66 10.75
CA VAL B 52 8.35 28.84 11.50
C VAL B 52 7.09 29.70 11.60
N ARG B 53 6.63 29.92 12.82
CA ARG B 53 5.42 30.69 13.08
C ARG B 53 5.63 32.08 13.66
N ALA B 54 4.68 32.97 13.37
CA ALA B 54 4.70 34.36 13.82
C ALA B 54 4.59 34.51 15.33
N PRO B 55 5.49 35.31 15.93
CA PRO B 55 5.51 35.57 17.37
C PRO B 55 4.58 36.72 17.77
N ILE B 56 4.09 37.44 16.77
CA ILE B 56 3.21 38.58 16.99
C ILE B 56 1.91 38.42 16.19
N ALA B 57 0.86 39.08 16.67
CA ALA B 57 -0.45 39.03 16.04
C ALA B 57 -0.63 39.84 14.75
N HIS B 58 0.08 40.96 14.63
CA HIS B 58 -0.06 41.82 13.44
C HIS B 58 1.25 42.58 13.18
N GLY B 59 1.72 42.55 11.93
CA GLY B 59 2.94 43.25 11.59
C GLY B 59 3.52 42.92 10.23
N ARG B 60 4.34 43.81 9.69
CA ARG B 60 4.97 43.59 8.38
C ARG B 60 6.23 42.74 8.53
N ILE B 61 6.54 41.96 7.50
CA ILE B 61 7.72 41.12 7.53
C ILE B 61 8.89 41.85 6.89
N LYS B 62 9.89 42.20 7.70
CA LYS B 62 11.07 42.88 7.19
C LYS B 62 12.05 41.94 6.48
N LYS B 63 12.43 40.86 7.15
CA LYS B 63 13.38 39.92 6.59
C LYS B 63 13.36 38.58 7.31
N ILE B 64 13.58 37.52 6.54
CA ILE B 64 13.64 36.16 7.05
C ILE B 64 15.06 35.64 6.75
N HIS B 65 15.76 35.19 7.79
CA HIS B 65 17.11 34.67 7.67
C HIS B 65 17.10 33.15 7.53
N LYS B 66 17.48 32.68 6.34
CA LYS B 66 17.46 31.26 5.99
C LYS B 66 18.79 30.51 6.06
N ASP B 67 19.89 31.26 6.05
CA ASP B 67 21.24 30.67 6.04
C ASP B 67 21.67 29.75 7.18
N ALA B 68 21.42 30.16 8.43
CA ALA B 68 21.79 29.33 9.57
C ALA B 68 21.07 27.99 9.53
N ALA B 69 19.79 28.01 9.14
CA ALA B 69 19.00 26.78 9.05
C ALA B 69 19.50 25.89 7.93
N LEU B 70 19.75 26.47 6.76
CA LEU B 70 20.20 25.72 5.59
C LEU B 70 21.52 24.98 5.78
N ALA B 71 22.48 25.63 6.44
CA ALA B 71 23.80 25.05 6.68
C ALA B 71 23.76 23.95 7.74
N MET B 72 22.66 23.87 8.48
CA MET B 72 22.49 22.88 9.53
C MET B 72 22.46 21.46 8.95
N PRO B 73 23.37 20.58 9.42
CA PRO B 73 23.35 19.21 8.88
C PRO B 73 21.99 18.52 9.05
N GLY B 74 21.50 17.93 7.96
CA GLY B 74 20.23 17.25 8.00
C GLY B 74 19.08 18.07 7.44
N VAL B 75 19.30 19.36 7.19
CA VAL B 75 18.28 20.24 6.63
C VAL B 75 18.43 20.28 5.11
N HIS B 76 17.34 19.99 4.41
CA HIS B 76 17.32 19.97 2.95
C HIS B 76 16.81 21.24 2.28
N ALA B 77 15.92 21.96 2.97
CA ALA B 77 15.35 23.18 2.40
C ALA B 77 14.61 24.03 3.40
N VAL B 78 14.54 25.33 3.07
CA VAL B 78 13.83 26.32 3.87
C VAL B 78 13.08 27.12 2.82
N LEU B 79 11.75 27.01 2.83
CA LEU B 79 10.94 27.73 1.87
C LEU B 79 10.11 28.82 2.53
N THR B 80 9.94 29.93 1.81
CA THR B 80 9.16 31.06 2.29
C THR B 80 8.10 31.34 1.24
N ALA B 81 7.29 32.39 1.45
CA ALA B 81 6.25 32.75 0.51
C ALA B 81 6.79 33.02 -0.90
N GLU B 82 8.05 33.45 -0.97
CA GLU B 82 8.68 33.74 -2.25
C GLU B 82 8.80 32.52 -3.14
N ASP B 83 8.94 31.35 -2.52
CA ASP B 83 9.07 30.10 -3.27
C ASP B 83 7.71 29.63 -3.75
N LEU B 84 6.66 30.11 -3.08
CA LEU B 84 5.30 29.75 -3.41
C LEU B 84 4.68 30.62 -4.49
N LYS B 85 5.19 31.83 -4.66
CA LYS B 85 4.65 32.78 -5.66
C LYS B 85 4.57 32.32 -7.11
N PRO B 86 5.65 31.71 -7.66
CA PRO B 86 5.67 31.24 -9.06
C PRO B 86 4.56 30.24 -9.35
N LEU B 87 4.16 29.50 -8.32
CA LEU B 87 3.12 28.48 -8.42
C LEU B 87 1.77 29.08 -8.02
N LYS B 88 1.78 30.36 -7.67
CA LYS B 88 0.58 31.09 -7.22
C LYS B 88 -0.02 30.40 -6.01
N LEU B 89 0.84 29.97 -5.09
CA LEU B 89 0.40 29.26 -3.89
C LEU B 89 0.68 29.93 -2.54
N HIS B 90 0.97 31.23 -2.52
CA HIS B 90 1.20 31.90 -1.23
C HIS B 90 -0.14 32.23 -0.55
N TRP B 91 -1.22 32.03 -1.28
CA TRP B 91 -2.59 32.23 -0.82
C TRP B 91 -3.40 31.08 -1.40
N MET B 92 -4.50 30.73 -0.76
CA MET B 92 -5.36 29.65 -1.22
C MET B 92 -6.83 29.98 -0.98
N PRO B 93 -7.72 29.51 -1.86
CA PRO B 93 -9.15 29.78 -1.69
C PRO B 93 -9.69 29.03 -0.49
N THR B 94 -10.73 29.58 0.13
CA THR B 94 -11.35 28.95 1.30
C THR B 94 -12.78 28.55 0.95
N LEU B 95 -13.37 27.69 1.78
CA LEU B 95 -14.75 27.25 1.57
C LEU B 95 -15.72 28.42 1.64
N ALA B 96 -15.32 29.48 2.35
CA ALA B 96 -16.15 30.67 2.50
C ALA B 96 -15.99 31.70 1.37
N GLY B 97 -15.25 31.35 0.32
CA GLY B 97 -15.09 32.27 -0.80
C GLY B 97 -14.04 33.36 -0.65
N ASP B 98 -13.29 33.31 0.44
CA ASP B 98 -12.23 34.28 0.69
C ASP B 98 -10.91 33.59 0.32
N VAL B 99 -9.79 34.25 0.62
CA VAL B 99 -8.49 33.65 0.35
C VAL B 99 -7.71 33.66 1.66
N ALA B 100 -6.85 32.67 1.85
CA ALA B 100 -6.04 32.57 3.06
C ALA B 100 -4.56 32.45 2.70
N ALA B 101 -3.70 33.07 3.51
CA ALA B 101 -2.26 33.02 3.29
C ALA B 101 -1.73 31.63 3.64
N VAL B 102 -0.92 31.05 2.75
CA VAL B 102 -0.32 29.75 3.00
C VAL B 102 0.92 30.00 3.83
N LEU B 103 1.74 30.94 3.38
CA LEU B 103 2.94 31.36 4.10
C LEU B 103 2.87 32.89 4.03
N ALA B 104 2.88 33.54 5.20
CA ALA B 104 2.82 35.00 5.30
C ALA B 104 3.81 35.66 4.34
N ASP B 105 3.31 36.58 3.53
CA ASP B 105 4.13 37.26 2.54
C ASP B 105 4.64 38.62 2.97
N GLU B 106 3.80 39.65 2.84
CA GLU B 106 4.19 41.00 3.23
C GLU B 106 3.98 41.27 4.71
N LYS B 107 3.07 40.53 5.34
CA LYS B 107 2.81 40.70 6.76
C LYS B 107 2.13 39.50 7.41
N VAL B 108 2.03 39.51 8.74
CA VAL B 108 1.38 38.44 9.48
C VAL B 108 0.07 38.97 10.03
N HIS B 109 -1.00 38.18 9.90
CA HIS B 109 -2.34 38.59 10.35
C HIS B 109 -2.80 38.03 11.71
N PHE B 110 -2.11 37.01 12.21
CA PHE B 110 -2.45 36.44 13.50
C PHE B 110 -1.24 35.76 14.09
N GLN B 111 -1.16 35.75 15.41
CA GLN B 111 -0.03 35.12 16.08
C GLN B 111 -0.08 33.61 15.82
N MET B 112 1.09 33.02 15.63
CA MET B 112 1.26 31.59 15.35
C MET B 112 1.03 31.25 13.89
N GLN B 113 0.87 32.28 13.05
CA GLN B 113 0.65 32.09 11.62
C GLN B 113 1.91 31.53 10.97
N GLU B 114 1.72 30.75 9.91
CA GLU B 114 2.81 30.11 9.18
C GLU B 114 3.61 31.15 8.35
N VAL B 115 4.90 31.27 8.66
CA VAL B 115 5.78 32.22 7.98
C VAL B 115 6.79 31.55 7.06
N ALA B 116 7.30 30.39 7.48
CA ALA B 116 8.26 29.66 6.66
C ALA B 116 8.27 28.20 7.06
N ILE B 117 8.89 27.38 6.24
CA ILE B 117 8.98 25.96 6.54
C ILE B 117 10.38 25.45 6.35
N VAL B 118 10.68 24.35 7.03
CA VAL B 118 11.99 23.74 6.91
C VAL B 118 11.77 22.25 6.67
N ILE B 119 12.60 21.67 5.81
CA ILE B 119 12.54 20.25 5.50
C ILE B 119 13.83 19.64 6.03
N ALA B 120 13.71 18.65 6.92
CA ALA B 120 14.88 18.00 7.50
C ALA B 120 14.76 16.47 7.46
N ASP B 121 15.78 15.78 7.95
CA ASP B 121 15.80 14.31 7.97
C ASP B 121 14.77 13.72 8.93
N ASP B 122 14.48 14.43 10.02
CA ASP B 122 13.50 13.97 10.99
C ASP B 122 12.90 15.14 11.75
N ARG B 123 11.95 14.86 12.64
CA ARG B 123 11.28 15.91 13.41
C ARG B 123 12.16 16.60 14.44
N TYR B 124 13.22 15.92 14.89
CA TYR B 124 14.12 16.52 15.86
C TYR B 124 14.97 17.61 15.20
N ILE B 125 15.65 17.25 14.12
CA ILE B 125 16.46 18.21 13.39
C ILE B 125 15.56 19.33 12.84
N ALA B 126 14.34 18.97 12.45
CA ALA B 126 13.38 19.94 11.92
C ALA B 126 13.05 21.00 12.94
N ALA B 127 12.82 20.58 14.18
CA ALA B 127 12.49 21.51 15.27
C ALA B 127 13.65 22.47 15.48
N ASP B 128 14.88 21.95 15.45
CA ASP B 128 16.09 22.76 15.61
C ASP B 128 16.22 23.79 14.49
N ALA B 129 15.88 23.38 13.27
CA ALA B 129 15.94 24.26 12.10
C ALA B 129 15.00 25.47 12.24
N VAL B 130 13.81 25.23 12.80
CA VAL B 130 12.84 26.30 12.99
C VAL B 130 13.41 27.36 13.95
N GLU B 131 14.06 26.90 15.01
CA GLU B 131 14.65 27.83 15.98
C GLU B 131 15.79 28.65 15.38
N ALA B 132 16.48 28.09 14.38
CA ALA B 132 17.59 28.77 13.72
C ALA B 132 17.15 29.83 12.70
N VAL B 133 15.90 29.76 12.26
CA VAL B 133 15.37 30.73 11.30
C VAL B 133 14.93 31.99 12.04
N LYS B 134 15.64 33.09 11.79
CA LYS B 134 15.32 34.36 12.45
C LYS B 134 14.46 35.23 11.53
N VAL B 135 13.47 35.90 12.11
CA VAL B 135 12.59 36.78 11.33
C VAL B 135 12.43 38.13 12.03
N GLU B 136 12.52 39.20 11.24
CA GLU B 136 12.38 40.56 11.77
C GLU B 136 11.05 41.14 11.33
N TYR B 137 10.33 41.74 12.27
CA TYR B 137 9.02 42.32 12.00
C TYR B 137 8.92 43.77 12.47
N ASP B 138 7.91 44.44 11.96
CA ASP B 138 7.56 45.81 12.32
C ASP B 138 6.10 45.66 12.79
N GLU B 139 5.90 45.65 14.10
CA GLU B 139 4.57 45.49 14.67
C GLU B 139 3.57 46.55 14.24
N LEU B 140 2.32 46.13 14.07
CA LEU B 140 1.23 47.01 13.69
C LEU B 140 0.17 46.89 14.78
N PRO B 141 -0.68 47.90 14.94
CA PRO B 141 -1.72 47.81 15.98
C PRO B 141 -2.66 46.62 15.77
N VAL B 142 -2.91 45.89 16.85
CA VAL B 142 -3.74 44.69 16.82
C VAL B 142 -5.23 44.90 17.01
N VAL B 143 -6.04 44.18 16.23
CA VAL B 143 -7.49 44.25 16.34
C VAL B 143 -7.97 42.95 16.98
N ILE B 144 -8.55 43.07 18.17
CA ILE B 144 -9.03 41.90 18.91
C ILE B 144 -10.55 41.89 19.09
N ASP B 145 -11.14 43.06 19.28
CA ASP B 145 -12.58 43.16 19.46
C ASP B 145 -13.25 43.47 18.12
N PRO B 146 -14.26 42.68 17.74
CA PRO B 146 -14.98 42.87 16.47
C PRO B 146 -15.58 44.27 16.33
N ILE B 147 -16.11 44.82 17.43
CA ILE B 147 -16.71 46.15 17.43
C ILE B 147 -15.65 47.23 17.14
N ASP B 148 -14.49 47.12 17.79
CA ASP B 148 -13.40 48.06 17.56
C ASP B 148 -12.88 47.96 16.12
N ALA B 149 -13.11 46.80 15.50
CA ALA B 149 -12.67 46.55 14.13
C ALA B 149 -13.45 47.35 13.09
N LEU B 150 -14.71 47.64 13.38
CA LEU B 150 -15.55 48.40 12.46
C LEU B 150 -15.43 49.92 12.60
N LYS B 151 -14.69 50.37 13.62
CA LYS B 151 -14.49 51.79 13.86
C LYS B 151 -13.79 52.44 12.67
N PRO B 152 -14.15 53.71 12.34
CA PRO B 152 -13.58 54.47 11.23
C PRO B 152 -12.06 54.45 11.16
N ASP B 153 -11.42 54.63 12.32
CA ASP B 153 -9.97 54.66 12.43
C ASP B 153 -9.30 53.29 12.61
N ALA B 154 -10.08 52.21 12.59
CA ALA B 154 -9.56 50.86 12.77
C ALA B 154 -8.49 50.49 11.72
N PRO B 155 -7.42 49.82 12.16
CA PRO B 155 -6.36 49.43 11.24
C PRO B 155 -6.80 48.49 10.12
N VAL B 156 -6.13 48.60 8.98
CA VAL B 156 -6.42 47.77 7.83
C VAL B 156 -5.75 46.41 8.00
N LEU B 157 -6.55 45.37 8.19
CA LEU B 157 -6.01 44.03 8.36
C LEU B 157 -5.73 43.40 7.01
N ARG B 158 -6.72 43.49 6.13
CA ARG B 158 -6.61 42.91 4.80
C ARG B 158 -6.24 43.94 3.72
N GLU B 159 -4.96 44.29 3.69
CA GLU B 159 -4.44 45.24 2.71
C GLU B 159 -4.59 44.67 1.29
N ASP B 160 -4.73 43.35 1.20
CA ASP B 160 -4.89 42.66 -0.07
C ASP B 160 -6.29 42.86 -0.66
N LEU B 161 -7.24 43.30 0.17
CA LEU B 161 -8.60 43.56 -0.27
C LEU B 161 -8.89 45.05 -0.45
N ALA B 162 -7.83 45.87 -0.37
CA ALA B 162 -7.95 47.32 -0.51
C ALA B 162 -8.59 47.75 -1.82
N GLY B 163 -9.55 48.68 -1.72
CA GLY B 163 -10.23 49.18 -2.90
C GLY B 163 -11.47 48.37 -3.30
N LYS B 164 -11.65 47.19 -2.70
CA LYS B 164 -12.81 46.35 -3.00
C LYS B 164 -14.03 46.85 -2.23
N THR B 165 -15.21 46.71 -2.85
CA THR B 165 -16.46 47.15 -2.24
C THR B 165 -17.44 46.00 -2.07
N SER B 166 -17.04 44.82 -2.54
CA SER B 166 -17.86 43.61 -2.44
C SER B 166 -17.00 42.37 -2.20
N GLY B 167 -17.63 41.32 -1.70
CA GLY B 167 -16.94 40.08 -1.44
C GLY B 167 -17.68 38.93 -2.08
N ALA B 168 -17.49 37.73 -1.56
CA ALA B 168 -18.16 36.54 -2.08
C ALA B 168 -19.58 36.44 -1.55
N HIS B 169 -19.90 37.23 -0.52
CA HIS B 169 -21.24 37.18 0.07
C HIS B 169 -21.97 38.52 0.12
N GLY B 170 -21.73 39.34 -0.91
CA GLY B 170 -22.39 40.64 -0.97
C GLY B 170 -21.48 41.83 -0.76
N PRO B 171 -22.04 43.05 -0.69
CA PRO B 171 -21.24 44.26 -0.49
C PRO B 171 -20.57 44.35 0.89
N ARG B 172 -19.47 45.09 0.95
CA ARG B 172 -18.71 45.29 2.18
C ARG B 172 -18.68 46.80 2.50
N GLU B 173 -19.15 47.15 3.69
CA GLU B 173 -19.25 48.53 4.16
C GLU B 173 -18.01 49.12 4.85
N HIS B 174 -17.00 48.29 5.07
CA HIS B 174 -15.80 48.71 5.79
C HIS B 174 -14.69 47.75 5.39
N HIS B 175 -13.44 48.10 5.67
CA HIS B 175 -12.32 47.23 5.30
C HIS B 175 -12.20 45.96 6.16
N ASN B 176 -12.76 45.99 7.37
CA ASN B 176 -12.73 44.84 8.27
C ASN B 176 -14.07 44.10 8.29
N HIS B 177 -15.01 44.58 7.48
CA HIS B 177 -16.34 43.98 7.34
C HIS B 177 -16.26 42.89 6.26
N ILE B 178 -16.68 41.66 6.58
CA ILE B 178 -16.63 40.59 5.60
C ILE B 178 -17.92 40.46 4.79
N PHE B 179 -19.05 40.48 5.50
CA PHE B 179 -20.37 40.34 4.89
C PHE B 179 -21.48 40.60 5.90
N THR B 180 -22.70 40.71 5.39
CA THR B 180 -23.89 40.85 6.22
C THR B 180 -24.91 39.95 5.54
N TRP B 181 -25.51 39.06 6.33
CA TRP B 181 -26.48 38.10 5.81
C TRP B 181 -27.73 38.08 6.67
N GLY B 182 -28.88 37.96 6.01
CA GLY B 182 -30.14 37.91 6.74
C GLY B 182 -31.10 36.89 6.17
N ALA B 183 -32.12 36.58 6.96
CA ALA B 183 -33.14 35.63 6.56
C ALA B 183 -34.42 35.95 7.32
N GLY B 184 -35.56 35.62 6.74
CA GLY B 184 -36.83 35.90 7.36
C GLY B 184 -37.46 37.16 6.79
N ASP B 185 -38.58 37.55 7.37
CA ASP B 185 -39.32 38.73 6.94
C ASP B 185 -39.05 39.87 7.94
N LYS B 186 -38.19 40.81 7.55
CA LYS B 186 -37.86 41.92 8.44
C LYS B 186 -39.02 42.87 8.69
N ALA B 187 -39.78 43.16 7.65
CA ALA B 187 -40.93 44.06 7.74
C ALA B 187 -41.98 43.48 8.68
N ALA B 188 -42.32 42.22 8.47
CA ALA B 188 -43.33 41.57 9.30
C ALA B 188 -42.90 41.50 10.75
N THR B 189 -41.67 41.08 10.98
CA THR B 189 -41.12 40.95 12.33
C THR B 189 -41.07 42.30 13.06
N ASP B 190 -40.61 43.34 12.38
CA ASP B 190 -40.54 44.66 12.99
C ASP B 190 -41.94 45.10 13.42
N ALA B 191 -42.94 44.80 12.59
CA ALA B 191 -44.31 45.16 12.89
C ALA B 191 -44.86 44.43 14.12
N VAL B 192 -44.50 43.16 14.26
CA VAL B 192 -44.95 42.37 15.41
C VAL B 192 -44.38 42.93 16.71
N PHE B 193 -43.07 43.23 16.70
CA PHE B 193 -42.42 43.78 17.88
C PHE B 193 -42.96 45.15 18.27
N ALA B 194 -43.38 45.93 17.27
CA ALA B 194 -43.93 47.25 17.52
C ALA B 194 -45.27 47.19 18.25
N ASN B 195 -46.04 46.14 17.99
CA ASN B 195 -47.36 45.97 18.61
C ASN B 195 -47.48 44.88 19.68
N ALA B 196 -46.42 44.11 19.87
CA ALA B 196 -46.45 43.03 20.86
C ALA B 196 -46.66 43.53 22.30
N PRO B 197 -47.55 42.86 23.05
CA PRO B 197 -47.82 43.25 24.44
C PRO B 197 -46.69 42.94 25.40
N VAL B 198 -46.01 41.81 25.19
CA VAL B 198 -44.88 41.40 26.03
C VAL B 198 -43.65 41.28 25.14
N THR B 199 -42.51 41.73 25.65
CA THR B 199 -41.26 41.70 24.89
C THR B 199 -40.04 41.48 25.79
N VAL B 200 -39.01 40.83 25.24
CA VAL B 200 -37.76 40.59 25.97
C VAL B 200 -36.60 40.69 24.98
N SER B 201 -35.42 41.00 25.50
CA SER B 201 -34.23 41.10 24.66
C SER B 201 -33.00 40.87 25.53
N GLN B 202 -32.08 40.06 25.04
CA GLN B 202 -30.88 39.72 25.78
C GLN B 202 -29.65 39.64 24.90
N HIS B 203 -28.53 40.15 25.41
CA HIS B 203 -27.28 40.07 24.69
C HIS B 203 -26.53 38.90 25.32
N MET B 204 -25.89 38.08 24.49
CA MET B 204 -25.15 36.93 24.97
C MET B 204 -23.97 36.61 24.06
N TYR B 205 -22.87 36.18 24.65
CA TYR B 205 -21.68 35.83 23.90
C TYR B 205 -21.49 34.31 23.88
N TYR B 206 -21.28 33.76 22.69
CA TYR B 206 -21.02 32.34 22.54
C TYR B 206 -19.52 32.34 22.28
N PRO B 207 -18.72 32.23 23.35
CA PRO B 207 -17.25 32.25 23.20
C PRO B 207 -16.56 31.27 22.27
N ARG B 208 -15.47 31.78 21.71
CA ARG B 208 -14.61 31.04 20.79
C ARG B 208 -14.00 29.87 21.52
N VAL B 209 -14.20 28.67 21.00
CA VAL B 209 -13.63 27.46 21.59
C VAL B 209 -12.99 26.63 20.48
N HIS B 210 -12.32 25.54 20.84
CA HIS B 210 -11.64 24.72 19.83
C HIS B 210 -11.99 23.23 19.92
N PRO B 211 -12.23 22.58 18.76
CA PRO B 211 -12.57 21.15 18.70
C PRO B 211 -11.49 20.26 19.34
N CYS B 212 -10.23 20.68 19.24
CA CYS B 212 -9.09 19.98 19.83
C CYS B 212 -9.14 18.45 19.76
N PRO B 213 -9.15 17.89 18.53
CA PRO B 213 -9.19 16.43 18.42
C PRO B 213 -7.91 15.87 19.01
N LEU B 214 -7.96 14.72 19.68
CA LEU B 214 -6.75 14.17 20.29
C LEU B 214 -5.64 14.03 19.26
N GLU B 215 -5.96 13.55 18.06
CA GLU B 215 -4.96 13.49 17.01
C GLU B 215 -5.02 14.84 16.30
N THR B 216 -3.87 15.51 16.20
CA THR B 216 -3.80 16.79 15.52
C THR B 216 -3.83 16.61 13.99
N CYS B 217 -3.72 17.71 13.25
CA CYS B 217 -3.70 17.64 11.79
C CYS B 217 -2.32 17.24 11.27
N GLY B 218 -2.31 16.55 10.14
CA GLY B 218 -1.07 16.13 9.54
C GLY B 218 -1.25 15.48 8.19
N CYS B 219 -0.13 15.24 7.51
CA CYS B 219 -0.15 14.60 6.20
C CYS B 219 1.22 14.11 5.79
N VAL B 220 1.22 13.13 4.89
CA VAL B 220 2.46 12.64 4.31
C VAL B 220 2.20 12.86 2.82
N ALA B 221 2.83 13.88 2.26
CA ALA B 221 2.67 14.21 0.85
C ALA B 221 3.77 13.57 0.01
N SER B 222 3.38 12.85 -1.04
CA SER B 222 4.36 12.20 -1.90
C SER B 222 4.09 12.34 -3.39
N PHE B 223 4.86 13.23 -4.01
CA PHE B 223 4.78 13.43 -5.45
C PHE B 223 5.91 12.58 -6.04
N ASP B 224 5.55 11.68 -6.95
CA ASP B 224 6.52 10.81 -7.61
C ASP B 224 6.83 11.36 -8.99
N PRO B 225 8.02 11.98 -9.17
CA PRO B 225 8.42 12.55 -10.47
C PRO B 225 8.53 11.52 -11.59
N ILE B 226 8.74 10.26 -11.22
CA ILE B 226 8.87 9.20 -12.21
C ILE B 226 7.52 8.92 -12.85
N LYS B 227 6.50 8.73 -12.03
CA LYS B 227 5.16 8.45 -12.53
C LYS B 227 4.38 9.72 -12.82
N GLY B 228 4.85 10.85 -12.27
CA GLY B 228 4.19 12.12 -12.49
C GLY B 228 2.92 12.31 -11.67
N ASP B 229 2.78 11.55 -10.59
CA ASP B 229 1.58 11.70 -9.76
C ASP B 229 1.77 11.99 -8.27
N LEU B 230 0.70 12.46 -7.64
CA LEU B 230 0.73 12.82 -6.23
C LEU B 230 -0.19 11.97 -5.37
N THR B 231 0.37 11.45 -4.27
CA THR B 231 -0.40 10.66 -3.32
C THR B 231 -0.20 11.37 -1.99
N THR B 232 -1.30 11.76 -1.34
CA THR B 232 -1.21 12.45 -0.04
C THR B 232 -2.11 11.79 1.00
N TYR B 233 -1.49 11.29 2.06
CA TYR B 233 -2.21 10.66 3.16
C TYR B 233 -2.48 11.85 4.05
N ILE B 234 -3.74 12.07 4.40
CA ILE B 234 -4.07 13.28 5.15
C ILE B 234 -5.22 13.14 6.14
N THR B 235 -5.19 13.96 7.19
CA THR B 235 -6.27 13.96 8.18
C THR B 235 -7.35 14.87 7.59
N SER B 236 -8.11 14.34 6.63
CA SER B 236 -9.16 15.10 5.96
C SER B 236 -10.56 14.51 6.11
N GLN B 237 -11.53 15.38 6.38
CA GLN B 237 -12.92 14.95 6.53
C GLN B 237 -13.65 15.02 5.18
N ALA B 238 -12.91 15.38 4.13
CA ALA B 238 -13.46 15.51 2.79
C ALA B 238 -12.35 15.32 1.75
N PRO B 239 -11.79 14.10 1.67
CA PRO B 239 -10.71 13.78 0.74
C PRO B 239 -11.01 13.99 -0.74
N HIS B 240 -12.25 13.73 -1.16
CA HIS B 240 -12.59 13.91 -2.56
C HIS B 240 -12.55 15.37 -2.99
N VAL B 241 -13.12 16.30 -2.21
CA VAL B 241 -13.04 17.68 -2.62
C VAL B 241 -11.60 18.17 -2.51
N VAL B 242 -10.87 17.64 -1.52
CA VAL B 242 -9.47 18.01 -1.35
C VAL B 242 -8.73 17.64 -2.64
N ARG B 243 -9.00 16.44 -3.16
CA ARG B 243 -8.38 16.02 -4.40
C ARG B 243 -8.69 16.99 -5.53
N THR B 244 -9.96 17.37 -5.66
CA THR B 244 -10.38 18.29 -6.72
C THR B 244 -9.68 19.64 -6.57
N VAL B 245 -9.61 20.14 -5.35
CA VAL B 245 -8.95 21.42 -5.08
C VAL B 245 -7.44 21.36 -5.33
N VAL B 246 -6.80 20.32 -4.81
CA VAL B 246 -5.37 20.14 -5.00
C VAL B 246 -5.00 20.01 -6.48
N SER B 247 -5.87 19.38 -7.26
CA SER B 247 -5.64 19.22 -8.71
C SER B 247 -5.66 20.58 -9.38
N MET B 248 -6.67 21.37 -9.04
CA MET B 248 -6.85 22.72 -9.58
C MET B 248 -5.67 23.64 -9.27
N LEU B 249 -5.27 23.67 -8.00
CA LEU B 249 -4.18 24.53 -7.54
C LEU B 249 -2.79 24.11 -8.02
N SER B 250 -2.61 22.82 -8.28
CA SER B 250 -1.30 22.30 -8.71
C SER B 250 -1.12 22.10 -10.21
N GLY B 251 -2.21 21.98 -10.95
CA GLY B 251 -2.10 21.78 -12.38
C GLY B 251 -1.96 20.30 -12.73
N ILE B 252 -1.80 19.46 -11.72
CA ILE B 252 -1.67 18.03 -11.93
C ILE B 252 -3.08 17.50 -12.26
N PRO B 253 -3.23 16.79 -13.39
CA PRO B 253 -4.58 16.28 -13.71
C PRO B 253 -5.13 15.44 -12.56
N GLU B 254 -6.41 15.66 -12.23
CA GLU B 254 -7.09 15.00 -11.12
C GLU B 254 -6.93 13.47 -11.02
N SER B 255 -6.92 12.78 -12.16
CA SER B 255 -6.79 11.33 -12.17
C SER B 255 -5.42 10.89 -11.67
N LYS B 256 -4.49 11.82 -11.67
CA LYS B 256 -3.12 11.57 -11.24
C LYS B 256 -2.88 12.04 -9.81
N VAL B 257 -3.94 12.47 -9.15
CA VAL B 257 -3.86 12.94 -7.77
C VAL B 257 -4.67 11.96 -6.95
N ARG B 258 -4.05 11.42 -5.90
CA ARG B 258 -4.72 10.48 -5.04
C ARG B 258 -4.61 10.96 -3.59
N ILE B 259 -5.76 11.25 -2.98
CA ILE B 259 -5.79 11.71 -1.60
C ILE B 259 -6.39 10.59 -0.75
N VAL B 260 -5.72 10.21 0.33
CA VAL B 260 -6.26 9.17 1.18
C VAL B 260 -6.32 9.49 2.66
N SER B 261 -7.54 9.44 3.20
CA SER B 261 -7.79 9.67 4.61
C SER B 261 -7.73 8.26 5.21
N PRO B 262 -6.69 7.97 6.01
CA PRO B 262 -6.55 6.64 6.63
C PRO B 262 -7.38 6.70 7.91
N ASP B 263 -6.93 6.02 8.98
CA ASP B 263 -7.66 6.10 10.25
C ASP B 263 -7.36 7.49 10.79
N ILE B 264 -8.38 8.18 11.26
CA ILE B 264 -8.24 9.55 11.79
C ILE B 264 -8.66 9.57 13.26
N GLY B 265 -7.76 10.02 14.13
CA GLY B 265 -8.06 10.07 15.55
C GLY B 265 -8.99 11.19 15.96
N GLY B 266 -10.19 11.20 15.37
CA GLY B 266 -11.15 12.24 15.69
C GLY B 266 -11.00 13.45 14.78
N GLY B 267 -12.12 14.00 14.36
CA GLY B 267 -12.10 15.16 13.49
C GLY B 267 -12.83 16.30 14.18
N PHE B 268 -14.10 16.05 14.52
CA PHE B 268 -14.95 17.02 15.20
C PHE B 268 -15.05 18.36 14.50
N GLY B 269 -14.99 18.34 13.16
CA GLY B 269 -15.08 19.56 12.39
C GLY B 269 -13.77 20.28 12.20
N ASN B 270 -12.76 19.87 12.96
CA ASN B 270 -11.44 20.50 12.89
C ASN B 270 -10.68 20.12 11.62
N LYS B 271 -11.03 18.98 11.02
CA LYS B 271 -10.32 18.53 9.84
C LYS B 271 -11.06 18.58 8.52
N VAL B 272 -11.99 19.51 8.40
CA VAL B 272 -12.73 19.64 7.14
C VAL B 272 -11.92 20.41 6.09
N GLY B 273 -11.36 21.55 6.48
CA GLY B 273 -10.61 22.37 5.56
C GLY B 273 -9.17 21.99 5.30
N ILE B 274 -8.57 22.74 4.38
CA ILE B 274 -7.19 22.56 3.98
C ILE B 274 -6.35 23.59 4.72
N TYR B 275 -5.32 23.15 5.44
CA TYR B 275 -4.46 24.06 6.20
C TYR B 275 -3.18 24.31 5.45
N PRO B 276 -2.53 25.47 5.71
CA PRO B 276 -1.26 25.82 5.06
C PRO B 276 -0.20 24.71 5.16
N GLY B 277 -0.21 23.99 6.28
CA GLY B 277 0.73 22.91 6.45
C GLY B 277 0.64 21.87 5.34
N TYR B 278 -0.57 21.53 4.92
CA TYR B 278 -0.77 20.55 3.85
C TYR B 278 -0.20 21.06 2.52
N VAL B 279 -0.54 22.29 2.16
CA VAL B 279 -0.06 22.87 0.90
C VAL B 279 1.45 22.92 0.84
N CYS B 280 2.08 23.35 1.94
CA CYS B 280 3.53 23.45 2.00
C CYS B 280 4.19 22.10 1.85
N ALA B 281 3.62 21.08 2.49
CA ALA B 281 4.16 19.73 2.41
C ALA B 281 4.06 19.21 0.98
N ILE B 282 2.94 19.51 0.33
CA ILE B 282 2.72 19.11 -1.04
C ILE B 282 3.76 19.80 -1.93
N VAL B 283 3.91 21.11 -1.78
CA VAL B 283 4.88 21.87 -2.56
C VAL B 283 6.31 21.35 -2.33
N ALA B 284 6.68 21.17 -1.06
CA ALA B 284 7.99 20.68 -0.70
C ALA B 284 8.26 19.32 -1.35
N SER B 285 7.24 18.46 -1.38
CA SER B 285 7.39 17.14 -1.99
C SER B 285 7.59 17.24 -3.50
N ILE B 286 6.85 18.13 -4.15
CA ILE B 286 6.99 18.34 -5.59
C ILE B 286 8.40 18.83 -5.92
N VAL B 287 8.92 19.74 -5.10
CA VAL B 287 10.26 20.30 -5.28
C VAL B 287 11.38 19.31 -5.04
N LEU B 288 11.30 18.55 -3.94
CA LEU B 288 12.33 17.59 -3.57
C LEU B 288 12.20 16.22 -4.21
N GLY B 289 11.06 15.96 -4.84
CA GLY B 289 10.85 14.67 -5.47
C GLY B 289 10.82 13.50 -4.51
N ARG B 290 10.36 13.75 -3.28
CA ARG B 290 10.26 12.70 -2.28
C ARG B 290 9.24 12.97 -1.18
N PRO B 291 8.83 11.93 -0.44
CA PRO B 291 7.85 12.11 0.63
C PRO B 291 8.21 13.12 1.72
N VAL B 292 7.22 13.93 2.05
CA VAL B 292 7.37 14.93 3.10
C VAL B 292 6.25 14.79 4.13
N LYS B 293 6.63 14.56 5.38
CA LYS B 293 5.67 14.40 6.46
C LYS B 293 5.53 15.67 7.31
N TRP B 294 4.29 16.07 7.56
CA TRP B 294 4.02 17.21 8.42
C TRP B 294 2.97 16.79 9.46
N VAL B 295 3.30 16.93 10.74
CA VAL B 295 2.39 16.58 11.84
C VAL B 295 2.53 17.65 12.91
N GLU B 296 1.48 18.46 13.08
CA GLU B 296 1.50 19.55 14.05
C GLU B 296 1.40 19.09 15.52
N ASP B 297 1.86 19.95 16.42
CA ASP B 297 1.80 19.70 17.87
C ASP B 297 0.49 20.28 18.39
N ARG B 298 0.10 19.90 19.61
CA ARG B 298 -1.12 20.38 20.24
C ARG B 298 -1.25 21.91 20.25
N VAL B 299 -0.16 22.61 20.59
CA VAL B 299 -0.20 24.07 20.62
C VAL B 299 -0.50 24.69 19.25
N GLU B 300 -0.01 24.07 18.18
CA GLU B 300 -0.27 24.59 16.83
C GLU B 300 -1.71 24.32 16.44
N ASN B 301 -2.22 23.14 16.84
CA ASN B 301 -3.59 22.75 16.54
C ASN B 301 -4.58 23.75 17.11
N ILE B 302 -4.49 24.00 18.42
CA ILE B 302 -5.39 24.95 19.09
C ILE B 302 -5.21 26.38 18.59
N SER B 303 -3.97 26.77 18.33
CA SER B 303 -3.68 28.14 17.91
C SER B 303 -4.02 28.52 16.48
N THR B 304 -3.92 27.57 15.55
CA THR B 304 -4.14 27.91 14.15
C THR B 304 -5.15 27.14 13.34
N THR B 305 -5.68 26.03 13.87
CA THR B 305 -6.69 25.30 13.10
C THR B 305 -8.06 25.84 13.43
N ALA B 306 -9.08 25.38 12.70
CA ALA B 306 -10.44 25.86 12.88
C ALA B 306 -11.04 25.85 14.26
N PHE B 307 -11.44 27.04 14.71
CA PHE B 307 -12.08 27.22 16.01
C PHE B 307 -13.59 27.19 15.80
N ALA B 308 -14.35 27.19 16.89
CA ALA B 308 -15.82 27.19 16.80
C ALA B 308 -16.40 28.35 17.59
N ARG B 309 -17.63 28.71 17.24
CA ARG B 309 -18.39 29.79 17.88
C ARG B 309 -17.90 31.23 17.60
N ASP B 310 -17.75 32.01 18.68
CA ASP B 310 -17.33 33.41 18.61
C ASP B 310 -18.43 34.28 17.99
N TYR B 311 -19.63 34.12 18.55
CA TYR B 311 -20.83 34.85 18.12
C TYR B 311 -21.31 35.79 19.23
N HIS B 312 -21.49 37.06 18.88
CA HIS B 312 -21.99 38.07 19.81
C HIS B 312 -23.45 38.25 19.37
N MET B 313 -24.37 37.74 20.18
CA MET B 313 -25.78 37.76 19.81
C MET B 313 -26.76 38.61 20.61
N ASP B 314 -27.62 39.32 19.88
CA ASP B 314 -28.66 40.15 20.46
C ASP B 314 -29.99 39.52 20.05
N GLY B 315 -30.62 38.83 20.98
CA GLY B 315 -31.89 38.17 20.70
C GLY B 315 -33.10 38.87 21.30
N GLU B 316 -34.22 38.84 20.56
CA GLU B 316 -35.45 39.47 21.01
C GLU B 316 -36.62 38.54 20.72
N LEU B 317 -37.57 38.55 21.63
CA LEU B 317 -38.75 37.71 21.51
C LEU B 317 -40.01 38.54 21.82
N ALA B 318 -41.00 38.45 20.93
CA ALA B 318 -42.28 39.15 21.11
C ALA B 318 -43.30 38.10 21.51
N ALA B 319 -44.18 38.45 22.46
CA ALA B 319 -45.18 37.47 22.90
C ALA B 319 -46.42 38.09 23.53
N THR B 320 -47.38 37.23 23.84
CA THR B 320 -48.61 37.65 24.50
C THR B 320 -48.44 37.25 25.96
N PRO B 321 -49.24 37.84 26.86
CA PRO B 321 -49.17 37.58 28.30
C PRO B 321 -49.25 36.10 28.73
N ASP B 322 -49.93 35.27 27.95
CA ASP B 322 -50.03 33.85 28.30
C ASP B 322 -48.81 33.05 27.87
N GLY B 323 -47.86 33.71 27.22
CA GLY B 323 -46.65 33.05 26.77
C GLY B 323 -46.52 32.64 25.32
N LYS B 324 -47.55 32.84 24.49
CA LYS B 324 -47.41 32.46 23.09
C LYS B 324 -46.51 33.42 22.33
N ILE B 325 -45.45 32.85 21.74
CA ILE B 325 -44.46 33.60 20.99
C ILE B 325 -45.01 34.13 19.68
N LEU B 326 -44.95 35.46 19.53
CA LEU B 326 -45.44 36.13 18.33
C LEU B 326 -44.36 36.39 17.29
N GLY B 327 -43.15 36.69 17.77
CA GLY B 327 -42.06 36.97 16.84
C GLY B 327 -40.68 36.74 17.42
N LEU B 328 -39.69 36.70 16.54
CA LEU B 328 -38.29 36.49 16.91
C LEU B 328 -37.41 37.37 16.04
N ARG B 329 -36.54 38.14 16.68
CA ARG B 329 -35.64 39.04 15.97
C ARG B 329 -34.23 38.86 16.56
N VAL B 330 -33.26 38.61 15.69
CA VAL B 330 -31.89 38.38 16.12
C VAL B 330 -30.88 39.17 15.29
N ASN B 331 -29.85 39.69 15.96
CA ASN B 331 -28.77 40.42 15.31
C ASN B 331 -27.45 39.89 15.87
N VAL B 332 -26.54 39.52 14.99
CA VAL B 332 -25.26 38.95 15.38
C VAL B 332 -24.03 39.58 14.75
N VAL B 333 -22.94 39.60 15.53
CA VAL B 333 -21.65 40.08 15.09
C VAL B 333 -20.77 38.84 15.18
N ALA B 334 -20.25 38.41 14.04
CA ALA B 334 -19.41 37.21 13.97
C ALA B 334 -17.95 37.53 13.72
N ASP B 335 -17.09 36.94 14.55
CA ASP B 335 -15.64 37.11 14.46
C ASP B 335 -15.07 35.92 13.73
N HIS B 336 -14.64 36.14 12.49
CA HIS B 336 -14.08 35.09 11.66
C HIS B 336 -12.56 35.06 11.59
N GLY B 337 -11.89 35.87 12.39
CA GLY B 337 -10.44 35.89 12.33
C GLY B 337 -9.93 36.70 11.14
N ALA B 338 -8.64 36.53 10.84
CA ALA B 338 -8.00 37.28 9.75
C ALA B 338 -8.51 36.97 8.36
N PHE B 339 -8.73 35.68 8.07
CA PHE B 339 -9.23 35.26 6.77
C PHE B 339 -10.49 34.46 7.00
N ASP B 340 -11.50 34.66 6.15
CA ASP B 340 -12.74 33.91 6.29
C ASP B 340 -12.57 32.56 5.63
N ALA B 341 -12.33 31.54 6.45
CA ALA B 341 -12.14 30.18 5.95
C ALA B 341 -13.19 29.30 6.62
N CYS B 342 -14.28 29.95 6.99
CA CYS B 342 -15.39 29.29 7.65
C CYS B 342 -16.05 28.24 6.76
N ALA B 343 -16.00 26.98 7.18
CA ALA B 343 -16.60 25.88 6.41
C ALA B 343 -18.11 26.07 6.37
N ASP B 344 -18.68 26.03 5.18
CA ASP B 344 -20.11 26.21 5.00
C ASP B 344 -20.45 26.00 3.54
N PRO B 345 -21.73 25.78 3.25
CA PRO B 345 -22.13 25.61 1.84
C PRO B 345 -21.96 27.04 1.28
N THR B 346 -21.46 27.13 0.06
CA THR B 346 -21.22 28.41 -0.62
C THR B 346 -22.26 29.54 -0.45
N LYS B 347 -23.53 29.20 -0.29
CA LYS B 347 -24.57 30.23 -0.19
C LYS B 347 -24.99 30.62 1.23
N PHE B 348 -24.30 30.08 2.23
CA PHE B 348 -24.65 30.39 3.61
C PHE B 348 -23.46 30.81 4.46
N PRO B 349 -23.08 32.09 4.38
CA PRO B 349 -21.94 32.63 5.14
C PRO B 349 -22.13 32.55 6.66
N ALA B 350 -23.36 32.28 7.10
CA ALA B 350 -23.66 32.13 8.52
C ALA B 350 -24.30 30.78 8.75
N GLY B 351 -24.01 29.85 7.86
CA GLY B 351 -24.56 28.50 7.96
C GLY B 351 -26.07 28.47 7.97
N LEU B 352 -26.62 27.57 8.78
CA LEU B 352 -28.06 27.41 8.90
C LEU B 352 -28.53 28.07 10.19
N PHE B 353 -27.99 29.25 10.48
CA PHE B 353 -28.34 29.99 11.69
C PHE B 353 -29.84 30.33 11.69
N HIS B 354 -30.44 30.45 10.51
CA HIS B 354 -31.86 30.76 10.42
C HIS B 354 -32.76 29.60 10.81
N ILE B 355 -32.23 28.69 11.61
CA ILE B 355 -32.97 27.55 12.10
C ILE B 355 -33.30 27.90 13.56
N CYS B 356 -32.91 29.13 13.94
CA CYS B 356 -33.11 29.64 15.29
C CYS B 356 -34.55 29.82 15.75
N SER B 357 -35.52 29.46 14.90
CA SER B 357 -36.93 29.53 15.28
C SER B 357 -37.19 28.36 16.23
N GLY B 358 -36.24 27.44 16.27
CA GLY B 358 -36.31 26.27 17.15
C GLY B 358 -37.42 25.29 16.94
N SER B 359 -37.88 24.74 18.05
CA SER B 359 -38.96 23.75 18.07
C SER B 359 -40.31 24.43 18.21
N TYR B 360 -40.35 25.74 17.95
CA TYR B 360 -41.56 26.52 18.13
C TYR B 360 -42.23 27.09 16.89
N ASP B 361 -43.56 27.16 16.94
CA ASP B 361 -44.32 27.70 15.82
C ASP B 361 -44.37 29.21 15.95
N ILE B 362 -43.31 29.86 15.50
CA ILE B 362 -43.21 31.31 15.56
C ILE B 362 -43.62 31.84 14.20
N PRO B 363 -44.69 32.65 14.13
CA PRO B 363 -45.19 33.20 12.86
C PRO B 363 -44.32 34.19 12.09
N ARG B 364 -43.57 35.03 12.79
CA ARG B 364 -42.71 36.01 12.13
C ARG B 364 -41.31 35.99 12.74
N ALA B 365 -40.30 36.12 11.90
CA ALA B 365 -38.92 36.14 12.38
C ALA B 365 -37.90 36.67 11.39
N HIS B 366 -36.83 37.20 11.96
CA HIS B 366 -35.74 37.74 11.18
C HIS B 366 -34.44 37.62 11.96
N CYS B 367 -33.36 37.43 11.22
CA CYS B 367 -32.04 37.32 11.82
C CYS B 367 -31.04 37.97 10.88
N SER B 368 -30.06 38.67 11.45
CA SER B 368 -29.03 39.32 10.66
C SER B 368 -27.67 39.02 11.28
N VAL B 369 -26.74 38.57 10.44
CA VAL B 369 -25.38 38.22 10.89
C VAL B 369 -24.34 39.04 10.11
N LYS B 370 -23.45 39.66 10.86
CA LYS B 370 -22.39 40.51 10.30
C LYS B 370 -21.02 39.92 10.62
N GLY B 371 -20.31 39.48 9.58
CA GLY B 371 -18.98 38.91 9.75
C GLY B 371 -17.91 39.99 9.82
N VAL B 372 -16.90 39.78 10.68
CA VAL B 372 -15.84 40.75 10.86
C VAL B 372 -14.44 40.11 10.99
N TYR B 373 -13.43 40.78 10.39
CA TYR B 373 -12.03 40.33 10.44
C TYR B 373 -11.34 40.85 11.70
N THR B 374 -10.50 40.01 12.31
CA THR B 374 -9.72 40.38 13.50
C THR B 374 -8.38 39.63 13.38
N ASN B 375 -7.38 40.04 14.15
CA ASN B 375 -6.08 39.40 14.12
C ASN B 375 -6.06 38.07 14.87
N LYS B 376 -6.83 37.10 14.37
CA LYS B 376 -6.92 35.79 14.99
C LYS B 376 -6.95 34.71 13.91
N ALA B 377 -6.75 33.46 14.30
CA ALA B 377 -6.76 32.35 13.35
C ALA B 377 -8.14 32.15 12.76
N PRO B 378 -8.21 31.77 11.47
CA PRO B 378 -9.50 31.53 10.79
C PRO B 378 -10.30 30.36 11.37
N GLY B 379 -11.56 30.25 10.96
CA GLY B 379 -12.43 29.19 11.44
C GLY B 379 -13.84 29.68 11.72
N GLY B 380 -14.52 29.04 12.68
CA GLY B 380 -15.88 29.44 13.00
C GLY B 380 -16.83 28.26 13.03
N VAL B 381 -16.78 27.44 11.98
CA VAL B 381 -17.62 26.27 11.89
C VAL B 381 -16.80 25.02 12.15
N ALA B 382 -17.00 24.44 13.32
CA ALA B 382 -16.33 23.23 13.77
C ALA B 382 -16.93 22.82 15.12
N TYR B 383 -16.43 21.71 15.67
CA TYR B 383 -16.86 21.25 16.99
C TYR B 383 -18.37 20.91 17.10
N SER B 386 -22.96 21.76 13.17
CA SER B 386 -23.98 21.55 12.13
C SER B 386 -24.21 22.79 11.26
N PHE B 387 -23.20 23.65 11.18
CA PHE B 387 -23.25 24.90 10.41
C PHE B 387 -24.04 25.96 11.16
N ARG B 388 -23.46 26.44 12.26
CA ARG B 388 -24.05 27.48 13.11
C ARG B 388 -25.36 27.13 13.82
N VAL B 389 -25.68 25.83 13.90
CA VAL B 389 -26.89 25.39 14.58
C VAL B 389 -26.71 25.47 16.10
N THR B 390 -25.48 25.25 16.56
CA THR B 390 -25.14 25.33 17.97
C THR B 390 -25.54 26.71 18.48
N GLU B 391 -25.22 27.74 17.69
CA GLU B 391 -25.54 29.12 18.02
C GLU B 391 -27.03 29.42 17.99
N ALA B 392 -27.70 28.97 16.93
CA ALA B 392 -29.14 29.18 16.77
C ALA B 392 -29.96 28.59 17.92
N VAL B 393 -29.61 27.37 18.33
CA VAL B 393 -30.31 26.70 19.42
C VAL B 393 -30.04 27.39 20.76
N TYR B 394 -28.78 27.83 20.94
CA TYR B 394 -28.40 28.51 22.17
C TYR B 394 -29.18 29.81 22.27
N LEU B 395 -29.27 30.53 21.16
CA LEU B 395 -30.00 31.78 21.15
C LEU B 395 -31.48 31.64 21.50
N ILE B 396 -32.20 30.77 20.77
CA ILE B 396 -33.62 30.60 21.00
C ILE B 396 -33.98 30.06 22.39
N GLU B 397 -33.24 29.05 22.86
CA GLU B 397 -33.49 28.47 24.17
C GLU B 397 -33.22 29.44 25.30
N ARG B 398 -32.22 30.30 25.12
CA ARG B 398 -31.88 31.30 26.12
C ARG B 398 -32.99 32.36 26.17
N MET B 399 -33.47 32.79 25.01
CA MET B 399 -34.52 33.78 24.95
C MET B 399 -35.83 33.25 25.56
N VAL B 400 -36.16 31.99 25.27
CA VAL B 400 -37.37 31.40 25.80
C VAL B 400 -37.32 31.41 27.32
N ASP B 401 -36.13 31.17 27.87
CA ASP B 401 -35.95 31.19 29.32
C ASP B 401 -36.17 32.59 29.89
N VAL B 402 -35.62 33.59 29.22
CA VAL B 402 -35.77 34.97 29.68
C VAL B 402 -37.25 35.37 29.65
N LEU B 403 -37.95 34.98 28.60
CA LEU B 403 -39.36 35.28 28.43
C LEU B 403 -40.16 34.61 29.56
N ALA B 404 -39.82 33.36 29.87
CA ALA B 404 -40.49 32.64 30.93
C ALA B 404 -40.31 33.32 32.28
N GLN B 405 -39.09 33.78 32.55
CA GLN B 405 -38.78 34.45 33.80
C GLN B 405 -39.54 35.77 33.93
N LYS B 406 -39.68 36.49 32.83
CA LYS B 406 -40.40 37.77 32.86
C LYS B 406 -41.89 37.54 33.14
N LEU B 407 -42.43 36.47 32.57
CA LEU B 407 -43.84 36.13 32.74
C LEU B 407 -44.11 35.31 33.98
N ASN B 408 -43.04 34.93 34.71
CA ASN B 408 -43.15 34.09 35.89
C ASN B 408 -43.86 32.79 35.46
N MET B 409 -43.49 32.31 34.28
CA MET B 409 -44.07 31.09 33.72
C MET B 409 -43.03 29.98 33.75
N ASP B 410 -43.49 28.78 34.10
CA ASP B 410 -42.65 27.59 34.16
C ASP B 410 -41.95 27.35 32.81
N LYS B 411 -40.64 27.10 32.87
CA LYS B 411 -39.82 26.91 31.69
C LYS B 411 -40.19 25.72 30.78
N ALA B 412 -40.84 24.71 31.34
CA ALA B 412 -41.28 23.57 30.54
C ALA B 412 -42.63 23.91 29.90
N GLU B 413 -43.50 24.53 30.69
CA GLU B 413 -44.84 24.92 30.26
C GLU B 413 -44.80 25.87 29.07
N ILE B 414 -43.92 26.85 29.09
CA ILE B 414 -43.83 27.79 27.98
C ILE B 414 -43.36 27.10 26.70
N ARG B 415 -42.61 26.01 26.86
CA ARG B 415 -42.14 25.25 25.71
C ARG B 415 -43.27 24.39 25.16
N ALA B 416 -43.95 23.67 26.04
CA ALA B 416 -45.08 22.82 25.63
C ALA B 416 -46.12 23.62 24.86
N LYS B 417 -46.36 24.84 25.33
CA LYS B 417 -47.33 25.74 24.73
C LYS B 417 -46.90 26.27 23.35
N ASN B 418 -45.60 26.38 23.14
CA ASN B 418 -45.07 26.90 21.87
C ASN B 418 -44.57 25.88 20.85
N PHE B 419 -44.44 24.62 21.26
CA PHE B 419 -43.99 23.55 20.37
C PHE B 419 -44.80 23.46 19.08
N ILE B 420 -44.14 23.02 18.02
CA ILE B 420 -44.80 22.76 16.76
C ILE B 420 -45.49 21.42 17.09
N ARG B 421 -46.76 21.28 16.75
CA ARG B 421 -47.47 20.04 17.06
C ARG B 421 -47.15 18.95 16.04
N LYS B 422 -47.30 17.70 16.48
CA LYS B 422 -47.03 16.53 15.64
C LYS B 422 -47.77 16.57 14.29
N GLU B 423 -49.00 17.09 14.31
CA GLU B 423 -49.82 17.17 13.10
C GLU B 423 -49.41 18.28 12.14
N GLN B 424 -48.54 19.19 12.59
CA GLN B 424 -48.10 20.29 11.74
C GLN B 424 -46.97 19.91 10.79
N PHE B 425 -46.36 18.73 11.01
CA PHE B 425 -45.28 18.25 10.15
C PHE B 425 -45.84 17.56 8.90
N PRO B 426 -45.21 17.79 7.73
CA PRO B 426 -44.03 18.62 7.53
C PRO B 426 -44.35 20.11 7.75
N TYR B 427 -43.55 20.72 8.63
CA TYR B 427 -43.71 22.11 9.02
C TYR B 427 -42.73 23.12 8.37
N THR B 428 -43.29 24.16 7.74
CA THR B 428 -42.48 25.20 7.12
C THR B 428 -42.33 26.38 8.11
N THR B 429 -41.09 26.69 8.49
CA THR B 429 -40.86 27.79 9.42
C THR B 429 -40.88 29.14 8.79
N GLN B 430 -40.82 30.15 9.65
CA GLN B 430 -40.80 31.54 9.26
C GLN B 430 -39.53 31.85 8.47
N PHE B 431 -38.54 30.97 8.58
CA PHE B 431 -37.28 31.11 7.86
C PHE B 431 -37.24 30.29 6.56
N GLY B 432 -38.22 29.40 6.37
CA GLY B 432 -38.26 28.61 5.15
C GLY B 432 -37.89 27.14 5.20
N PHE B 433 -37.46 26.64 6.35
CA PHE B 433 -37.10 25.24 6.49
C PHE B 433 -38.35 24.37 6.58
N GLU B 434 -38.30 23.18 5.97
CA GLU B 434 -39.41 22.26 6.06
C GLU B 434 -39.07 21.11 7.01
N TYR B 435 -39.41 21.27 8.28
CA TYR B 435 -39.12 20.23 9.27
C TYR B 435 -39.80 18.95 8.81
N ASP B 436 -39.05 17.86 8.73
CA ASP B 436 -39.61 16.60 8.26
C ASP B 436 -40.61 15.91 9.17
N SER B 437 -40.31 15.81 10.46
CA SER B 437 -41.23 15.18 11.40
C SER B 437 -40.76 15.45 12.82
N GLY B 438 -41.68 15.28 13.76
CA GLY B 438 -41.34 15.48 15.16
C GLY B 438 -42.52 15.19 16.05
N ASP B 439 -42.25 15.00 17.34
CA ASP B 439 -43.27 14.76 18.34
C ASP B 439 -42.64 15.22 19.65
N TYR B 440 -42.49 16.53 19.75
CA TYR B 440 -41.87 17.18 20.90
C TYR B 440 -42.60 17.01 22.22
N HIS B 441 -43.93 17.06 22.19
CA HIS B 441 -44.73 16.94 23.40
C HIS B 441 -44.52 15.63 24.12
N THR B 442 -44.65 14.53 23.39
CA THR B 442 -44.47 13.19 23.94
C THR B 442 -43.09 13.05 24.61
N ALA B 443 -42.07 13.56 23.95
CA ALA B 443 -40.71 13.47 24.47
C ALA B 443 -40.53 14.29 25.76
N LEU B 444 -41.07 15.51 25.78
CA LEU B 444 -40.96 16.38 26.95
C LEU B 444 -41.59 15.72 28.16
N LYS B 445 -42.80 15.21 28.01
CA LYS B 445 -43.49 14.54 29.11
C LYS B 445 -42.67 13.37 29.62
N LYS B 446 -42.07 12.64 28.70
CA LYS B 446 -41.26 11.48 29.04
C LYS B 446 -40.07 11.85 29.92
N VAL B 447 -39.39 12.94 29.55
CA VAL B 447 -38.24 13.41 30.33
C VAL B 447 -38.67 13.97 31.68
N LEU B 448 -39.71 14.80 31.69
CA LEU B 448 -40.19 15.41 32.93
C LEU B 448 -40.59 14.36 33.95
N ASP B 449 -41.30 13.32 33.50
CA ASP B 449 -41.73 12.25 34.39
C ASP B 449 -40.55 11.44 34.94
N ALA B 450 -39.58 11.15 34.07
CA ALA B 450 -38.41 10.37 34.46
C ALA B 450 -37.56 11.02 35.55
N VAL B 451 -37.44 12.34 35.51
CA VAL B 451 -36.64 13.05 36.51
C VAL B 451 -37.50 13.63 37.63
N ASP B 452 -38.82 13.44 37.53
CA ASP B 452 -39.79 13.94 38.51
C ASP B 452 -39.61 15.46 38.65
N TYR B 453 -39.74 16.15 37.53
CA TYR B 453 -39.59 17.58 37.43
C TYR B 453 -40.27 18.35 38.56
N PRO B 454 -41.57 18.09 38.83
CA PRO B 454 -42.22 18.83 39.93
C PRO B 454 -41.54 18.66 41.28
N ALA B 455 -41.02 17.47 41.58
CA ALA B 455 -40.31 17.25 42.85
C ALA B 455 -39.03 18.11 42.87
N LEU B 456 -38.37 18.18 41.71
CA LEU B 456 -37.16 18.97 41.56
C LEU B 456 -37.45 20.45 41.85
N ARG B 457 -38.50 21.00 41.21
CA ARG B 457 -38.87 22.39 41.42
C ARG B 457 -39.22 22.68 42.88
N ALA B 458 -39.83 21.70 43.55
CA ALA B 458 -40.20 21.84 44.95
C ALA B 458 -38.96 21.84 45.84
N GLU B 459 -38.00 20.98 45.54
CA GLU B 459 -36.76 20.94 46.32
C GLU B 459 -36.05 22.29 46.17
N GLN B 460 -36.06 22.81 44.94
CA GLN B 460 -35.45 24.10 44.63
C GLN B 460 -36.13 25.20 45.43
N ALA B 461 -37.46 25.18 45.46
CA ALA B 461 -38.23 26.18 46.19
C ALA B 461 -37.92 26.15 47.68
N ALA B 462 -37.81 24.94 48.23
CA ALA B 462 -37.48 24.77 49.65
C ALA B 462 -36.07 25.28 49.95
N ARG B 463 -35.17 25.17 48.98
CA ARG B 463 -33.80 25.60 49.20
C ARG B 463 -33.64 27.11 49.11
N ARG B 464 -34.34 27.73 48.17
CA ARG B 464 -34.28 29.18 47.98
C ARG B 464 -34.90 29.91 49.18
N ALA B 465 -35.84 29.24 49.83
CA ALA B 465 -36.54 29.78 51.00
C ALA B 465 -35.57 30.01 52.15
N ASP B 466 -34.58 29.13 52.27
CA ASP B 466 -33.56 29.23 53.32
C ASP B 466 -32.41 30.07 52.78
N PRO B 467 -32.24 31.30 53.29
CA PRO B 467 -31.16 32.19 52.84
C PRO B 467 -29.78 31.74 53.33
N ASN B 468 -29.75 30.66 54.12
CA ASN B 468 -28.49 30.15 54.65
C ASN B 468 -28.03 28.88 53.94
N SER B 469 -28.80 28.43 52.93
CA SER B 469 -28.41 27.24 52.18
C SER B 469 -27.05 27.48 51.56
N PRO B 470 -26.08 26.60 51.85
CA PRO B 470 -24.72 26.72 51.33
C PRO B 470 -24.57 26.57 49.82
N THR B 471 -25.59 26.01 49.17
CA THR B 471 -25.58 25.80 47.73
C THR B 471 -26.83 26.36 47.06
N LEU B 472 -26.72 26.59 45.75
CA LEU B 472 -27.83 27.05 44.94
C LEU B 472 -28.20 25.88 44.05
N MET B 473 -29.50 25.68 43.80
CA MET B 473 -29.96 24.59 42.97
C MET B 473 -30.45 25.16 41.66
N GLY B 474 -29.93 24.63 40.56
CA GLY B 474 -30.35 25.10 39.25
C GLY B 474 -30.89 24.00 38.38
N ILE B 475 -31.93 24.32 37.61
CA ILE B 475 -32.55 23.35 36.72
C ILE B 475 -32.57 23.94 35.32
N GLY B 476 -31.90 23.27 34.40
CA GLY B 476 -31.86 23.70 33.02
C GLY B 476 -32.61 22.72 32.16
N LEU B 477 -33.35 23.25 31.19
CA LEU B 477 -34.14 22.45 30.26
C LEU B 477 -34.04 23.05 28.88
N VAL B 478 -33.73 22.20 27.91
CA VAL B 478 -33.60 22.59 26.51
C VAL B 478 -34.37 21.59 25.67
N THR B 479 -35.23 22.12 24.79
CA THR B 479 -36.03 21.32 23.87
C THR B 479 -35.66 21.87 22.49
N PHE B 480 -34.80 21.13 21.79
CA PHE B 480 -34.30 21.59 20.50
C PHE B 480 -34.63 20.76 19.29
N THR B 481 -34.43 21.38 18.14
CA THR B 481 -34.64 20.77 16.84
C THR B 481 -33.37 21.01 16.05
N GLU B 482 -32.76 19.92 15.59
CA GLU B 482 -31.55 19.98 14.79
C GLU B 482 -31.93 19.91 13.31
N VAL B 483 -31.00 20.32 12.46
CA VAL B 483 -31.18 20.28 11.01
C VAL B 483 -29.84 19.77 10.47
N VAL B 484 -29.81 18.49 10.10
CA VAL B 484 -28.59 17.85 9.60
C VAL B 484 -28.80 17.07 8.32
N GLY B 485 -27.73 16.94 7.56
CA GLY B 485 -27.77 16.21 6.30
C GLY B 485 -27.64 17.15 5.12
N ALA B 486 -26.71 18.10 5.25
CA ALA B 486 -26.45 19.11 4.23
C ALA B 486 -26.39 18.46 2.88
N GLY B 487 -27.36 18.80 2.04
CA GLY B 487 -27.42 18.17 0.76
C GLY B 487 -28.05 18.78 -0.47
N PRO B 488 -29.37 19.10 -0.51
CA PRO B 488 -29.98 19.67 -1.73
C PRO B 488 -29.02 20.51 -2.55
N SER B 489 -28.50 19.93 -3.62
CA SER B 489 -27.52 20.60 -4.49
C SER B 489 -27.99 21.95 -4.99
N LYS B 490 -29.31 22.13 -5.03
CA LYS B 490 -29.91 23.38 -5.46
C LYS B 490 -29.50 24.55 -4.56
N MET B 491 -29.41 24.30 -3.25
CA MET B 491 -29.02 25.32 -2.29
C MET B 491 -27.71 25.04 -1.57
N CYS B 492 -27.29 23.78 -1.51
CA CYS B 492 -26.06 23.40 -0.80
C CYS B 492 -24.96 22.89 -1.73
N ASP B 493 -23.80 23.50 -1.62
CA ASP B 493 -22.67 23.08 -2.43
C ASP B 493 -21.38 23.53 -1.76
N ILE B 494 -20.31 22.75 -1.94
CA ILE B 494 -19.00 23.07 -1.39
C ILE B 494 -18.14 23.42 -2.60
N LEU B 495 -17.76 24.69 -2.70
CA LEU B 495 -16.93 25.15 -3.81
C LEU B 495 -17.49 24.75 -5.17
N GLY B 496 -18.81 24.77 -5.28
CA GLY B 496 -19.45 24.42 -6.54
C GLY B 496 -19.91 22.98 -6.71
N VAL B 497 -19.51 22.09 -5.81
CA VAL B 497 -19.91 20.69 -5.89
C VAL B 497 -21.16 20.50 -5.06
N GLY B 498 -22.23 19.99 -5.67
CA GLY B 498 -23.47 19.75 -4.94
C GLY B 498 -23.26 18.85 -3.74
N MET B 499 -24.00 19.10 -2.66
CA MET B 499 -23.82 18.30 -1.45
C MET B 499 -24.54 16.97 -1.36
N PHE B 500 -24.28 16.13 -2.34
CA PHE B 500 -24.83 14.79 -2.43
C PHE B 500 -23.77 13.87 -1.80
N ASP B 501 -24.03 12.58 -1.87
CA ASP B 501 -23.06 11.60 -1.45
C ASP B 501 -23.32 10.30 -2.18
N SER B 502 -22.44 9.32 -2.01
CA SER B 502 -22.57 8.10 -2.77
C SER B 502 -22.20 6.79 -2.10
N CYS B 503 -22.54 5.70 -2.78
CA CYS B 503 -22.24 4.37 -2.32
C CYS B 503 -22.16 3.39 -3.47
N GLU B 504 -21.14 2.53 -3.44
CA GLU B 504 -20.96 1.50 -4.44
C GLU B 504 -20.88 0.17 -3.70
N ILE B 505 -21.71 -0.77 -4.09
CA ILE B 505 -21.74 -2.07 -3.47
C ILE B 505 -21.53 -3.11 -4.55
N ARG B 506 -20.69 -4.08 -4.26
CA ARG B 506 -20.41 -5.15 -5.21
C ARG B 506 -20.51 -6.48 -4.50
N ILE B 507 -21.42 -7.34 -4.99
CA ILE B 507 -21.57 -8.67 -4.40
C ILE B 507 -20.68 -9.65 -5.15
N HIS B 508 -19.93 -10.46 -4.40
CA HIS B 508 -19.01 -11.45 -4.93
C HIS B 508 -19.75 -12.75 -5.26
N PRO B 509 -19.13 -13.61 -6.11
CA PRO B 509 -19.71 -14.89 -6.52
C PRO B 509 -20.18 -15.78 -5.37
N THR B 510 -19.50 -15.71 -4.23
CA THR B 510 -19.85 -16.54 -3.07
C THR B 510 -20.80 -15.92 -2.04
N GLY B 511 -21.35 -14.74 -2.31
CA GLY B 511 -22.29 -14.15 -1.37
C GLY B 511 -21.87 -12.99 -0.48
N SER B 512 -20.59 -12.82 -0.22
CA SER B 512 -20.12 -11.71 0.60
C SER B 512 -20.01 -10.45 -0.26
N ALA B 513 -19.63 -9.32 0.34
CA ALA B 513 -19.57 -8.09 -0.44
C ALA B 513 -18.62 -7.02 0.06
N ILE B 514 -18.32 -6.08 -0.82
CA ILE B 514 -17.49 -4.93 -0.48
C ILE B 514 -18.29 -3.67 -0.82
N ALA B 515 -18.19 -2.64 0.03
CA ALA B 515 -18.91 -1.40 -0.19
C ALA B 515 -18.04 -0.18 0.12
N ARG B 516 -18.18 0.86 -0.69
CA ARG B 516 -17.42 2.09 -0.49
C ARG B 516 -18.35 3.28 -0.59
N MET B 517 -18.13 4.26 0.28
CA MET B 517 -18.97 5.45 0.31
C MET B 517 -18.11 6.71 0.16
N GLY B 518 -18.76 7.83 -0.14
CA GLY B 518 -18.04 9.08 -0.31
C GLY B 518 -17.79 9.82 0.99
N THR B 519 -18.18 9.20 2.09
CA THR B 519 -17.99 9.78 3.41
C THR B 519 -16.66 9.28 3.98
N ILE B 520 -16.33 9.67 5.20
CA ILE B 520 -15.10 9.24 5.85
C ILE B 520 -15.24 9.35 7.36
N THR B 521 -15.33 8.19 8.00
CA THR B 521 -15.47 8.11 9.45
C THR B 521 -14.20 8.63 10.12
N GLN B 522 -14.35 9.08 11.37
CA GLN B 522 -13.24 9.55 12.18
C GLN B 522 -13.50 9.00 13.58
N GLY B 523 -14.15 7.83 13.61
CA GLY B 523 -14.47 7.17 14.85
C GLY B 523 -15.93 6.88 15.10
N GLN B 524 -16.82 7.41 14.27
CA GLN B 524 -18.25 7.20 14.46
C GLN B 524 -18.82 5.82 14.10
N GLY B 525 -17.93 4.90 13.72
CA GLY B 525 -18.35 3.55 13.41
C GLY B 525 -18.99 3.19 12.09
N HIS B 526 -18.71 3.95 11.03
CA HIS B 526 -19.29 3.66 9.71
C HIS B 526 -19.01 2.23 9.24
N GLN B 527 -17.84 1.68 9.54
CA GLN B 527 -17.51 0.33 9.11
C GLN B 527 -18.42 -0.75 9.69
N THR B 528 -19.09 -0.41 10.78
CA THR B 528 -20.03 -1.33 11.42
C THR B 528 -21.46 -0.98 10.97
N THR B 529 -21.86 0.27 11.19
CA THR B 529 -23.20 0.73 10.87
C THR B 529 -23.58 0.66 9.40
N TYR B 530 -22.65 1.04 8.51
CA TYR B 530 -22.94 0.97 7.07
C TYR B 530 -23.22 -0.47 6.67
N ALA B 531 -22.46 -1.39 7.26
CA ALA B 531 -22.61 -2.81 6.97
C ALA B 531 -24.00 -3.30 7.38
N GLN B 532 -24.50 -2.77 8.50
CA GLN B 532 -25.82 -3.16 9.00
C GLN B 532 -26.95 -2.73 8.06
N ILE B 533 -26.85 -1.52 7.49
CA ILE B 533 -27.88 -1.03 6.58
C ILE B 533 -28.00 -1.99 5.40
N ILE B 534 -26.87 -2.23 4.73
CA ILE B 534 -26.80 -3.12 3.57
C ILE B 534 -27.24 -4.55 3.92
N ALA B 535 -26.88 -5.01 5.12
CA ALA B 535 -27.24 -6.35 5.57
C ALA B 535 -28.74 -6.58 5.53
N THR B 536 -29.49 -5.61 6.05
CA THR B 536 -30.96 -5.71 6.07
C THR B 536 -31.53 -5.58 4.65
N GLU B 537 -30.87 -4.79 3.81
CA GLU B 537 -31.33 -4.58 2.45
C GLU B 537 -31.08 -5.79 1.53
N LEU B 538 -30.09 -6.61 1.85
CA LEU B 538 -29.77 -7.74 0.98
C LEU B 538 -29.75 -9.14 1.59
N GLY B 539 -29.95 -9.25 2.89
CA GLY B 539 -29.92 -10.56 3.52
C GLY B 539 -28.54 -11.19 3.54
N ILE B 540 -27.52 -10.34 3.68
CA ILE B 540 -26.12 -10.77 3.76
C ILE B 540 -25.67 -10.30 5.13
N PRO B 541 -25.09 -11.20 5.95
CA PRO B 541 -24.65 -10.75 7.28
C PRO B 541 -23.65 -9.60 7.23
N SER B 542 -23.90 -8.60 8.08
CA SER B 542 -23.06 -7.42 8.15
C SER B 542 -21.59 -7.74 8.37
N GLU B 543 -21.32 -8.87 9.02
CA GLU B 543 -19.96 -9.30 9.31
C GLU B 543 -19.08 -9.53 8.08
N VAL B 544 -19.69 -9.85 6.95
CA VAL B 544 -18.94 -10.10 5.73
C VAL B 544 -19.11 -9.05 4.64
N ILE B 545 -19.79 -7.97 5.00
CA ILE B 545 -19.96 -6.84 4.10
C ILE B 545 -18.85 -5.88 4.53
N GLN B 546 -17.76 -5.89 3.77
CA GLN B 546 -16.61 -5.05 4.08
C GLN B 546 -16.76 -3.64 3.55
N VAL B 547 -16.77 -2.66 4.45
CA VAL B 547 -16.90 -1.27 4.00
C VAL B 547 -15.61 -0.47 4.16
N GLU B 548 -15.36 0.42 3.21
CA GLU B 548 -14.19 1.28 3.23
C GLU B 548 -14.57 2.69 2.79
N GLU B 549 -13.78 3.67 3.23
CA GLU B 549 -13.98 5.07 2.88
C GLU B 549 -12.61 5.75 2.82
N GLY B 550 -12.59 7.00 2.39
CA GLY B 550 -11.36 7.79 2.39
C GLY B 550 -10.34 7.77 1.28
N ASP B 551 -10.37 6.76 0.44
CA ASP B 551 -9.40 6.68 -0.66
C ASP B 551 -10.07 7.17 -1.96
N THR B 552 -9.69 8.35 -2.41
CA THR B 552 -10.27 8.94 -3.62
C THR B 552 -10.06 8.13 -4.89
N SER B 553 -9.09 7.24 -4.85
CA SER B 553 -8.81 6.39 -6.00
C SER B 553 -9.70 5.15 -6.07
N THR B 554 -10.35 4.83 -4.96
CA THR B 554 -11.21 3.64 -4.92
C THR B 554 -12.68 3.91 -4.54
N ALA B 555 -12.90 4.85 -3.64
CA ALA B 555 -14.24 5.17 -3.17
C ALA B 555 -14.98 6.11 -4.12
N PRO B 556 -16.31 5.99 -4.20
CA PRO B 556 -17.10 6.85 -5.08
C PRO B 556 -17.03 8.28 -4.54
N TYR B 557 -17.11 9.27 -5.45
CA TYR B 557 -17.04 10.66 -5.03
C TYR B 557 -18.11 11.05 -4.02
N GLY B 558 -17.68 11.66 -2.93
CA GLY B 558 -18.61 12.11 -1.92
C GLY B 558 -18.12 13.43 -1.38
N LEU B 559 -18.88 14.00 -0.45
CA LEU B 559 -18.53 15.27 0.16
C LEU B 559 -17.91 15.15 1.56
N GLY B 560 -17.63 13.92 2.00
CA GLY B 560 -17.03 13.68 3.30
C GLY B 560 -18.01 13.70 4.46
N THR B 561 -17.52 13.62 5.70
CA THR B 561 -18.43 13.66 6.85
C THR B 561 -18.19 14.77 7.86
N TYR B 562 -19.21 15.62 7.97
CA TYR B 562 -19.29 16.76 8.85
C TYR B 562 -20.79 17.12 8.84
N GLY B 563 -21.26 17.85 9.84
CA GLY B 563 -22.67 18.23 9.87
C GLY B 563 -23.60 17.04 10.02
N SER B 564 -23.10 15.95 10.59
CA SER B 564 -23.88 14.73 10.78
C SER B 564 -24.62 14.30 9.51
N ARG B 565 -23.97 14.51 8.37
CA ARG B 565 -24.57 14.19 7.08
C ARG B 565 -24.48 12.73 6.62
N SER B 566 -23.64 11.94 7.28
CA SER B 566 -23.46 10.55 6.88
C SER B 566 -24.73 9.68 6.83
N THR B 567 -25.45 9.60 7.94
CA THR B 567 -26.66 8.81 7.97
C THR B 567 -27.72 9.38 7.02
N PRO B 568 -27.93 10.72 7.05
CA PRO B 568 -28.92 11.31 6.16
C PRO B 568 -28.62 11.19 4.67
N VAL B 569 -27.42 11.60 4.26
CA VAL B 569 -27.06 11.57 2.84
C VAL B 569 -26.47 10.25 2.35
N ALA B 570 -25.39 9.79 2.97
CA ALA B 570 -24.78 8.53 2.55
C ALA B 570 -25.68 7.34 2.89
N GLY B 571 -26.32 7.40 4.06
CA GLY B 571 -27.20 6.32 4.46
C GLY B 571 -28.32 6.07 3.45
N ALA B 572 -28.74 7.12 2.77
CA ALA B 572 -29.79 7.02 1.76
C ALA B 572 -29.23 6.38 0.50
N ALA B 573 -28.06 6.85 0.07
CA ALA B 573 -27.39 6.31 -1.12
C ALA B 573 -27.07 4.82 -0.92
N ILE B 574 -26.74 4.45 0.31
CA ILE B 574 -26.42 3.06 0.64
C ILE B 574 -27.65 2.17 0.47
N ALA B 575 -28.78 2.63 0.99
CA ALA B 575 -30.03 1.88 0.91
C ALA B 575 -30.51 1.80 -0.53
N LEU B 576 -30.36 2.90 -1.28
CA LEU B 576 -30.80 2.93 -2.66
C LEU B 576 -29.89 2.09 -3.55
N ALA B 577 -28.59 2.12 -3.30
CA ALA B 577 -27.68 1.31 -4.10
C ALA B 577 -27.95 -0.17 -3.84
N ALA B 578 -28.28 -0.51 -2.59
CA ALA B 578 -28.56 -1.89 -2.22
C ALA B 578 -29.87 -2.33 -2.89
N ARG B 579 -30.86 -1.45 -2.88
CA ARG B 579 -32.15 -1.72 -3.49
C ARG B 579 -32.11 -1.93 -5.01
N LYS B 580 -31.12 -1.34 -5.68
CA LYS B 580 -30.98 -1.55 -7.14
C LYS B 580 -30.57 -3.01 -7.30
N ILE B 581 -29.65 -3.45 -6.45
CA ILE B 581 -29.14 -4.81 -6.44
C ILE B 581 -30.25 -5.79 -6.07
N HIS B 582 -31.15 -5.37 -5.19
CA HIS B 582 -32.25 -6.22 -4.75
C HIS B 582 -33.23 -6.39 -5.92
N ALA B 583 -33.46 -5.33 -6.67
CA ALA B 583 -34.37 -5.39 -7.81
C ALA B 583 -33.84 -6.36 -8.88
N LYS B 584 -32.52 -6.42 -9.04
CA LYS B 584 -31.92 -7.31 -10.01
C LYS B 584 -31.99 -8.74 -9.48
N ALA B 585 -31.75 -8.90 -8.19
CA ALA B 585 -31.79 -10.21 -7.55
C ALA B 585 -33.17 -10.87 -7.64
N ARG B 586 -34.22 -10.06 -7.55
CA ARG B 586 -35.60 -10.54 -7.65
C ARG B 586 -35.82 -11.08 -9.07
N LYS B 587 -35.28 -10.34 -10.03
CA LYS B 587 -35.37 -10.66 -11.44
C LYS B 587 -34.64 -11.97 -11.72
N ILE B 588 -33.47 -12.14 -11.13
CA ILE B 588 -32.68 -13.36 -11.31
C ILE B 588 -33.36 -14.52 -10.59
N ALA B 589 -33.88 -14.27 -9.39
CA ALA B 589 -34.57 -15.30 -8.61
C ALA B 589 -35.80 -15.83 -9.35
N ALA B 590 -36.53 -14.93 -10.00
CA ALA B 590 -37.72 -15.31 -10.76
C ALA B 590 -37.32 -16.20 -11.93
N HIS B 591 -36.17 -15.90 -12.55
CA HIS B 591 -35.70 -16.71 -13.67
C HIS B 591 -35.30 -18.11 -13.21
N MET B 592 -34.61 -18.18 -12.08
CA MET B 592 -34.18 -19.46 -11.51
C MET B 592 -35.36 -20.32 -11.06
N LEU B 593 -36.37 -19.66 -10.47
CA LEU B 593 -37.56 -20.35 -9.97
C LEU B 593 -38.66 -20.54 -11.02
N GLU B 594 -38.37 -20.12 -12.25
CA GLU B 594 -39.30 -20.25 -13.37
C GLU B 594 -40.70 -19.71 -13.08
N VAL B 595 -40.75 -18.60 -12.36
CA VAL B 595 -42.00 -17.93 -12.03
C VAL B 595 -41.82 -16.46 -12.36
N ASN B 596 -42.88 -15.67 -12.22
CA ASN B 596 -42.80 -14.24 -12.49
C ASN B 596 -42.32 -13.54 -11.23
N GLU B 597 -41.76 -12.34 -11.38
CA GLU B 597 -41.27 -11.57 -10.23
C GLU B 597 -42.37 -11.30 -9.21
N ASN B 598 -43.56 -10.94 -9.70
CA ASN B 598 -44.70 -10.63 -8.85
C ASN B 598 -45.19 -11.82 -8.02
N ASP B 599 -44.73 -13.02 -8.34
CA ASP B 599 -45.13 -14.22 -7.62
C ASP B 599 -44.10 -14.55 -6.54
N LEU B 600 -43.23 -13.58 -6.24
CA LEU B 600 -42.20 -13.77 -5.23
C LEU B 600 -42.33 -12.86 -4.01
N ASP B 601 -41.85 -13.38 -2.88
CA ASP B 601 -41.86 -12.65 -1.62
C ASP B 601 -40.48 -12.72 -0.98
N TRP B 602 -39.95 -11.55 -0.62
CA TRP B 602 -38.65 -11.48 0.02
C TRP B 602 -38.85 -11.76 1.51
N GLU B 603 -38.07 -12.69 2.05
CA GLU B 603 -38.18 -13.00 3.46
C GLU B 603 -36.81 -13.07 4.11
N VAL B 604 -36.38 -11.92 4.65
CA VAL B 604 -35.09 -11.77 5.33
C VAL B 604 -33.83 -11.94 4.46
N ASP B 605 -33.64 -13.13 3.88
CA ASP B 605 -32.46 -13.41 3.08
C ASP B 605 -32.74 -14.30 1.88
N ARG B 606 -33.97 -14.30 1.39
CA ARG B 606 -34.32 -15.14 0.26
C ARG B 606 -35.60 -14.69 -0.42
N PHE B 607 -35.76 -15.14 -1.66
CA PHE B 607 -36.96 -14.86 -2.43
C PHE B 607 -37.67 -16.21 -2.47
N LYS B 608 -38.91 -16.24 -2.00
CA LYS B 608 -39.67 -17.48 -1.99
C LYS B 608 -40.92 -17.33 -2.84
N VAL B 609 -41.33 -18.43 -3.47
CA VAL B 609 -42.53 -18.42 -4.32
C VAL B 609 -43.77 -18.33 -3.43
N LYS B 610 -44.66 -17.39 -3.76
CA LYS B 610 -45.89 -17.21 -2.98
C LYS B 610 -46.68 -18.51 -2.88
N GLY B 611 -46.96 -18.92 -1.66
CA GLY B 611 -47.69 -20.16 -1.42
C GLY B 611 -46.74 -21.28 -1.04
N ASP B 612 -45.90 -21.67 -2.00
CA ASP B 612 -44.94 -22.76 -1.79
C ASP B 612 -43.64 -22.24 -1.14
N ASP B 613 -43.49 -22.52 0.15
CA ASP B 613 -42.30 -22.09 0.91
C ASP B 613 -41.03 -22.86 0.55
N SER B 614 -41.18 -24.11 0.12
CA SER B 614 -40.03 -24.95 -0.23
C SER B 614 -39.29 -24.48 -1.49
N LYS B 615 -39.95 -23.66 -2.30
CA LYS B 615 -39.33 -23.14 -3.51
C LYS B 615 -38.78 -21.75 -3.20
N PHE B 616 -37.45 -21.65 -3.09
CA PHE B 616 -36.78 -20.38 -2.79
C PHE B 616 -35.34 -20.33 -3.28
N LYS B 617 -34.76 -19.13 -3.25
CA LYS B 617 -33.37 -18.90 -3.64
C LYS B 617 -32.77 -17.82 -2.75
N THR B 618 -31.65 -18.13 -2.09
CA THR B 618 -30.99 -17.17 -1.21
C THR B 618 -30.20 -16.16 -2.03
N MET B 619 -29.71 -15.11 -1.37
CA MET B 619 -28.91 -14.08 -2.04
C MET B 619 -27.62 -14.74 -2.51
N ALA B 620 -27.19 -15.77 -1.79
CA ALA B 620 -25.98 -16.51 -2.14
C ALA B 620 -26.23 -17.23 -3.47
N ASP B 621 -27.37 -17.91 -3.59
CA ASP B 621 -27.74 -18.62 -4.81
C ASP B 621 -27.82 -17.65 -5.98
N ILE B 622 -28.43 -16.50 -5.74
CA ILE B 622 -28.59 -15.45 -6.74
C ILE B 622 -27.24 -14.87 -7.17
N ALA B 623 -26.35 -14.64 -6.21
CA ALA B 623 -25.03 -14.10 -6.49
C ALA B 623 -24.25 -15.03 -7.45
N TRP B 624 -24.23 -16.32 -7.14
CA TRP B 624 -23.55 -17.29 -7.99
C TRP B 624 -24.13 -17.29 -9.39
N GLN B 625 -25.47 -17.30 -9.49
CA GLN B 625 -26.14 -17.32 -10.78
C GLN B 625 -25.75 -16.10 -11.62
N ALA B 626 -25.57 -14.97 -10.96
CA ALA B 626 -25.20 -13.72 -11.63
C ALA B 626 -23.83 -13.83 -12.29
N TYR B 627 -22.95 -14.66 -11.72
CA TYR B 627 -21.62 -14.87 -12.24
C TYR B 627 -21.53 -16.05 -13.18
N HIS B 628 -22.33 -17.08 -12.89
CA HIS B 628 -22.37 -18.30 -13.68
C HIS B 628 -23.00 -18.05 -15.06
N GLN B 629 -24.26 -17.65 -15.08
CA GLN B 629 -24.94 -17.37 -16.35
C GLN B 629 -26.10 -16.43 -16.10
N PRO B 630 -25.94 -15.15 -16.51
CA PRO B 630 -26.96 -14.13 -16.34
C PRO B 630 -28.20 -14.41 -17.20
N PRO B 631 -29.40 -14.21 -16.63
CA PRO B 631 -30.63 -14.45 -17.38
C PRO B 631 -30.64 -13.58 -18.63
N ALA B 632 -31.32 -14.01 -19.68
CA ALA B 632 -31.38 -13.25 -20.93
C ALA B 632 -31.74 -11.79 -20.70
N GLY B 633 -30.99 -10.91 -21.36
CA GLY B 633 -31.25 -9.48 -21.23
C GLY B 633 -30.51 -8.79 -20.09
N LEU B 634 -29.86 -9.58 -19.24
CA LEU B 634 -29.11 -9.04 -18.11
C LEU B 634 -27.59 -9.19 -18.28
N GLU B 635 -26.84 -8.27 -17.66
CA GLU B 635 -25.39 -8.31 -17.69
C GLU B 635 -24.93 -9.18 -16.52
N PRO B 636 -23.78 -9.87 -16.66
CA PRO B 636 -23.28 -10.72 -15.57
C PRO B 636 -22.97 -9.81 -14.35
N GLY B 637 -22.75 -10.40 -13.19
CA GLY B 637 -22.45 -9.60 -12.01
C GLY B 637 -23.66 -9.17 -11.21
N LEU B 638 -23.41 -8.68 -10.00
CA LEU B 638 -24.44 -8.23 -9.07
C LEU B 638 -23.87 -7.09 -8.25
N GLU B 639 -23.96 -5.87 -8.78
CA GLU B 639 -23.44 -4.70 -8.10
C GLU B 639 -24.24 -3.45 -8.48
N ALA B 640 -24.04 -2.38 -7.70
CA ALA B 640 -24.72 -1.12 -7.96
C ALA B 640 -23.98 0.09 -7.40
N VAL B 641 -24.30 1.25 -7.96
CA VAL B 641 -23.72 2.52 -7.56
C VAL B 641 -24.88 3.49 -7.41
N HIS B 642 -24.79 4.42 -6.47
CA HIS B 642 -25.86 5.40 -6.32
C HIS B 642 -25.39 6.70 -5.68
N TYR B 643 -25.68 7.80 -6.35
CA TYR B 643 -25.36 9.13 -5.87
C TYR B 643 -26.67 9.76 -5.45
N TYR B 644 -26.78 10.07 -4.16
CA TYR B 644 -28.00 10.64 -3.61
C TYR B 644 -27.98 12.13 -3.37
N ASP B 645 -28.83 12.85 -4.09
CA ASP B 645 -28.99 14.30 -3.93
C ASP B 645 -30.27 14.36 -3.11
N PRO B 646 -30.14 14.64 -1.80
CA PRO B 646 -31.28 14.72 -0.87
C PRO B 646 -32.33 15.77 -1.17
N PRO B 647 -33.61 15.42 -0.97
CA PRO B 647 -34.76 16.30 -1.20
C PRO B 647 -34.94 17.35 -0.09
N ASN B 648 -34.36 17.07 1.06
CA ASN B 648 -34.48 17.95 2.20
C ASN B 648 -33.46 17.51 3.25
N PHE B 649 -33.37 18.29 4.32
CA PHE B 649 -32.50 17.96 5.43
C PHE B 649 -33.30 17.00 6.29
N THR B 650 -32.68 16.57 7.37
CA THR B 650 -33.30 15.66 8.31
C THR B 650 -33.38 16.51 9.60
N TYR B 651 -34.45 16.36 10.38
CA TYR B 651 -34.60 17.18 11.59
C TYR B 651 -34.76 16.40 12.91
N PRO B 652 -33.67 15.84 13.44
CA PRO B 652 -33.78 15.09 14.70
C PRO B 652 -34.01 16.08 15.83
N PHE B 653 -34.54 15.60 16.93
CA PHE B 653 -34.79 16.50 18.04
C PHE B 653 -34.37 15.91 19.38
N GLY B 654 -34.41 16.75 20.40
CA GLY B 654 -34.03 16.29 21.72
C GLY B 654 -34.64 17.13 22.81
N ILE B 655 -34.61 16.56 24.01
CA ILE B 655 -35.12 17.19 25.21
C ILE B 655 -34.14 16.82 26.32
N TYR B 656 -33.36 17.82 26.72
CA TYR B 656 -32.32 17.64 27.75
C TYR B 656 -32.64 18.39 29.02
N LEU B 657 -32.30 17.80 30.16
CA LEU B 657 -32.53 18.44 31.44
C LEU B 657 -31.31 18.24 32.33
N CYS B 658 -30.85 19.31 32.96
CA CYS B 658 -29.69 19.25 33.84
C CYS B 658 -29.98 19.88 35.21
N VAL B 659 -29.54 19.21 36.26
CA VAL B 659 -29.72 19.71 37.61
C VAL B 659 -28.32 19.97 38.14
N VAL B 660 -28.07 21.19 38.61
CA VAL B 660 -26.75 21.54 39.13
C VAL B 660 -26.86 22.14 40.53
N ASP B 661 -25.78 22.00 41.29
CA ASP B 661 -25.68 22.56 42.63
C ASP B 661 -24.40 23.39 42.64
N ILE B 662 -24.55 24.68 42.96
CA ILE B 662 -23.44 25.62 43.00
C ILE B 662 -22.98 25.92 44.42
N ASP B 663 -21.69 25.73 44.68
CA ASP B 663 -21.10 25.98 45.99
C ASP B 663 -20.97 27.49 46.13
N ARG B 664 -21.76 28.07 47.04
CA ARG B 664 -21.75 29.52 47.26
C ARG B 664 -20.45 30.09 47.82
N ALA B 665 -19.63 29.25 48.41
CA ALA B 665 -18.37 29.71 48.98
C ALA B 665 -17.21 29.72 47.99
N THR B 666 -17.30 28.93 46.91
CA THR B 666 -16.21 28.85 45.94
C THR B 666 -16.59 29.10 44.49
N GLY B 667 -17.88 29.01 44.18
CA GLY B 667 -18.34 29.21 42.82
C GLY B 667 -18.32 27.94 42.00
N GLU B 668 -18.01 26.82 42.64
CA GLU B 668 -17.94 25.53 41.98
C GLU B 668 -19.32 24.96 41.64
N THR B 669 -19.48 24.58 40.37
CA THR B 669 -20.73 24.01 39.93
C THR B 669 -20.61 22.50 39.74
N LYS B 670 -21.46 21.78 40.45
CA LYS B 670 -21.47 20.33 40.39
C LYS B 670 -22.73 19.85 39.69
N VAL B 671 -22.56 19.16 38.57
CA VAL B 671 -23.68 18.61 37.82
C VAL B 671 -24.18 17.41 38.63
N ARG B 672 -25.39 17.53 39.16
CA ARG B 672 -25.96 16.46 39.96
C ARG B 672 -26.61 15.39 39.08
N ARG B 673 -27.18 15.83 37.97
CA ARG B 673 -27.86 14.92 37.06
C ARG B 673 -28.05 15.53 35.68
N PHE B 674 -28.01 14.68 34.66
CA PHE B 674 -28.21 15.11 33.28
C PHE B 674 -28.98 14.03 32.53
N TYR B 675 -30.16 14.38 32.03
CA TYR B 675 -31.01 13.45 31.30
C TYR B 675 -31.15 13.89 29.85
N ALA B 676 -30.71 13.03 28.93
CA ALA B 676 -30.76 13.35 27.51
C ALA B 676 -31.60 12.42 26.66
N LEU B 677 -32.66 12.97 26.07
CA LEU B 677 -33.52 12.21 25.18
C LEU B 677 -33.30 12.72 23.74
N ASP B 678 -32.93 11.81 22.84
CA ASP B 678 -32.72 12.16 21.45
C ASP B 678 -33.59 11.29 20.57
N ASP B 679 -34.14 11.89 19.53
CA ASP B 679 -34.96 11.18 18.56
C ASP B 679 -34.39 11.49 17.20
N CYS B 680 -33.72 10.50 16.63
CA CYS B 680 -33.11 10.62 15.32
C CYS B 680 -33.76 9.66 14.34
N GLY B 681 -35.03 9.33 14.58
CA GLY B 681 -35.75 8.43 13.71
C GLY B 681 -35.30 6.98 13.83
N THR B 682 -35.34 6.24 12.72
CA THR B 682 -34.93 4.85 12.71
C THR B 682 -33.47 4.75 13.17
N ARG B 683 -33.24 3.93 14.18
CA ARG B 683 -31.91 3.73 14.73
C ARG B 683 -31.19 2.53 14.12
N ILE B 684 -30.00 2.78 13.56
CA ILE B 684 -29.22 1.71 12.95
C ILE B 684 -28.55 0.82 14.00
N ASN B 685 -27.89 1.45 14.97
CA ASN B 685 -27.19 0.72 16.03
C ASN B 685 -27.23 1.50 17.33
N PRO B 686 -28.15 1.15 18.24
CA PRO B 686 -28.33 1.81 19.54
C PRO B 686 -27.05 1.93 20.36
N MET B 687 -26.17 0.93 20.27
CA MET B 687 -24.91 0.96 21.01
C MET B 687 -24.04 2.12 20.51
N ILE B 688 -23.91 2.23 19.20
CA ILE B 688 -23.11 3.28 18.60
C ILE B 688 -23.70 4.68 18.80
N ILE B 689 -25.02 4.78 18.84
CA ILE B 689 -25.67 6.06 19.05
C ILE B 689 -25.37 6.52 20.49
N GLU B 690 -25.42 5.58 21.42
CA GLU B 690 -25.17 5.90 22.82
C GLU B 690 -23.77 6.49 23.00
N GLY B 691 -22.79 5.91 22.32
CA GLY B 691 -21.42 6.38 22.41
C GLY B 691 -21.27 7.80 21.90
N GLN B 692 -22.00 8.11 20.81
CA GLN B 692 -21.98 9.43 20.20
C GLN B 692 -22.58 10.48 21.15
N ILE B 693 -23.64 10.09 21.84
CA ILE B 693 -24.32 10.96 22.80
C ILE B 693 -23.38 11.25 23.97
N HIS B 694 -22.83 10.18 24.56
CA HIS B 694 -21.90 10.33 25.68
C HIS B 694 -20.77 11.30 25.31
N GLY B 695 -20.21 11.15 24.11
CA GLY B 695 -19.14 12.02 23.66
C GLY B 695 -19.56 13.45 23.47
N GLY B 696 -20.72 13.65 22.84
CA GLY B 696 -21.22 15.00 22.60
C GLY B 696 -21.59 15.76 23.87
N LEU B 697 -22.21 15.06 24.82
CA LEU B 697 -22.60 15.68 26.09
C LEU B 697 -21.36 16.11 26.85
N THR B 698 -20.29 15.34 26.71
CA THR B 698 -19.03 15.65 27.37
C THR B 698 -18.40 16.91 26.75
N GLU B 699 -18.48 17.06 25.42
CA GLU B 699 -17.95 18.26 24.77
C GLU B 699 -18.79 19.43 25.26
N GLY B 700 -20.09 19.19 25.41
CA GLY B 700 -21.00 20.22 25.87
C GLY B 700 -20.60 20.73 27.24
N TYR B 701 -20.29 19.79 28.13
CA TYR B 701 -19.88 20.12 29.49
C TYR B 701 -18.58 20.93 29.43
N ALA B 702 -17.64 20.49 28.62
CA ALA B 702 -16.37 21.18 28.48
C ALA B 702 -16.55 22.61 28.00
N VAL B 703 -17.39 22.80 26.98
CA VAL B 703 -17.64 24.12 26.41
C VAL B 703 -18.36 25.06 27.37
N ALA B 704 -19.48 24.60 27.92
CA ALA B 704 -20.24 25.43 28.83
C ALA B 704 -19.55 25.71 30.15
N MET B 705 -18.91 24.69 30.73
CA MET B 705 -18.28 24.84 32.03
C MET B 705 -16.79 25.23 32.13
N GLY B 706 -16.02 25.05 31.07
CA GLY B 706 -14.62 25.40 31.19
C GLY B 706 -13.83 25.92 30.02
N GLN B 707 -14.30 25.71 28.79
CA GLN B 707 -13.54 26.16 27.64
C GLN B 707 -13.66 27.62 27.19
N GLN B 708 -12.52 28.15 26.74
CA GLN B 708 -12.42 29.51 26.21
C GLN B 708 -11.03 29.73 25.59
N MET B 709 -10.92 30.77 24.77
CA MET B 709 -9.67 31.10 24.11
C MET B 709 -9.43 32.61 24.23
N PRO B 710 -9.03 33.08 25.44
CA PRO B 710 -8.79 34.52 25.64
C PRO B 710 -7.53 35.06 24.96
N PHE B 711 -7.59 36.32 24.54
CA PHE B 711 -6.48 37.01 23.87
C PHE B 711 -6.15 38.26 24.68
N ASP B 712 -4.86 38.51 24.97
CA ASP B 712 -4.50 39.73 25.69
C ASP B 712 -4.55 40.92 24.72
N ALA B 713 -4.31 42.13 25.24
CA ALA B 713 -4.34 43.36 24.44
C ALA B 713 -3.43 43.37 23.21
N GLN B 714 -2.31 42.66 23.30
CA GLN B 714 -1.36 42.58 22.20
C GLN B 714 -1.70 41.44 21.23
N GLY B 715 -2.87 40.83 21.42
CA GLY B 715 -3.31 39.76 20.55
C GLY B 715 -2.65 38.42 20.72
N ASN B 716 -2.02 38.19 21.87
CA ASN B 716 -1.38 36.90 22.13
C ASN B 716 -2.44 35.97 22.67
N LEU B 717 -2.46 34.75 22.13
CA LEU B 717 -3.40 33.74 22.56
C LEU B 717 -2.95 33.18 23.90
N LEU B 718 -3.85 33.22 24.88
CA LEU B 718 -3.55 32.69 26.21
C LEU B 718 -4.23 31.32 26.33
N GLY B 719 -3.61 30.42 27.09
CA GLY B 719 -4.17 29.09 27.29
C GLY B 719 -4.37 28.27 26.02
N ASN B 720 -3.33 28.20 25.19
CA ASN B 720 -3.40 27.44 23.95
C ASN B 720 -2.75 26.05 24.03
N THR B 721 -2.64 25.52 25.24
CA THR B 721 -2.11 24.18 25.47
C THR B 721 -2.99 23.55 26.55
N LEU B 722 -2.80 22.26 26.80
CA LEU B 722 -3.59 21.55 27.81
C LEU B 722 -3.33 22.00 29.24
N MET B 723 -2.36 22.90 29.41
CA MET B 723 -2.05 23.44 30.73
C MET B 723 -3.27 24.21 31.24
N ASP B 724 -3.87 25.00 30.35
CA ASP B 724 -5.04 25.81 30.69
C ASP B 724 -6.29 25.52 29.85
N TYR B 725 -6.11 25.08 28.60
CA TYR B 725 -7.27 24.78 27.76
C TYR B 725 -7.95 23.54 28.34
N PHE B 726 -9.16 23.74 28.86
CA PHE B 726 -9.93 22.70 29.51
C PHE B 726 -10.42 21.52 28.66
N LEU B 727 -10.14 20.32 29.17
CA LEU B 727 -10.57 19.05 28.59
C LEU B 727 -10.82 18.20 29.82
N PRO B 728 -12.07 17.79 30.04
CA PRO B 728 -12.43 16.98 31.21
C PRO B 728 -11.91 15.55 31.23
N THR B 729 -11.60 15.05 32.42
CA THR B 729 -11.16 13.67 32.56
C THR B 729 -12.38 12.89 33.05
N ALA B 730 -12.20 11.60 33.26
CA ALA B 730 -13.28 10.74 33.74
C ALA B 730 -13.84 11.23 35.09
N VAL B 731 -13.04 11.97 35.85
CA VAL B 731 -13.49 12.48 37.14
C VAL B 731 -14.46 13.67 37.00
N GLU B 732 -14.19 14.55 36.05
CA GLU B 732 -15.04 15.73 35.86
C GLU B 732 -16.30 15.44 35.06
N THR B 733 -16.26 14.36 34.28
CA THR B 733 -17.38 14.00 33.43
C THR B 733 -18.50 13.27 34.17
N PRO B 734 -19.69 13.88 34.22
CA PRO B 734 -20.84 13.29 34.90
C PRO B 734 -21.36 12.03 34.22
N HIS B 735 -22.08 11.22 34.99
CA HIS B 735 -22.68 10.02 34.45
C HIS B 735 -23.89 10.51 33.65
N TRP B 736 -24.02 10.06 32.40
CA TRP B 736 -25.12 10.48 31.53
C TRP B 736 -26.30 9.50 31.52
N GLU B 737 -27.50 10.05 31.53
CA GLU B 737 -28.71 9.24 31.44
C GLU B 737 -29.30 9.58 30.08
N THR B 738 -29.51 8.54 29.26
CA THR B 738 -30.05 8.71 27.93
C THR B 738 -31.39 8.02 27.76
N ASP B 739 -32.19 8.52 26.83
CA ASP B 739 -33.52 8.02 26.53
C ASP B 739 -33.77 8.40 25.07
N HIS B 740 -34.87 7.91 24.51
CA HIS B 740 -35.18 8.23 23.12
C HIS B 740 -36.62 7.92 22.74
N THR B 741 -36.99 8.42 21.56
CA THR B 741 -38.29 8.16 20.94
C THR B 741 -37.92 7.96 19.47
N VAL B 742 -38.83 7.40 18.68
CA VAL B 742 -38.54 7.15 17.27
C VAL B 742 -39.56 7.80 16.34
N THR B 743 -39.16 8.91 15.73
CA THR B 743 -40.00 9.64 14.80
C THR B 743 -39.20 9.69 13.51
N PRO B 744 -39.42 8.70 12.62
CA PRO B 744 -38.75 8.56 11.32
C PRO B 744 -38.84 9.74 10.38
N SER B 745 -37.84 9.89 9.53
CA SER B 745 -37.85 10.94 8.52
C SER B 745 -38.60 10.34 7.35
N PRO B 746 -39.78 10.89 7.01
CA PRO B 746 -40.64 10.41 5.92
C PRO B 746 -39.95 10.28 4.56
N HIS B 747 -39.10 11.24 4.24
CA HIS B 747 -38.41 11.27 2.97
C HIS B 747 -37.14 10.41 2.85
N HIS B 748 -36.61 9.95 3.98
CA HIS B 748 -35.39 9.15 4.00
C HIS B 748 -35.70 7.67 3.70
N PRO B 749 -34.89 7.05 2.82
CA PRO B 749 -35.06 5.64 2.44
C PRO B 749 -35.26 4.67 3.63
N ILE B 750 -34.62 4.95 4.76
CA ILE B 750 -34.77 4.07 5.92
C ILE B 750 -35.28 4.81 7.16
N GLY B 751 -35.79 6.02 6.96
CA GLY B 751 -36.31 6.81 8.06
C GLY B 751 -35.30 7.25 9.11
N ALA B 752 -34.01 7.09 8.80
CA ALA B 752 -32.96 7.46 9.74
C ALA B 752 -32.44 8.88 9.59
N LYS B 753 -32.39 9.60 10.70
CA LYS B 753 -31.91 10.97 10.74
C LYS B 753 -30.51 10.95 11.35
N GLY B 754 -29.78 12.06 11.21
CA GLY B 754 -28.46 12.16 11.79
C GLY B 754 -28.62 12.38 13.28
N VAL B 755 -27.56 12.21 14.06
CA VAL B 755 -27.69 12.40 15.52
C VAL B 755 -26.42 12.80 16.25
N ALA B 756 -25.26 12.52 15.67
CA ALA B 756 -23.97 12.81 16.31
C ALA B 756 -23.71 14.20 16.89
N GLU B 757 -24.27 15.24 16.28
CA GLU B 757 -24.06 16.59 16.78
C GLU B 757 -25.10 17.08 17.77
N SER B 758 -26.26 16.44 17.78
CA SER B 758 -27.36 16.78 18.70
C SER B 758 -26.93 16.90 20.17
N PRO B 759 -26.14 15.94 20.68
CA PRO B 759 -25.73 16.05 22.09
C PRO B 759 -24.90 17.29 22.43
N HIS B 760 -24.10 17.74 21.46
CA HIS B 760 -23.26 18.91 21.64
C HIS B 760 -24.12 20.18 21.56
N VAL B 761 -24.87 20.28 20.46
CA VAL B 761 -25.76 21.41 20.21
C VAL B 761 -26.71 21.64 21.39
N GLY B 762 -27.41 20.59 21.80
CA GLY B 762 -28.38 20.73 22.88
C GLY B 762 -27.87 20.85 24.32
N SER B 763 -26.75 20.20 24.63
CA SER B 763 -26.26 20.24 26.00
C SER B 763 -25.71 21.58 26.47
N ILE B 764 -25.02 22.30 25.58
CA ILE B 764 -24.42 23.58 25.94
C ILE B 764 -25.45 24.54 26.55
N PRO B 765 -26.58 24.76 25.87
CA PRO B 765 -27.58 25.66 26.48
C PRO B 765 -28.28 25.05 27.71
N THR B 766 -28.25 23.72 27.84
CA THR B 766 -28.85 23.07 29.00
C THR B 766 -27.99 23.42 30.23
N PHE B 767 -26.68 23.46 30.05
CA PHE B 767 -25.77 23.79 31.14
C PHE B 767 -25.95 25.26 31.52
N THR B 768 -25.96 26.16 30.53
CA THR B 768 -26.15 27.56 30.84
C THR B 768 -27.51 27.78 31.50
N ALA B 769 -28.52 27.07 31.02
CA ALA B 769 -29.88 27.18 31.56
C ALA B 769 -29.91 26.84 33.04
N ALA B 770 -29.23 25.75 33.40
CA ALA B 770 -29.17 25.29 34.78
C ALA B 770 -28.44 26.27 35.69
N VAL B 771 -27.34 26.83 35.18
CA VAL B 771 -26.54 27.79 35.93
C VAL B 771 -27.32 29.09 36.15
N VAL B 772 -27.89 29.62 35.08
CA VAL B 772 -28.67 30.85 35.16
C VAL B 772 -29.90 30.63 36.05
N ASP B 773 -30.56 29.49 35.87
CA ASP B 773 -31.73 29.16 36.68
C ASP B 773 -31.39 29.18 38.17
N ALA B 774 -30.15 28.86 38.51
CA ALA B 774 -29.73 28.88 39.91
C ALA B 774 -29.75 30.31 40.48
N PHE B 775 -29.61 31.30 39.60
CA PHE B 775 -29.61 32.71 40.00
C PHE B 775 -30.91 33.44 39.63
N ALA B 776 -31.78 32.78 38.88
CA ALA B 776 -33.03 33.39 38.42
C ALA B 776 -33.87 34.12 39.47
N HIS B 777 -33.94 33.56 40.69
CA HIS B 777 -34.73 34.17 41.76
C HIS B 777 -34.24 35.54 42.23
N VAL B 778 -33.00 35.91 41.90
CA VAL B 778 -32.48 37.22 42.26
C VAL B 778 -32.46 38.13 41.03
N GLY B 779 -33.22 37.73 40.00
CA GLY B 779 -33.33 38.53 38.80
C GLY B 779 -32.36 38.32 37.67
N VAL B 780 -31.48 37.33 37.80
CA VAL B 780 -30.49 37.04 36.76
C VAL B 780 -31.15 36.40 35.52
N THR B 781 -30.90 37.01 34.37
CA THR B 781 -31.48 36.52 33.12
C THR B 781 -30.46 35.77 32.27
N HIS B 782 -29.18 36.10 32.41
CA HIS B 782 -28.11 35.45 31.67
C HIS B 782 -26.69 35.64 32.23
N LEU B 783 -25.82 34.64 32.03
CA LEU B 783 -24.42 34.67 32.47
C LEU B 783 -23.65 34.04 31.31
N ASP B 784 -22.66 34.76 30.77
CA ASP B 784 -21.88 34.25 29.65
C ASP B 784 -20.93 33.10 30.03
N MET B 785 -20.76 32.17 29.10
CA MET B 785 -19.88 31.03 29.29
C MET B 785 -18.44 31.52 29.20
N PRO B 786 -17.48 30.76 29.78
CA PRO B 786 -17.65 29.49 30.51
C PRO B 786 -18.13 29.69 31.94
N HIS B 787 -18.85 28.71 32.46
CA HIS B 787 -19.36 28.80 33.84
C HIS B 787 -18.34 28.20 34.79
N THR B 788 -17.19 28.85 34.72
CA THR B 788 -16.03 28.53 35.47
C THR B 788 -16.25 28.87 36.95
N SER B 789 -15.58 28.19 37.88
CA SER B 789 -15.77 28.52 39.31
C SER B 789 -15.34 29.96 39.57
N TYR B 790 -14.31 30.42 38.86
CA TYR B 790 -13.83 31.78 38.97
C TYR B 790 -14.93 32.76 38.52
N ARG B 791 -15.42 32.59 37.29
CA ARG B 791 -16.47 33.44 36.72
C ARG B 791 -17.81 33.34 37.46
N VAL B 792 -18.19 32.16 37.91
CA VAL B 792 -19.45 32.00 38.64
C VAL B 792 -19.34 32.66 40.02
N TRP B 793 -18.16 32.57 40.65
CA TRP B 793 -17.95 33.20 41.96
C TRP B 793 -18.11 34.70 41.85
N LYS B 794 -17.58 35.26 40.76
CA LYS B 794 -17.65 36.68 40.48
C LYS B 794 -19.12 37.11 40.49
N SER B 795 -19.97 36.30 39.87
CA SER B 795 -21.41 36.57 39.83
C SER B 795 -22.05 36.39 41.20
N LEU B 796 -21.58 35.41 41.97
CA LEU B 796 -22.10 35.16 43.31
C LEU B 796 -21.91 36.41 44.15
N LYS B 797 -20.75 37.04 43.97
CA LYS B 797 -20.36 38.24 44.69
C LYS B 797 -21.18 39.45 44.23
N GLU B 798 -21.43 39.55 42.92
CA GLU B 798 -22.21 40.65 42.35
C GLU B 798 -23.66 40.63 42.84
N HIS B 799 -24.24 39.44 42.92
CA HIS B 799 -25.62 39.28 43.34
C HIS B 799 -25.79 38.93 44.80
N ASN B 800 -24.77 39.24 45.59
CA ASN B 800 -24.77 39.00 47.03
C ASN B 800 -25.13 37.58 47.48
N LEU B 801 -24.69 36.58 46.72
CA LEU B 801 -24.97 35.20 47.06
C LEU B 801 -23.73 34.44 47.53
N ALA B 802 -22.56 35.07 47.46
CA ALA B 802 -21.30 34.44 47.89
C ALA B 802 -21.28 34.17 49.39
N LEU B 803 -20.91 32.94 49.76
CA LEU B 803 -20.85 32.48 51.15
C LEU B 803 -22.24 32.36 51.78
N MET C 1 7.60 20.32 21.71
CA MET C 1 7.67 18.88 21.96
C MET C 1 9.12 18.38 21.96
N ILE C 2 9.90 18.95 21.05
CA ILE C 2 11.30 18.58 20.87
C ILE C 2 12.30 19.33 21.74
N PRO C 3 12.91 18.65 22.73
CA PRO C 3 13.87 19.30 23.62
C PRO C 3 15.19 19.48 22.88
N PRO C 4 15.96 20.52 23.22
CA PRO C 4 17.25 20.76 22.56
C PRO C 4 18.25 19.64 22.89
N ARG C 5 19.34 19.60 22.13
CA ARG C 5 20.39 18.58 22.35
C ARG C 5 21.13 18.81 23.66
N PHE C 6 21.48 17.71 24.34
CA PHE C 6 22.22 17.77 25.61
C PHE C 6 23.00 16.49 25.88
N GLU C 7 24.01 16.58 26.74
CA GLU C 7 24.80 15.41 27.12
C GLU C 7 24.12 14.76 28.32
N TYR C 8 24.18 13.44 28.39
CA TYR C 8 23.53 12.70 29.47
C TYR C 8 24.53 12.02 30.40
N HIS C 9 24.26 12.08 31.70
CA HIS C 9 25.11 11.48 32.72
C HIS C 9 24.22 10.73 33.72
N ALA C 10 24.66 9.55 34.14
CA ALA C 10 23.89 8.76 35.10
C ALA C 10 24.76 8.20 36.24
N PRO C 11 25.22 9.07 37.14
CA PRO C 11 26.08 8.67 38.26
C PRO C 11 25.35 7.70 39.20
N LYS C 12 26.10 6.85 39.91
CA LYS C 12 25.50 5.88 40.81
C LYS C 12 25.63 6.23 42.29
N SER C 13 26.10 7.44 42.55
CA SER C 13 26.24 7.89 43.92
C SER C 13 26.05 9.40 43.99
N VAL C 14 25.64 9.89 45.15
CA VAL C 14 25.44 11.32 45.37
C VAL C 14 26.75 12.07 45.14
N GLY C 15 27.85 11.47 45.62
CA GLY C 15 29.16 12.07 45.48
C GLY C 15 29.53 12.33 44.04
N GLU C 16 29.26 11.35 43.18
CA GLU C 16 29.55 11.48 41.75
C GLU C 16 28.68 12.57 41.16
N ALA C 17 27.41 12.59 41.56
CA ALA C 17 26.46 13.59 41.08
C ALA C 17 26.97 15.00 41.41
N VAL C 18 27.43 15.17 42.66
CA VAL C 18 27.97 16.43 43.14
C VAL C 18 29.22 16.83 42.35
N ALA C 19 30.08 15.86 42.08
CA ALA C 19 31.30 16.11 41.32
C ALA C 19 30.96 16.65 39.94
N LEU C 20 30.03 15.98 39.24
CA LEU C 20 29.58 16.38 37.92
C LEU C 20 29.00 17.80 37.92
N LEU C 21 28.24 18.13 38.95
CA LEU C 21 27.66 19.46 39.08
C LEU C 21 28.77 20.50 39.16
N GLY C 22 29.81 20.19 39.94
CA GLY C 22 30.93 21.08 40.10
C GLY C 22 31.76 21.21 38.83
N GLN C 23 31.95 20.08 38.16
CA GLN C 23 32.72 20.02 36.93
C GLN C 23 32.04 20.70 35.73
N LEU C 24 30.74 20.41 35.57
CA LEU C 24 29.95 20.96 34.46
C LEU C 24 29.40 22.36 34.71
N GLY C 25 29.19 22.71 35.98
CA GLY C 25 28.68 24.02 36.32
C GLY C 25 27.23 24.28 35.99
N SER C 26 26.88 25.56 35.87
CA SER C 26 25.52 26.03 35.58
C SER C 26 24.91 25.48 34.29
N ASP C 27 25.71 24.89 33.43
CA ASP C 27 25.21 24.32 32.19
C ASP C 27 24.62 22.93 32.41
N ALA C 28 24.74 22.42 33.63
CA ALA C 28 24.19 21.12 33.97
C ALA C 28 22.98 21.28 34.87
N LYS C 29 22.09 20.28 34.81
CA LYS C 29 20.86 20.28 35.61
C LYS C 29 20.54 18.86 36.05
N LEU C 30 20.18 18.70 37.33
CA LEU C 30 19.84 17.39 37.86
C LEU C 30 18.51 16.93 37.29
N LEU C 31 18.46 15.68 36.83
CA LEU C 31 17.24 15.11 36.26
C LEU C 31 16.67 14.12 37.28
N ALA C 32 15.50 14.44 37.82
CA ALA C 32 14.85 13.53 38.77
C ALA C 32 13.70 12.85 38.01
N GLY C 33 12.47 13.03 38.47
CA GLY C 33 11.33 12.44 37.79
C GLY C 33 11.12 13.02 36.39
N GLY C 34 11.76 14.17 36.14
CA GLY C 34 11.66 14.83 34.84
C GLY C 34 10.31 15.39 34.47
N HIS C 35 9.33 15.31 35.37
CA HIS C 35 8.00 15.81 35.03
C HIS C 35 7.74 17.31 35.16
N SER C 36 8.82 18.06 35.36
CA SER C 36 8.77 19.52 35.41
C SER C 36 9.89 19.99 34.47
N LEU C 37 11.04 19.33 34.57
CA LEU C 37 12.21 19.65 33.77
C LEU C 37 12.07 19.29 32.29
N LEU C 38 11.64 18.06 31.99
CA LEU C 38 11.48 17.68 30.59
C LEU C 38 10.43 18.57 29.91
N PRO C 39 9.29 18.84 30.58
CA PRO C 39 8.27 19.71 29.99
C PRO C 39 8.82 21.09 29.62
N MET C 40 9.62 21.69 30.52
CA MET C 40 10.22 23.00 30.25
C MET C 40 11.20 22.90 29.09
N MET C 41 11.92 21.79 29.01
CA MET C 41 12.88 21.58 27.95
C MET C 41 12.18 21.36 26.60
N LYS C 42 11.08 20.63 26.62
CA LYS C 42 10.31 20.37 25.41
C LYS C 42 9.72 21.67 24.85
N LEU C 43 9.51 22.66 25.72
CA LEU C 43 8.98 23.96 25.32
C LEU C 43 10.09 25.00 25.13
N ARG C 44 11.34 24.58 25.31
CA ARG C 44 12.50 25.46 25.17
C ARG C 44 12.54 26.62 26.20
N PHE C 45 12.03 26.39 27.41
CA PHE C 45 12.06 27.38 28.49
C PHE C 45 13.40 27.24 29.19
N ALA C 46 13.86 25.99 29.26
CA ALA C 46 15.13 25.65 29.87
C ALA C 46 15.89 24.87 28.81
N GLN C 47 17.19 25.16 28.68
CA GLN C 47 18.02 24.47 27.69
C GLN C 47 19.39 24.10 28.24
N PRO C 48 19.42 23.28 29.30
CA PRO C 48 20.71 22.89 29.87
C PRO C 48 21.49 22.01 28.90
N GLU C 49 22.80 22.21 28.84
CA GLU C 49 23.63 21.41 27.94
C GLU C 49 23.96 20.04 28.52
N HIS C 50 23.74 19.86 29.81
CA HIS C 50 24.01 18.60 30.49
C HIS C 50 22.91 18.23 31.47
N LEU C 51 22.47 16.97 31.42
CA LEU C 51 21.45 16.49 32.34
C LEU C 51 22.08 15.38 33.18
N ILE C 52 22.06 15.58 34.49
CA ILE C 52 22.62 14.59 35.40
C ILE C 52 21.46 13.81 36.01
N ASP C 53 21.26 12.61 35.50
CA ASP C 53 20.20 11.73 35.97
C ASP C 53 20.55 11.12 37.32
N ILE C 54 19.72 11.41 38.32
CA ILE C 54 19.93 10.87 39.65
C ILE C 54 18.98 9.72 40.01
N ASN C 55 18.39 9.08 38.99
CA ASN C 55 17.45 7.96 39.19
C ASN C 55 18.12 6.61 39.47
N ARG C 56 19.44 6.54 39.32
CA ARG C 56 20.15 5.28 39.54
C ARG C 56 21.05 5.31 40.79
N ILE C 57 20.65 6.14 41.76
CA ILE C 57 21.37 6.31 43.02
C ILE C 57 20.46 5.78 44.13
N PRO C 58 20.73 4.55 44.62
CA PRO C 58 19.93 3.93 45.69
C PRO C 58 19.88 4.66 47.04
N GLU C 59 20.88 5.49 47.29
CA GLU C 59 20.94 6.24 48.54
C GLU C 59 19.94 7.40 48.57
N LEU C 60 19.31 7.67 47.44
CA LEU C 60 18.31 8.74 47.37
C LEU C 60 16.92 8.14 47.48
N ARG C 61 16.87 6.83 47.69
CA ARG C 61 15.61 6.10 47.79
C ARG C 61 15.36 5.50 49.18
N GLY C 62 14.12 5.11 49.43
CA GLY C 62 13.80 4.52 50.71
C GLY C 62 13.07 5.41 51.68
N ILE C 63 12.23 4.80 52.50
CA ILE C 63 11.47 5.50 53.53
C ILE C 63 11.72 4.72 54.82
N ARG C 64 12.37 5.38 55.78
CA ARG C 64 12.69 4.73 57.05
C ARG C 64 12.41 5.61 58.26
N GLU C 65 12.69 5.07 59.44
CA GLU C 65 12.50 5.79 60.70
C GLU C 65 13.77 5.78 61.55
N GLU C 66 14.13 6.97 62.01
CA GLU C 66 15.28 7.15 62.87
C GLU C 66 14.74 7.89 64.10
N GLY C 67 14.46 7.11 65.15
CA GLY C 67 13.90 7.68 66.35
C GLY C 67 12.47 8.09 66.04
N SER C 68 12.15 9.36 66.25
CA SER C 68 10.80 9.84 65.97
C SER C 68 10.73 10.65 64.67
N THR C 69 11.76 10.52 63.84
CA THR C 69 11.84 11.23 62.57
C THR C 69 11.60 10.30 61.40
N VAL C 70 10.71 10.68 60.49
CA VAL C 70 10.46 9.87 59.30
C VAL C 70 11.44 10.37 58.25
N VAL C 71 12.18 9.45 57.65
CA VAL C 71 13.16 9.78 56.63
C VAL C 71 12.67 9.32 55.27
N ILE C 72 12.53 10.28 54.36
CA ILE C 72 12.05 10.01 53.02
C ILE C 72 13.11 10.37 51.96
N GLY C 73 13.51 9.37 51.17
CA GLY C 73 14.50 9.61 50.13
C GLY C 73 13.99 10.65 49.14
N ALA C 74 14.85 11.58 48.75
CA ALA C 74 14.46 12.63 47.81
C ALA C 74 13.85 12.08 46.53
N MET C 75 14.29 10.90 46.11
CA MET C 75 13.80 10.27 44.89
C MET C 75 12.56 9.40 45.06
N THR C 76 11.93 9.50 46.23
CA THR C 76 10.71 8.74 46.47
C THR C 76 9.65 9.29 45.51
N VAL C 77 9.03 8.39 44.78
CA VAL C 77 8.00 8.73 43.81
C VAL C 77 6.67 9.02 44.53
N GLU C 78 5.87 9.94 43.99
CA GLU C 78 4.59 10.32 44.62
C GLU C 78 3.68 9.15 45.03
N ASN C 79 3.54 8.13 44.18
CA ASN C 79 2.70 6.98 44.50
C ASN C 79 3.25 6.11 45.64
N ASP C 80 4.58 6.12 45.79
CA ASP C 80 5.22 5.35 46.86
C ASP C 80 5.01 6.05 48.20
N LEU C 81 4.71 7.34 48.11
CA LEU C 81 4.44 8.17 49.27
C LEU C 81 3.04 7.80 49.73
N ILE C 82 2.15 7.59 48.77
CA ILE C 82 0.76 7.23 49.02
C ILE C 82 0.62 5.80 49.54
N SER C 83 1.40 4.89 49.00
CA SER C 83 1.31 3.49 49.42
C SER C 83 2.19 3.09 50.59
N SER C 84 3.10 3.96 51.01
CA SER C 84 3.99 3.67 52.13
C SER C 84 3.28 3.48 53.47
N PRO C 85 3.38 2.27 54.07
CA PRO C 85 2.71 2.04 55.36
C PRO C 85 3.29 2.94 56.46
N ILE C 86 4.55 3.34 56.31
CA ILE C 86 5.16 4.23 57.30
C ILE C 86 4.55 5.62 57.16
N VAL C 87 4.54 6.16 55.93
CA VAL C 87 3.97 7.48 55.70
C VAL C 87 2.49 7.50 56.07
N GLN C 88 1.78 6.40 55.84
CA GLN C 88 0.36 6.31 56.17
C GLN C 88 0.05 6.36 57.67
N ALA C 89 0.90 5.71 58.46
CA ALA C 89 0.71 5.66 59.90
C ALA C 89 1.30 6.84 60.66
N ARG C 90 2.46 7.31 60.21
CA ARG C 90 3.19 8.40 60.87
C ARG C 90 2.95 9.81 60.32
N LEU C 91 2.62 9.91 59.03
CA LEU C 91 2.38 11.20 58.39
C LEU C 91 1.20 11.09 57.44
N PRO C 92 0.01 10.72 57.97
CA PRO C 92 -1.19 10.58 57.13
C PRO C 92 -1.46 11.72 56.16
N LEU C 93 -1.05 12.94 56.54
CA LEU C 93 -1.24 14.12 55.70
C LEU C 93 -0.56 13.98 54.35
N LEU C 94 0.71 13.58 54.35
CA LEU C 94 1.48 13.44 53.11
C LEU C 94 0.91 12.38 52.18
N ALA C 95 0.48 11.27 52.77
CA ALA C 95 -0.09 10.16 52.00
C ALA C 95 -1.39 10.54 51.31
N GLU C 96 -2.26 11.26 52.01
CA GLU C 96 -3.53 11.66 51.45
C GLU C 96 -3.42 12.84 50.48
N ALA C 97 -2.59 13.81 50.83
CA ALA C 97 -2.39 14.99 50.01
C ALA C 97 -1.69 14.67 48.69
N ALA C 98 -0.84 13.65 48.70
CA ALA C 98 -0.13 13.27 47.49
C ALA C 98 -1.12 12.79 46.42
N LYS C 99 -2.28 12.31 46.87
CA LYS C 99 -3.33 11.83 45.96
C LYS C 99 -3.87 12.96 45.11
N LEU C 100 -3.72 14.18 45.60
CA LEU C 100 -4.19 15.37 44.90
C LEU C 100 -3.15 15.93 43.94
N ILE C 101 -2.01 15.27 43.83
CA ILE C 101 -0.96 15.74 42.94
C ILE C 101 -1.00 15.06 41.57
N ALA C 102 -1.09 15.86 40.52
CA ALA C 102 -1.09 15.34 39.16
C ALA C 102 -2.06 14.19 38.91
N ASP C 103 -1.57 13.11 38.28
CA ASP C 103 -2.36 11.92 37.99
C ASP C 103 -1.51 10.67 38.23
N PRO C 104 -2.08 9.45 38.06
CA PRO C 104 -1.30 8.23 38.29
C PRO C 104 0.04 8.11 37.56
N GLN C 105 0.06 8.39 36.26
CA GLN C 105 1.29 8.30 35.49
C GLN C 105 2.36 9.24 35.99
N VAL C 106 1.98 10.51 36.16
CA VAL C 106 2.92 11.51 36.65
C VAL C 106 3.45 11.10 38.02
N ARG C 107 2.57 10.57 38.86
CA ARG C 107 2.97 10.15 40.19
C ARG C 107 3.90 8.94 40.25
N ASN C 108 4.09 8.26 39.12
CA ASN C 108 5.00 7.11 39.07
C ASN C 108 6.43 7.59 38.76
N ARG C 109 6.59 8.88 38.45
CA ARG C 109 7.90 9.43 38.12
C ARG C 109 8.25 10.66 38.97
N GLY C 110 7.30 11.56 39.14
CA GLY C 110 7.52 12.75 39.93
C GLY C 110 7.91 12.37 41.35
N THR C 111 8.95 13.03 41.85
CA THR C 111 9.43 12.76 43.20
C THR C 111 9.13 13.92 44.16
N ILE C 112 9.03 13.58 45.45
CA ILE C 112 8.77 14.58 46.48
C ILE C 112 9.91 15.60 46.47
N GLY C 113 11.14 15.10 46.32
CA GLY C 113 12.31 15.96 46.28
C GLY C 113 12.31 16.92 45.09
N GLY C 114 11.87 16.45 43.92
CA GLY C 114 11.81 17.29 42.75
C GLY C 114 10.69 18.32 42.86
N ASP C 115 9.59 17.92 43.49
CA ASP C 115 8.45 18.79 43.68
C ASP C 115 8.86 19.95 44.57
N ILE C 116 9.71 19.66 45.56
CA ILE C 116 10.19 20.69 46.48
C ILE C 116 11.30 21.52 45.83
N ALA C 117 12.29 20.86 45.26
CA ALA C 117 13.41 21.54 44.62
C ALA C 117 13.03 22.50 43.49
N HIS C 118 11.97 22.17 42.76
CA HIS C 118 11.49 22.98 41.65
C HIS C 118 11.11 24.40 42.11
N GLY C 119 10.63 24.52 43.36
CA GLY C 119 10.29 25.82 43.92
C GLY C 119 9.14 26.57 43.27
N ASP C 120 8.25 25.83 42.63
CA ASP C 120 7.10 26.40 41.97
C ASP C 120 5.99 26.64 43.02
N PRO C 121 5.46 27.87 43.10
CA PRO C 121 4.41 28.22 44.07
C PRO C 121 3.18 27.34 43.79
N GLY C 122 3.07 26.88 42.56
CA GLY C 122 1.96 26.04 42.17
C GLY C 122 2.01 24.62 42.74
N ASN C 123 3.22 24.14 43.06
CA ASN C 123 3.38 22.79 43.60
C ASN C 123 2.79 22.66 45.02
N ASP C 124 2.44 21.43 45.41
CA ASP C 124 1.84 21.17 46.71
C ASP C 124 2.78 20.86 47.87
N HIS C 125 3.86 20.14 47.60
CA HIS C 125 4.80 19.78 48.66
C HIS C 125 5.42 20.95 49.41
N PRO C 126 5.66 22.08 48.74
CA PRO C 126 6.25 23.19 49.51
C PRO C 126 5.40 23.52 50.74
N ALA C 127 4.11 23.81 50.56
CA ALA C 127 3.23 24.13 51.70
C ALA C 127 3.12 22.95 52.65
N LEU C 128 3.00 21.74 52.10
CA LEU C 128 2.90 20.54 52.90
C LEU C 128 4.12 20.35 53.79
N SER C 129 5.30 20.61 53.25
CA SER C 129 6.53 20.44 54.00
C SER C 129 6.62 21.42 55.16
N ILE C 130 6.06 22.61 54.98
CA ILE C 130 6.05 23.62 56.02
C ILE C 130 5.09 23.20 57.13
N ALA C 131 3.90 22.75 56.76
CA ALA C 131 2.91 22.32 57.73
C ALA C 131 3.40 21.16 58.62
N VAL C 132 4.12 20.21 58.03
CA VAL C 132 4.64 19.07 58.79
C VAL C 132 5.99 19.33 59.45
N GLU C 133 6.54 20.53 59.23
CA GLU C 133 7.81 20.96 59.81
C GLU C 133 9.01 20.16 59.34
N ALA C 134 9.00 19.81 58.06
CA ALA C 134 10.08 19.04 57.48
C ALA C 134 11.41 19.79 57.41
N HIS C 135 12.46 19.03 57.23
CA HIS C 135 13.80 19.56 57.07
C HIS C 135 14.43 18.80 55.92
N PHE C 136 15.25 19.48 55.15
CA PHE C 136 15.88 18.87 53.98
C PHE C 136 17.39 18.75 54.11
N VAL C 137 17.91 17.56 53.82
CA VAL C 137 19.35 17.30 53.86
C VAL C 137 19.96 17.54 52.49
N LEU C 138 20.92 18.46 52.42
CA LEU C 138 21.60 18.81 51.16
C LEU C 138 23.08 18.42 51.16
N GLU C 139 23.51 17.77 50.08
CA GLU C 139 24.92 17.37 50.00
C GLU C 139 25.65 18.13 48.91
N GLY C 140 26.74 18.78 49.31
CA GLY C 140 27.56 19.51 48.38
C GLY C 140 28.97 18.98 48.43
N PRO C 141 29.94 19.65 47.81
CA PRO C 141 31.32 19.17 47.85
C PRO C 141 31.95 19.20 49.24
N ASN C 142 31.43 20.08 50.10
CA ASN C 142 31.96 20.22 51.46
C ASN C 142 31.29 19.32 52.50
N GLY C 143 30.19 18.67 52.11
CA GLY C 143 29.50 17.80 53.04
C GLY C 143 28.00 17.99 53.03
N ARG C 144 27.37 17.68 54.15
CA ARG C 144 25.93 17.80 54.26
C ARG C 144 25.51 18.93 55.19
N ARG C 145 24.30 19.45 54.95
CA ARG C 145 23.73 20.52 55.75
C ARG C 145 22.23 20.30 55.72
N THR C 146 21.56 20.57 56.83
CA THR C 146 20.12 20.41 56.89
C THR C 146 19.47 21.77 57.07
N VAL C 147 18.46 22.05 56.24
CA VAL C 147 17.74 23.30 56.30
C VAL C 147 16.24 23.03 56.48
N PRO C 148 15.52 23.94 57.15
CA PRO C 148 14.09 23.78 57.38
C PRO C 148 13.23 24.13 56.16
N ALA C 149 12.09 23.47 56.03
CA ALA C 149 11.17 23.74 54.94
C ALA C 149 10.74 25.20 55.10
N ASP C 150 10.46 25.58 56.35
CA ASP C 150 10.05 26.96 56.66
C ASP C 150 11.28 27.85 56.58
N GLY C 151 11.59 28.31 55.38
CA GLY C 151 12.76 29.16 55.18
C GLY C 151 13.53 28.74 53.94
N PHE C 152 13.12 27.60 53.36
CA PHE C 152 13.74 27.03 52.17
C PHE C 152 13.33 27.71 50.85
N PHE C 153 12.11 28.24 50.84
CA PHE C 153 11.55 28.87 49.64
C PHE C 153 11.79 30.37 49.60
N LEU C 154 12.64 30.79 48.66
CA LEU C 154 13.03 32.19 48.50
C LEU C 154 12.26 32.99 47.46
N GLY C 155 11.92 32.32 46.36
CA GLY C 155 11.18 32.98 45.30
C GLY C 155 10.65 31.94 44.33
N THR C 156 10.04 32.40 43.25
CA THR C 156 9.49 31.52 42.25
C THR C 156 10.65 30.78 41.58
N TYR C 157 10.67 29.46 41.76
CA TYR C 157 11.70 28.57 41.22
C TYR C 157 13.04 28.71 41.96
N MET C 158 13.03 29.43 43.08
CA MET C 158 14.25 29.65 43.87
C MET C 158 14.17 29.09 45.29
N THR C 159 15.20 28.35 45.69
CA THR C 159 15.26 27.78 47.03
C THR C 159 16.65 27.98 47.61
N LEU C 160 16.86 27.53 48.85
CA LEU C 160 18.15 27.65 49.52
C LEU C 160 19.21 26.71 48.89
N LEU C 161 18.73 25.79 48.05
CA LEU C 161 19.58 24.83 47.37
C LEU C 161 20.63 25.53 46.50
N GLU C 162 21.88 25.13 46.65
CA GLU C 162 22.99 25.70 45.89
C GLU C 162 23.16 24.88 44.61
N GLU C 163 23.69 25.51 43.55
CA GLU C 163 23.88 24.84 42.27
C GLU C 163 24.73 23.57 42.29
N ASN C 164 25.56 23.42 43.33
CA ASN C 164 26.40 22.24 43.45
C ASN C 164 25.91 21.27 44.53
N GLU C 165 24.63 21.38 44.89
CA GLU C 165 24.08 20.50 45.92
C GLU C 165 23.01 19.55 45.38
N VAL C 166 22.79 18.46 46.10
CA VAL C 166 21.80 17.46 45.76
C VAL C 166 20.97 17.20 47.02
N MET C 167 19.65 17.37 46.93
CA MET C 167 18.82 17.10 48.10
C MET C 167 18.79 15.59 48.23
N VAL C 168 19.24 15.10 49.38
CA VAL C 168 19.31 13.66 49.65
C VAL C 168 18.04 13.05 50.24
N GLU C 169 17.50 13.69 51.27
CA GLU C 169 16.30 13.16 51.92
C GLU C 169 15.47 14.23 52.61
N ILE C 170 14.21 13.90 52.86
CA ILE C 170 13.29 14.80 53.54
C ILE C 170 12.97 14.18 54.90
N ARG C 171 13.37 14.90 55.95
CA ARG C 171 13.15 14.45 57.31
C ARG C 171 11.99 15.19 57.94
N VAL C 172 11.05 14.44 58.49
CA VAL C 172 9.89 15.06 59.12
C VAL C 172 9.49 14.33 60.40
N PRO C 173 9.20 15.11 61.46
CA PRO C 173 8.80 14.51 62.73
C PRO C 173 7.48 13.76 62.60
N ALA C 174 7.45 12.54 63.15
CA ALA C 174 6.24 11.73 63.10
C ALA C 174 5.14 12.45 63.86
N PHE C 175 3.93 12.38 63.33
CA PHE C 175 2.78 13.03 63.97
C PHE C 175 2.60 12.43 65.34
N ALA C 176 2.41 13.28 66.34
CA ALA C 176 2.18 12.80 67.70
C ALA C 176 0.75 12.25 67.68
N GLN C 177 0.49 11.19 68.45
CA GLN C 177 -0.85 10.59 68.50
C GLN C 177 -1.96 11.63 68.73
N GLY C 178 -2.96 11.62 67.85
CA GLY C 178 -4.06 12.55 67.96
C GLY C 178 -3.88 13.83 67.15
N THR C 179 -2.84 13.89 66.32
CA THR C 179 -2.60 15.07 65.50
C THR C 179 -3.65 15.21 64.39
N GLY C 180 -4.22 16.39 64.28
CA GLY C 180 -5.20 16.66 63.25
C GLY C 180 -4.47 17.26 62.06
N TRP C 181 -5.04 17.09 60.87
CA TRP C 181 -4.41 17.61 59.65
C TRP C 181 -5.39 17.80 58.51
N ALA C 182 -4.93 18.44 57.44
CA ALA C 182 -5.76 18.67 56.28
C ALA C 182 -5.03 19.40 55.16
N TYR C 183 -5.46 19.13 53.93
CA TYR C 183 -4.93 19.82 52.76
C TYR C 183 -6.12 20.09 51.85
N GLU C 184 -6.60 21.32 51.86
CA GLU C 184 -7.73 21.71 51.02
C GLU C 184 -7.17 22.34 49.76
N LYS C 185 -7.44 21.72 48.61
CA LYS C 185 -6.95 22.23 47.34
C LYS C 185 -8.07 22.53 46.32
N LEU C 186 -8.20 23.80 45.97
CA LEU C 186 -9.19 24.26 45.00
C LEU C 186 -8.52 24.12 43.63
N LYS C 187 -9.12 23.35 42.73
CA LYS C 187 -8.53 23.11 41.41
C LYS C 187 -9.61 23.02 40.32
N ARG C 188 -9.29 23.47 39.10
CA ARG C 188 -10.25 23.43 37.97
C ARG C 188 -10.64 22.00 37.60
N LYS C 189 -9.67 21.09 37.70
CA LYS C 189 -9.88 19.70 37.38
C LYS C 189 -8.85 18.85 38.08
N THR C 190 -9.07 17.54 38.06
CA THR C 190 -8.16 16.59 38.66
C THR C 190 -6.85 16.65 37.86
N GLY C 191 -5.72 16.69 38.57
CA GLY C 191 -4.42 16.74 37.92
C GLY C 191 -3.92 18.12 37.52
N ASP C 192 -4.56 19.17 38.04
CA ASP C 192 -4.18 20.54 37.74
C ASP C 192 -3.60 21.16 38.99
N TRP C 193 -2.87 22.25 38.83
CA TRP C 193 -2.29 22.96 39.97
C TRP C 193 -3.39 23.72 40.67
N ALA C 194 -3.23 23.88 41.98
CA ALA C 194 -4.23 24.57 42.77
C ALA C 194 -4.41 26.02 42.40
N THR C 195 -5.66 26.48 42.49
CA THR C 195 -5.97 27.89 42.27
C THR C 195 -5.58 28.53 43.61
N ALA C 196 -5.76 27.76 44.68
CA ALA C 196 -5.44 28.14 46.04
C ALA C 196 -5.48 26.87 46.87
N GLY C 197 -4.59 26.76 47.86
CA GLY C 197 -4.59 25.58 48.71
C GLY C 197 -4.08 25.92 50.10
N CYS C 198 -4.45 25.11 51.08
CA CYS C 198 -4.01 25.33 52.45
C CYS C 198 -3.73 24.03 53.17
N ALA C 199 -2.52 23.92 53.69
CA ALA C 199 -2.07 22.76 54.44
C ALA C 199 -2.10 23.12 55.93
N VAL C 200 -2.63 22.21 56.74
CA VAL C 200 -2.74 22.42 58.19
C VAL C 200 -2.40 21.17 58.99
N VAL C 201 -1.68 21.37 60.08
CA VAL C 201 -1.35 20.31 61.03
C VAL C 201 -1.64 20.97 62.38
N MET C 202 -2.43 20.31 63.21
CA MET C 202 -2.76 20.87 64.52
C MET C 202 -2.98 19.84 65.62
N ARG C 203 -2.76 20.27 66.86
CA ARG C 203 -2.94 19.42 68.03
C ARG C 203 -3.96 20.09 68.93
N LYS C 204 -4.69 19.27 69.67
CA LYS C 204 -5.74 19.73 70.56
C LYS C 204 -5.44 19.37 72.01
N SER C 205 -5.96 20.19 72.92
CA SER C 205 -5.81 20.02 74.36
C SER C 205 -7.09 20.58 74.97
N GLY C 206 -8.03 19.68 75.27
CA GLY C 206 -9.31 20.12 75.81
C GLY C 206 -10.11 20.73 74.68
N ASN C 207 -10.56 21.97 74.86
CA ASN C 207 -11.32 22.64 73.82
C ASN C 207 -10.48 23.71 73.12
N THR C 208 -9.16 23.65 73.30
CA THR C 208 -8.26 24.64 72.71
C THR C 208 -7.20 24.06 71.77
N VAL C 209 -6.64 24.92 70.92
CA VAL C 209 -5.60 24.51 69.98
C VAL C 209 -4.25 24.58 70.71
N SER C 210 -3.59 23.43 70.84
CA SER C 210 -2.29 23.36 71.51
C SER C 210 -1.08 23.42 70.57
N HIS C 211 -1.31 23.18 69.29
CA HIS C 211 -0.26 23.20 68.27
C HIS C 211 -0.89 23.55 66.92
N ILE C 212 -0.24 24.44 66.15
CA ILE C 212 -0.79 24.83 64.86
C ILE C 212 0.22 25.27 63.80
N ARG C 213 0.09 24.71 62.60
CA ARG C 213 0.93 25.02 61.45
C ARG C 213 -0.01 25.28 60.30
N ILE C 214 0.07 26.47 59.71
CA ILE C 214 -0.77 26.83 58.56
C ILE C 214 0.12 27.28 57.41
N ALA C 215 -0.08 26.67 56.24
CA ALA C 215 0.70 26.99 55.05
C ALA C 215 -0.21 27.16 53.83
N LEU C 216 0.18 28.07 52.93
CA LEU C 216 -0.61 28.40 51.75
C LEU C 216 0.02 28.10 50.39
N THR C 217 -0.75 27.46 49.52
CA THR C 217 -0.30 27.08 48.18
C THR C 217 -0.82 27.99 47.06
N ASN C 218 0.09 28.37 46.17
CA ASN C 218 -0.18 29.19 44.99
C ASN C 218 -0.86 30.55 45.17
N VAL C 219 -0.57 31.24 46.27
CA VAL C 219 -1.17 32.55 46.53
C VAL C 219 -0.14 33.64 46.77
N ALA C 220 1.09 33.38 46.32
CA ALA C 220 2.23 34.28 46.45
C ALA C 220 3.36 33.70 45.60
N PRO C 221 4.47 34.44 45.41
CA PRO C 221 5.58 33.90 44.60
C PRO C 221 6.21 32.62 45.17
N THR C 222 5.84 32.28 46.42
CA THR C 222 6.35 31.10 47.09
C THR C 222 5.26 30.56 48.01
N ALA C 223 5.45 29.34 48.51
CA ALA C 223 4.51 28.76 49.44
C ALA C 223 4.71 29.61 50.69
N LEU C 224 3.64 29.83 51.45
CA LEU C 224 3.77 30.67 52.63
C LEU C 224 3.25 30.06 53.92
N ARG C 225 4.01 30.29 55.00
CA ARG C 225 3.57 29.86 56.32
C ARG C 225 2.76 31.06 56.81
N ALA C 226 1.68 30.81 57.52
CA ALA C 226 0.85 31.90 58.03
C ALA C 226 0.94 32.00 59.56
N GLU C 227 2.00 32.63 60.03
CA GLU C 227 2.23 32.77 61.47
C GLU C 227 1.20 33.61 62.21
N ALA C 228 0.82 34.76 61.66
CA ALA C 228 -0.19 35.60 62.29
C ALA C 228 -1.49 34.81 62.36
N ALA C 229 -1.72 33.97 61.35
CA ALA C 229 -2.92 33.13 61.29
C ALA C 229 -2.80 32.08 62.39
N GLU C 230 -1.60 31.57 62.62
CA GLU C 230 -1.38 30.57 63.67
C GLU C 230 -1.67 31.20 65.03
N ALA C 231 -1.22 32.44 65.20
CA ALA C 231 -1.39 33.17 66.44
C ALA C 231 -2.85 33.46 66.76
N ALA C 232 -3.70 33.40 65.74
CA ALA C 232 -5.12 33.65 65.96
C ALA C 232 -5.78 32.44 66.60
N LEU C 233 -5.06 31.32 66.63
CA LEU C 233 -5.60 30.10 67.20
C LEU C 233 -4.88 29.51 68.41
N LEU C 234 -3.54 29.55 68.42
CA LEU C 234 -2.74 28.98 69.51
C LEU C 234 -3.15 29.33 70.94
N GLY C 235 -3.47 28.30 71.72
CA GLY C 235 -3.86 28.48 73.11
C GLY C 235 -5.24 29.06 73.31
N LYS C 236 -6.02 29.10 72.23
CA LYS C 236 -7.38 29.63 72.27
C LYS C 236 -8.39 28.53 71.97
N ALA C 237 -9.64 28.73 72.40
CA ALA C 237 -10.69 27.74 72.13
C ALA C 237 -10.94 27.74 70.62
N PHE C 238 -11.24 26.56 70.06
CA PHE C 238 -11.52 26.47 68.64
C PHE C 238 -12.95 26.93 68.37
N THR C 239 -13.09 28.18 67.93
CA THR C 239 -14.38 28.77 67.64
C THR C 239 -14.45 29.33 66.24
N LYS C 240 -15.67 29.54 65.75
CA LYS C 240 -15.93 30.09 64.43
C LYS C 240 -15.18 31.43 64.27
N GLU C 241 -15.24 32.26 65.31
CA GLU C 241 -14.60 33.56 65.31
C GLU C 241 -13.08 33.47 65.15
N ALA C 242 -12.48 32.51 65.85
CA ALA C 242 -11.04 32.30 65.80
C ALA C 242 -10.62 31.83 64.41
N VAL C 243 -11.41 30.92 63.84
CA VAL C 243 -11.15 30.37 62.52
C VAL C 243 -11.20 31.49 61.49
N GLN C 244 -12.17 32.38 61.63
CA GLN C 244 -12.32 33.50 60.70
C GLN C 244 -11.13 34.44 60.84
N ALA C 245 -10.70 34.66 62.08
CA ALA C 245 -9.56 35.52 62.36
C ALA C 245 -8.33 34.96 61.67
N ALA C 246 -8.17 33.64 61.74
CA ALA C 246 -7.03 32.97 61.10
C ALA C 246 -7.11 33.14 59.59
N ALA C 247 -8.32 32.97 59.04
CA ALA C 247 -8.52 33.13 57.60
C ALA C 247 -8.13 34.54 57.16
N ASP C 248 -8.58 35.54 57.93
CA ASP C 248 -8.27 36.94 57.63
C ASP C 248 -6.77 37.22 57.72
N ALA C 249 -6.12 36.61 58.70
CA ALA C 249 -4.68 36.80 58.88
C ALA C 249 -3.92 36.17 57.71
N ALA C 250 -4.45 35.07 57.20
CA ALA C 250 -3.85 34.37 56.07
C ALA C 250 -4.10 35.21 54.83
N ILE C 251 -5.33 35.70 54.70
CA ILE C 251 -5.72 36.53 53.56
C ILE C 251 -4.81 37.77 53.46
N ALA C 252 -4.44 38.33 54.60
CA ALA C 252 -3.58 39.52 54.63
C ALA C 252 -2.19 39.37 54.01
N ILE C 253 -1.63 38.16 54.05
CA ILE C 253 -0.30 37.93 53.50
C ILE C 253 -0.28 37.40 52.08
N CYS C 254 -1.46 37.25 51.47
CA CYS C 254 -1.52 36.76 50.10
C CYS C 254 -1.02 37.81 49.11
N GLU C 255 -0.34 37.36 48.06
CA GLU C 255 0.18 38.24 46.99
C GLU C 255 0.06 37.38 45.73
N PRO C 256 -1.17 36.99 45.36
CA PRO C 256 -1.40 36.14 44.19
C PRO C 256 -1.10 36.78 42.86
N ALA C 257 -0.69 35.95 41.91
CA ALA C 257 -0.41 36.38 40.55
C ALA C 257 -1.68 36.14 39.73
N GLU C 258 -2.01 37.10 38.90
CA GLU C 258 -3.20 36.98 38.06
C GLU C 258 -2.90 36.19 36.79
N ASP C 259 -3.68 35.13 36.58
CA ASP C 259 -3.57 34.29 35.38
C ASP C 259 -4.93 33.68 35.05
N LEU C 260 -4.93 32.60 34.27
CA LEU C 260 -6.19 31.97 33.87
C LEU C 260 -6.94 31.25 34.98
N ARG C 261 -6.30 31.09 36.14
CA ARG C 261 -6.94 30.45 37.30
C ARG C 261 -7.72 31.50 38.10
N GLY C 262 -7.53 32.77 37.75
CA GLY C 262 -8.23 33.85 38.43
C GLY C 262 -7.38 35.06 38.77
N ASP C 263 -8.04 36.12 39.22
CA ASP C 263 -7.32 37.33 39.62
C ASP C 263 -6.94 37.27 41.10
N ALA C 264 -6.25 38.29 41.59
CA ALA C 264 -5.82 38.35 42.99
C ALA C 264 -7.03 38.30 43.91
N ASP C 265 -8.10 38.96 43.47
CA ASP C 265 -9.36 39.02 44.21
C ASP C 265 -9.90 37.62 44.53
N TYR C 266 -10.02 36.78 43.50
CA TYR C 266 -10.53 35.42 43.66
C TYR C 266 -9.56 34.49 44.42
N LYS C 267 -8.29 34.52 44.06
CA LYS C 267 -7.31 33.65 44.73
C LYS C 267 -7.19 33.94 46.21
N THR C 268 -7.22 35.22 46.56
CA THR C 268 -7.13 35.63 47.97
C THR C 268 -8.34 35.12 48.71
N ALA C 269 -9.53 35.37 48.15
CA ALA C 269 -10.78 34.93 48.77
C ALA C 269 -10.80 33.42 48.93
N MET C 270 -10.29 32.71 47.92
CA MET C 270 -10.26 31.26 47.98
C MET C 270 -9.24 30.74 48.99
N ALA C 271 -8.15 31.48 49.17
CA ALA C 271 -7.13 31.11 50.15
C ALA C 271 -7.76 31.10 51.54
N GLY C 272 -8.53 32.15 51.85
CA GLY C 272 -9.20 32.25 53.14
C GLY C 272 -10.23 31.15 53.30
N GLN C 273 -10.89 30.80 52.20
CA GLN C 273 -11.91 29.75 52.20
C GLN C 273 -11.24 28.39 52.45
N MET C 274 -10.08 28.18 51.85
CA MET C 274 -9.37 26.91 52.06
C MET C 274 -8.82 26.83 53.49
N VAL C 275 -8.49 27.98 54.08
CA VAL C 275 -7.98 28.01 55.44
C VAL C 275 -9.10 27.59 56.40
N LYS C 276 -10.29 28.17 56.22
CA LYS C 276 -11.44 27.83 57.06
C LYS C 276 -11.76 26.36 56.94
N ARG C 277 -11.75 25.82 55.72
CA ARG C 277 -12.02 24.40 55.50
C ARG C 277 -10.93 23.49 56.05
N ALA C 278 -9.67 23.90 55.92
CA ALA C 278 -8.54 23.12 56.41
C ALA C 278 -8.56 23.04 57.94
N LEU C 279 -8.68 24.20 58.58
CA LEU C 279 -8.72 24.27 60.04
C LEU C 279 -9.86 23.43 60.58
N ASN C 280 -11.02 23.52 59.95
CA ASN C 280 -12.20 22.75 60.36
C ASN C 280 -12.02 21.25 60.18
N ALA C 281 -11.44 20.86 59.06
CA ALA C 281 -11.22 19.45 58.77
C ALA C 281 -10.12 18.90 59.70
N ALA C 282 -9.13 19.74 59.99
CA ALA C 282 -8.04 19.36 60.86
C ALA C 282 -8.55 19.12 62.28
N TRP C 283 -9.36 20.06 62.78
CA TRP C 283 -9.91 19.95 64.12
C TRP C 283 -10.67 18.65 64.29
N ALA C 284 -11.50 18.32 63.30
CA ALA C 284 -12.30 17.10 63.32
C ALA C 284 -11.44 15.83 63.40
N ARG C 285 -10.19 15.95 62.98
CA ARG C 285 -9.26 14.82 63.00
C ARG C 285 -8.45 14.72 64.28
N CYS C 286 -8.55 15.74 65.13
CA CYS C 286 -7.83 15.76 66.41
C CYS C 286 -8.48 14.85 67.45
N ALA C 287 -7.66 14.32 68.35
CA ALA C 287 -8.12 13.42 69.41
C ALA C 287 -7.08 13.33 70.52
N ALA D 2 30.79 -15.95 8.73
CA ALA D 2 30.50 -14.72 9.47
C ALA D 2 30.35 -13.55 8.51
N LYS D 3 29.45 -12.63 8.83
CA LYS D 3 29.22 -11.48 7.97
C LYS D 3 30.44 -10.57 7.82
N LYS D 4 30.72 -10.17 6.58
CA LYS D 4 31.83 -9.26 6.37
C LYS D 4 31.33 -7.85 6.14
N ILE D 5 31.91 -6.91 6.86
CA ILE D 5 31.54 -5.51 6.73
C ILE D 5 32.18 -4.96 5.45
N ILE D 6 31.36 -4.37 4.59
CA ILE D 6 31.86 -3.82 3.32
C ILE D 6 31.15 -2.50 3.00
N THR D 7 31.80 -1.70 2.16
CA THR D 7 31.19 -0.47 1.72
C THR D 7 31.30 -0.51 0.22
N VAL D 8 30.15 -0.53 -0.44
CA VAL D 8 30.12 -0.55 -1.89
C VAL D 8 29.43 0.71 -2.38
N ASN D 9 30.03 1.34 -3.40
CA ASN D 9 29.49 2.55 -3.95
C ASN D 9 28.47 2.21 -5.02
N VAL D 10 27.21 2.51 -4.75
CA VAL D 10 26.15 2.22 -5.71
C VAL D 10 25.51 3.52 -6.18
N ASN D 11 25.63 3.79 -7.48
CA ASN D 11 25.07 5.01 -8.06
C ASN D 11 25.70 6.25 -7.38
N GLY D 12 26.97 6.12 -7.01
CA GLY D 12 27.69 7.21 -6.40
C GLY D 12 27.46 7.45 -4.92
N LYS D 13 26.77 6.53 -4.27
CA LYS D 13 26.48 6.66 -2.86
C LYS D 13 27.05 5.47 -2.11
N ALA D 14 27.70 5.75 -0.98
CA ALA D 14 28.31 4.71 -0.16
C ALA D 14 27.28 3.87 0.58
N GLN D 15 27.37 2.55 0.41
CA GLN D 15 26.46 1.61 1.07
C GLN D 15 27.24 0.73 2.03
N GLU D 16 27.18 1.08 3.32
CA GLU D 16 27.88 0.33 4.36
C GLU D 16 26.99 -0.79 4.90
N LYS D 17 27.41 -2.03 4.68
CA LYS D 17 26.65 -3.19 5.13
C LYS D 17 27.56 -4.33 5.57
N ALA D 18 26.96 -5.36 6.15
CA ALA D 18 27.68 -6.53 6.61
C ALA D 18 26.93 -7.75 6.07
N VAL D 19 27.57 -8.51 5.18
CA VAL D 19 26.93 -9.68 4.57
C VAL D 19 27.78 -10.93 4.54
N GLU D 20 27.13 -12.09 4.54
CA GLU D 20 27.82 -13.38 4.49
C GLU D 20 28.54 -13.41 3.14
N PRO D 21 29.73 -14.04 3.07
CA PRO D 21 30.51 -14.14 1.84
C PRO D 21 29.78 -14.72 0.63
N ARG D 22 28.84 -15.64 0.87
CA ARG D 22 28.07 -16.26 -0.21
C ARG D 22 26.99 -15.39 -0.82
N THR D 23 26.78 -14.20 -0.27
CA THR D 23 25.77 -13.30 -0.79
C THR D 23 26.07 -12.83 -2.21
N LEU D 24 25.21 -13.24 -3.15
CA LEU D 24 25.34 -12.84 -4.55
C LEU D 24 25.06 -11.36 -4.64
N LEU D 25 25.78 -10.64 -5.50
CA LEU D 25 25.59 -9.21 -5.66
C LEU D 25 24.14 -8.84 -5.99
N ILE D 26 23.47 -9.68 -6.78
CA ILE D 26 22.08 -9.43 -7.18
C ILE D 26 21.17 -9.40 -5.95
N HIS D 27 21.38 -10.29 -5.00
CA HIS D 27 20.54 -10.28 -3.81
C HIS D 27 20.91 -9.11 -2.91
N PHE D 28 22.19 -8.75 -2.91
CA PHE D 28 22.65 -7.64 -2.10
C PHE D 28 21.90 -6.36 -2.52
N LEU D 29 21.90 -6.10 -3.82
CA LEU D 29 21.23 -4.93 -4.38
C LEU D 29 19.73 -4.97 -4.15
N ARG D 30 19.12 -6.10 -4.45
CA ARG D 30 17.68 -6.25 -4.29
C ARG D 30 17.21 -6.34 -2.85
N GLU D 31 17.89 -7.13 -2.04
CA GLU D 31 17.50 -7.36 -0.66
C GLU D 31 18.00 -6.37 0.38
N GLU D 32 19.26 -5.98 0.27
CA GLU D 32 19.84 -5.07 1.23
C GLU D 32 19.58 -3.60 0.95
N LEU D 33 19.62 -3.22 -0.34
CA LEU D 33 19.44 -1.83 -0.71
C LEU D 33 18.10 -1.48 -1.35
N ASN D 34 17.25 -2.48 -1.57
CA ASN D 34 15.96 -2.26 -2.20
C ASN D 34 16.09 -1.67 -3.61
N LEU D 35 17.20 -1.94 -4.28
CA LEU D 35 17.38 -1.45 -5.64
C LEU D 35 16.88 -2.64 -6.46
N THR D 36 15.56 -2.78 -6.46
CA THR D 36 14.89 -3.89 -7.12
C THR D 36 14.68 -3.83 -8.62
N GLY D 37 15.43 -2.94 -9.28
CA GLY D 37 15.35 -2.81 -10.73
C GLY D 37 15.97 -4.04 -11.36
N ALA D 38 17.19 -4.37 -10.94
CA ALA D 38 17.89 -5.56 -11.42
C ALA D 38 17.03 -6.78 -11.07
N HIS D 39 16.89 -7.71 -12.01
CA HIS D 39 16.06 -8.89 -11.79
C HIS D 39 16.79 -10.22 -11.94
N ILE D 40 16.10 -11.27 -11.53
CA ILE D 40 16.62 -12.64 -11.62
C ILE D 40 15.74 -13.43 -12.58
N GLY D 41 16.36 -14.01 -13.62
CA GLY D 41 15.61 -14.78 -14.59
C GLY D 41 16.14 -16.18 -14.82
N CYS D 42 17.19 -16.56 -14.10
CA CYS D 42 17.77 -17.89 -14.25
C CYS D 42 18.77 -18.13 -13.14
N GLU D 43 19.30 -19.37 -13.07
CA GLU D 43 20.29 -19.69 -12.06
C GLU D 43 21.59 -20.15 -12.72
N THR D 44 21.61 -20.12 -14.06
CA THR D 44 22.76 -20.57 -14.86
C THR D 44 23.60 -19.50 -15.55
N SER D 45 23.36 -18.22 -15.23
CA SER D 45 24.12 -17.09 -15.80
C SER D 45 23.87 -16.74 -17.27
N HIS D 46 22.75 -17.17 -17.84
CA HIS D 46 22.46 -16.89 -19.24
C HIS D 46 21.64 -15.62 -19.55
N CYS D 47 20.60 -15.36 -18.77
CA CYS D 47 19.69 -14.25 -19.05
C CYS D 47 20.12 -12.80 -19.01
N GLY D 48 21.08 -12.46 -18.16
CA GLY D 48 21.55 -11.07 -18.08
C GLY D 48 20.56 -10.04 -17.50
N ALA D 49 19.48 -10.51 -16.89
CA ALA D 49 18.47 -9.61 -16.32
C ALA D 49 19.00 -8.90 -15.08
N CYS D 50 20.09 -9.43 -14.55
CA CYS D 50 20.75 -8.92 -13.35
C CYS D 50 21.97 -8.06 -13.71
N THR D 51 22.14 -7.74 -15.00
CA THR D 51 23.29 -6.95 -15.43
C THR D 51 23.38 -5.57 -14.79
N VAL D 52 24.54 -5.29 -14.18
CA VAL D 52 24.83 -4.00 -13.57
C VAL D 52 26.24 -3.61 -14.04
N ASP D 53 26.60 -2.34 -13.90
CA ASP D 53 27.94 -1.90 -14.33
C ASP D 53 28.88 -1.83 -13.13
N ILE D 54 29.85 -2.74 -13.10
CA ILE D 54 30.81 -2.77 -12.00
C ILE D 54 32.21 -2.35 -12.45
N ASP D 55 32.71 -1.29 -11.84
CA ASP D 55 34.04 -0.77 -12.16
C ASP D 55 34.32 -0.61 -13.65
N GLY D 56 33.34 -0.04 -14.35
CA GLY D 56 33.45 0.21 -15.78
C GLY D 56 33.14 -0.92 -16.74
N ARG D 57 32.60 -2.04 -16.24
CA ARG D 57 32.28 -3.17 -17.10
C ARG D 57 30.89 -3.78 -16.83
N SER D 58 30.29 -4.35 -17.86
CA SER D 58 28.98 -4.99 -17.75
C SER D 58 29.17 -6.36 -17.07
N VAL D 59 28.49 -6.57 -15.95
CA VAL D 59 28.61 -7.83 -15.21
C VAL D 59 27.27 -8.38 -14.71
N LYS D 60 27.07 -9.68 -14.87
CA LYS D 60 25.85 -10.32 -14.38
C LYS D 60 25.99 -10.49 -12.86
N SER D 61 25.34 -9.60 -12.12
CA SER D 61 25.41 -9.62 -10.66
C SER D 61 24.99 -10.89 -9.95
N CYS D 62 24.40 -11.85 -10.67
CA CYS D 62 24.01 -13.11 -10.04
C CYS D 62 25.20 -14.08 -9.99
N THR D 63 26.27 -13.71 -10.69
CA THR D 63 27.48 -14.52 -10.77
C THR D 63 28.68 -13.72 -10.26
N HIS D 64 28.46 -12.95 -9.20
CA HIS D 64 29.51 -12.12 -8.60
C HIS D 64 29.13 -11.91 -7.14
N LEU D 65 30.12 -12.02 -6.26
CA LEU D 65 29.88 -11.85 -4.82
C LEU D 65 29.89 -10.40 -4.40
N ALA D 66 28.99 -10.07 -3.48
CA ALA D 66 28.88 -8.72 -2.95
C ALA D 66 30.19 -8.36 -2.24
N VAL D 67 30.75 -9.35 -1.54
CA VAL D 67 31.98 -9.16 -0.79
C VAL D 67 33.21 -8.89 -1.67
N GLN D 68 33.07 -9.08 -2.98
CA GLN D 68 34.14 -8.81 -3.93
C GLN D 68 34.01 -7.38 -4.43
N CYS D 69 33.02 -6.65 -3.90
CA CYS D 69 32.74 -5.28 -4.31
C CYS D 69 33.08 -4.19 -3.30
N ASP D 70 33.77 -4.55 -2.22
CA ASP D 70 34.15 -3.59 -1.19
C ASP D 70 35.04 -2.50 -1.80
N GLY D 71 34.44 -1.34 -2.05
CA GLY D 71 35.17 -0.23 -2.63
C GLY D 71 34.85 -0.03 -4.10
N SER D 72 34.13 -0.97 -4.71
CA SER D 72 33.77 -0.87 -6.12
C SER D 72 32.74 0.21 -6.42
N GLU D 73 32.63 0.54 -7.71
CA GLU D 73 31.68 1.52 -8.22
C GLU D 73 30.60 0.74 -8.98
N VAL D 74 29.42 0.61 -8.38
CA VAL D 74 28.32 -0.11 -9.02
C VAL D 74 27.25 0.86 -9.53
N LEU D 75 26.78 0.59 -10.74
CA LEU D 75 25.74 1.40 -11.40
C LEU D 75 24.57 0.49 -11.70
N THR D 76 23.37 0.91 -11.27
CA THR D 76 22.15 0.15 -11.50
C THR D 76 21.20 1.05 -12.28
N VAL D 77 20.14 0.46 -12.84
CA VAL D 77 19.18 1.22 -13.63
C VAL D 77 18.63 2.45 -12.91
N GLU D 78 18.49 2.36 -11.59
CA GLU D 78 17.98 3.48 -10.80
C GLU D 78 18.87 4.71 -10.87
N GLY D 79 20.13 4.52 -11.27
CA GLY D 79 21.06 5.63 -11.34
C GLY D 79 21.40 6.18 -12.72
N LEU D 80 20.70 5.72 -13.75
CA LEU D 80 20.95 6.19 -15.11
C LEU D 80 20.45 7.61 -15.36
N ALA D 81 19.22 7.88 -14.93
CA ALA D 81 18.62 9.20 -15.10
C ALA D 81 19.37 10.22 -14.25
N ASN D 82 19.65 11.39 -14.83
CA ASN D 82 20.34 12.45 -14.09
C ASN D 82 19.41 13.65 -13.93
N LYS D 83 19.17 14.04 -12.69
CA LYS D 83 18.31 15.19 -12.38
C LYS D 83 16.92 15.00 -13.03
N GLY D 84 16.47 13.75 -13.08
CA GLY D 84 15.18 13.47 -13.67
C GLY D 84 15.18 13.23 -15.18
N VAL D 85 16.17 13.80 -15.88
CA VAL D 85 16.27 13.62 -17.33
C VAL D 85 16.77 12.23 -17.66
N LEU D 86 15.98 11.49 -18.43
CA LEU D 86 16.34 10.13 -18.82
C LEU D 86 17.63 10.06 -19.62
N HIS D 87 18.37 9.00 -19.41
CA HIS D 87 19.60 8.78 -20.14
C HIS D 87 19.17 8.42 -21.55
N ALA D 88 20.02 8.69 -22.53
CA ALA D 88 19.74 8.40 -23.94
C ALA D 88 19.24 6.98 -24.16
N VAL D 89 19.77 6.09 -23.35
CA VAL D 89 19.46 4.67 -23.40
C VAL D 89 18.02 4.39 -22.94
N GLN D 90 17.58 5.08 -21.89
CA GLN D 90 16.23 4.94 -21.37
C GLN D 90 15.26 5.58 -22.36
N GLU D 91 15.64 6.73 -22.91
CA GLU D 91 14.81 7.43 -23.89
C GLU D 91 14.66 6.60 -25.16
N GLY D 92 15.74 5.94 -25.56
CA GLY D 92 15.70 5.10 -26.74
C GLY D 92 14.72 3.96 -26.59
N PHE D 93 14.76 3.27 -25.45
CA PHE D 93 13.87 2.14 -25.20
C PHE D 93 12.40 2.59 -25.14
N TYR D 94 12.18 3.80 -24.65
CA TYR D 94 10.85 4.37 -24.54
C TYR D 94 10.30 4.75 -25.93
N LYS D 95 11.05 5.57 -26.66
CA LYS D 95 10.64 6.04 -27.98
C LYS D 95 10.47 4.93 -29.02
N GLU D 96 11.30 3.89 -28.94
CA GLU D 96 11.25 2.79 -29.89
C GLU D 96 10.47 1.56 -29.43
N HIS D 97 9.76 1.66 -28.31
CA HIS D 97 8.97 0.55 -27.79
C HIS D 97 9.84 -0.73 -27.61
N GLY D 98 10.98 -0.55 -26.94
CA GLY D 98 11.91 -1.64 -26.69
C GLY D 98 11.57 -2.48 -25.47
N LEU D 99 10.40 -2.27 -24.88
CA LEU D 99 10.00 -3.04 -23.72
C LEU D 99 8.49 -3.30 -23.64
N GLN D 100 8.15 -4.48 -23.15
CA GLN D 100 6.75 -4.83 -22.97
C GLN D 100 6.49 -5.11 -21.49
N CYS D 101 6.92 -6.26 -20.96
CA CYS D 101 6.70 -6.54 -19.54
C CYS D 101 7.69 -5.80 -18.62
N GLY D 102 8.81 -5.36 -19.19
CA GLY D 102 9.82 -4.63 -18.45
C GLY D 102 10.80 -5.42 -17.59
N PHE D 103 10.67 -6.74 -17.58
CA PHE D 103 11.54 -7.56 -16.74
C PHE D 103 13.00 -7.61 -17.17
N CYS D 104 13.24 -7.73 -18.47
CA CYS D 104 14.62 -7.77 -18.96
C CYS D 104 15.17 -6.36 -19.17
N THR D 105 14.29 -5.36 -19.09
CA THR D 105 14.65 -3.96 -19.33
C THR D 105 15.79 -3.35 -18.52
N PRO D 106 15.75 -3.46 -17.18
CA PRO D 106 16.85 -2.87 -16.41
C PRO D 106 18.21 -3.43 -16.83
N GLY D 107 18.24 -4.72 -17.18
CA GLY D 107 19.47 -5.37 -17.59
C GLY D 107 19.91 -4.93 -18.98
N MET D 108 18.92 -4.71 -19.84
CA MET D 108 19.16 -4.27 -21.21
C MET D 108 19.69 -2.85 -21.19
N LEU D 109 19.10 -2.02 -20.35
CA LEU D 109 19.52 -0.63 -20.24
C LEU D 109 20.95 -0.52 -19.73
N MET D 110 21.28 -1.26 -18.66
CA MET D 110 22.63 -1.23 -18.11
C MET D 110 23.67 -1.75 -19.09
N ARG D 111 23.28 -2.74 -19.89
CA ARG D 111 24.19 -3.30 -20.88
C ARG D 111 24.36 -2.31 -22.04
N ALA D 112 23.26 -1.71 -22.50
CA ALA D 112 23.31 -0.75 -23.60
C ALA D 112 24.10 0.49 -23.21
N TYR D 113 24.00 0.87 -21.94
CA TYR D 113 24.72 2.02 -21.41
C TYR D 113 26.24 1.84 -21.59
N ARG D 114 26.72 0.65 -21.26
CA ARG D 114 28.13 0.32 -21.40
C ARG D 114 28.51 0.04 -22.85
N PHE D 115 27.67 -0.73 -23.54
CA PHE D 115 27.91 -1.08 -24.94
C PHE D 115 28.16 0.15 -25.81
N LEU D 116 27.35 1.18 -25.62
CA LEU D 116 27.48 2.41 -26.40
C LEU D 116 28.79 3.17 -26.15
N GLN D 117 29.45 2.87 -25.04
CA GLN D 117 30.74 3.50 -24.74
C GLN D 117 31.84 2.65 -25.41
N GLU D 118 31.66 1.33 -25.40
CA GLU D 118 32.62 0.41 -26.02
C GLU D 118 32.58 0.61 -27.53
N ASN D 119 31.37 0.84 -28.05
CA ASN D 119 31.13 1.01 -29.48
C ASN D 119 30.07 2.09 -29.69
N PRO D 120 30.51 3.35 -29.96
CA PRO D 120 29.67 4.53 -30.20
C PRO D 120 28.79 4.52 -31.44
N ASN D 121 29.27 3.90 -32.51
CA ASN D 121 28.53 3.81 -33.77
C ASN D 121 28.41 2.35 -34.23
N PRO D 122 27.61 1.55 -33.52
CA PRO D 122 27.43 0.14 -33.85
C PRO D 122 26.49 -0.15 -35.03
N THR D 123 26.83 -1.18 -35.79
CA THR D 123 26.01 -1.63 -36.91
C THR D 123 24.96 -2.55 -36.28
N GLU D 124 23.93 -2.93 -37.01
CA GLU D 124 22.92 -3.80 -36.45
C GLU D 124 23.54 -5.11 -35.93
N ALA D 125 24.38 -5.74 -36.75
CA ALA D 125 25.03 -6.98 -36.37
C ALA D 125 25.83 -6.78 -35.08
N GLU D 126 26.53 -5.65 -34.98
CA GLU D 126 27.31 -5.35 -33.80
C GLU D 126 26.41 -5.18 -32.57
N ILE D 127 25.24 -4.58 -32.77
CA ILE D 127 24.28 -4.36 -31.69
C ILE D 127 23.70 -5.68 -31.17
N ARG D 128 23.26 -6.53 -32.10
CA ARG D 128 22.69 -7.81 -31.74
C ARG D 128 23.70 -8.66 -31.00
N MET D 129 24.94 -8.64 -31.49
CA MET D 129 26.03 -9.38 -30.89
C MET D 129 26.44 -8.74 -29.56
N GLY D 130 26.51 -7.42 -29.53
CA GLY D 130 26.87 -6.72 -28.31
C GLY D 130 25.85 -6.82 -27.18
N MET D 131 24.61 -7.17 -27.52
CA MET D 131 23.53 -7.30 -26.53
C MET D 131 23.17 -8.78 -26.31
N THR D 132 23.98 -9.65 -26.91
CA THR D 132 23.79 -11.08 -26.86
C THR D 132 23.71 -11.78 -25.51
N GLY D 133 24.18 -11.11 -24.45
CA GLY D 133 24.13 -11.71 -23.12
C GLY D 133 22.85 -11.40 -22.36
N ASN D 134 21.90 -10.77 -23.04
CA ASN D 134 20.62 -10.40 -22.45
C ASN D 134 19.45 -11.04 -23.19
N LEU D 135 18.67 -11.84 -22.47
CA LEU D 135 17.51 -12.52 -23.04
C LEU D 135 16.23 -11.68 -22.88
N CYS D 136 15.33 -11.75 -23.85
CA CYS D 136 14.03 -11.06 -23.78
C CYS D 136 12.97 -12.01 -24.30
N ARG D 137 11.88 -12.15 -23.55
CA ARG D 137 10.78 -13.03 -23.96
C ARG D 137 9.67 -12.30 -24.73
N CYS D 138 9.53 -11.00 -24.51
CA CYS D 138 8.47 -10.20 -25.12
C CYS D 138 8.69 -9.50 -26.47
N THR D 139 9.81 -8.80 -26.61
CA THR D 139 10.06 -7.98 -27.80
C THR D 139 10.48 -8.59 -29.11
N GLY D 140 11.18 -9.71 -29.08
CA GLY D 140 11.65 -10.27 -30.33
C GLY D 140 12.91 -9.51 -30.76
N TYR D 141 13.45 -8.71 -29.84
CA TYR D 141 14.67 -7.91 -30.02
C TYR D 141 14.70 -6.82 -31.08
N GLN D 142 13.86 -6.94 -32.10
CA GLN D 142 13.81 -5.99 -33.20
C GLN D 142 13.74 -4.53 -32.80
N ASN D 143 12.88 -4.21 -31.83
CA ASN D 143 12.75 -2.84 -31.36
C ASN D 143 13.86 -2.45 -30.40
N ILE D 144 14.46 -3.46 -29.77
CA ILE D 144 15.55 -3.20 -28.86
C ILE D 144 16.76 -2.70 -29.67
N VAL D 145 17.02 -3.28 -30.85
CA VAL D 145 18.15 -2.79 -31.66
C VAL D 145 17.83 -1.38 -32.15
N LYS D 146 16.55 -1.10 -32.40
CA LYS D 146 16.15 0.25 -32.82
C LYS D 146 16.36 1.23 -31.67
N ALA D 147 16.05 0.78 -30.45
CA ALA D 147 16.21 1.61 -29.26
C ALA D 147 17.66 1.97 -29.03
N VAL D 148 18.55 0.99 -29.22
CA VAL D 148 19.98 1.18 -29.07
C VAL D 148 20.49 2.12 -30.18
N GLN D 149 19.94 1.98 -31.39
CA GLN D 149 20.33 2.83 -32.51
C GLN D 149 19.91 4.26 -32.21
N TYR D 150 18.76 4.40 -31.55
CA TYR D 150 18.22 5.71 -31.18
C TYR D 150 19.15 6.39 -30.17
N ALA D 151 19.53 5.63 -29.15
CA ALA D 151 20.42 6.13 -28.09
C ALA D 151 21.80 6.47 -28.64
N ALA D 152 22.29 5.62 -29.54
CA ALA D 152 23.60 5.83 -30.17
C ALA D 152 23.60 7.17 -30.89
N ARG D 153 22.50 7.45 -31.57
CA ARG D 153 22.33 8.70 -32.30
C ARG D 153 22.21 9.90 -31.34
N LYS D 154 21.47 9.74 -30.26
CA LYS D 154 21.27 10.83 -29.31
C LYS D 154 22.57 11.24 -28.61
N LEU D 155 23.41 10.26 -28.30
CA LEU D 155 24.68 10.50 -27.63
C LEU D 155 25.69 11.26 -28.49
N GLN D 156 25.56 11.13 -29.82
CA GLN D 156 26.46 11.81 -30.76
C GLN D 156 25.99 13.23 -31.08
N GLU D 157 24.81 13.61 -30.58
CA GLU D 157 24.27 14.93 -30.83
C GLU D 157 24.11 15.74 -29.54
N ASP E 7 -9.51 22.70 -36.57
CA ASP E 7 -9.48 22.48 -35.12
C ASP E 7 -10.10 21.12 -34.79
N ALA E 8 -10.80 20.52 -35.75
CA ALA E 8 -11.44 19.23 -35.55
C ALA E 8 -10.42 18.10 -35.63
N GLU E 9 -9.65 18.09 -36.73
CA GLU E 9 -8.63 17.08 -36.95
C GLU E 9 -7.54 17.20 -35.88
N ALA E 10 -7.24 18.42 -35.45
CA ALA E 10 -6.23 18.65 -34.42
C ALA E 10 -6.69 18.18 -33.06
N ARG E 11 -7.96 18.42 -32.74
CA ARG E 11 -8.52 18.00 -31.45
C ARG E 11 -8.55 16.48 -31.30
N GLU E 12 -8.81 15.79 -32.42
CA GLU E 12 -8.83 14.33 -32.42
C GLU E 12 -7.43 13.78 -32.24
N LEU E 13 -6.48 14.42 -32.91
CA LEU E 13 -5.08 14.04 -32.86
C LEU E 13 -4.52 14.19 -31.43
N ALA E 14 -4.96 15.26 -30.75
CA ALA E 14 -4.52 15.53 -29.40
C ALA E 14 -5.03 14.51 -28.38
N LEU E 15 -6.07 13.77 -28.74
CA LEU E 15 -6.63 12.76 -27.86
C LEU E 15 -5.72 11.54 -27.74
N ALA E 16 -4.99 11.25 -28.83
CA ALA E 16 -4.10 10.10 -28.91
C ALA E 16 -4.90 8.84 -28.57
N GLY E 17 -6.06 8.72 -29.21
CA GLY E 17 -6.94 7.60 -29.01
C GLY E 17 -6.80 6.48 -30.02
N MET E 18 -7.93 5.93 -30.45
CA MET E 18 -7.97 4.84 -31.41
C MET E 18 -7.13 5.05 -32.65
N GLY E 19 -6.32 4.03 -32.96
CA GLY E 19 -5.48 4.06 -34.15
C GLY E 19 -4.13 4.74 -34.04
N ALA E 20 -3.92 5.48 -32.96
CA ALA E 20 -2.65 6.18 -32.76
C ALA E 20 -1.55 5.28 -32.23
N SER E 21 -0.33 5.48 -32.73
CA SER E 21 0.84 4.72 -32.28
C SER E 21 1.51 5.50 -31.14
N ARG E 22 0.70 5.92 -30.16
CA ARG E 22 1.20 6.67 -29.02
C ARG E 22 2.14 5.83 -28.16
N LEU E 23 3.13 6.47 -27.57
CA LEU E 23 4.10 5.78 -26.72
C LEU E 23 3.43 5.24 -25.46
N ARG E 24 4.05 4.25 -24.81
CA ARG E 24 3.47 3.62 -23.63
C ARG E 24 3.50 4.41 -22.33
N LYS E 25 2.41 4.33 -21.57
CA LYS E 25 2.31 5.02 -20.28
C LYS E 25 3.07 4.22 -19.21
N GLU E 26 3.20 2.91 -19.44
CA GLU E 26 3.89 1.98 -18.53
C GLU E 26 5.40 2.15 -18.45
N ASP E 27 6.02 2.47 -19.59
CA ASP E 27 7.46 2.59 -19.69
C ASP E 27 8.20 3.35 -18.59
N ALA E 28 7.73 4.54 -18.27
CA ALA E 28 8.38 5.39 -17.27
C ALA E 28 8.91 4.64 -16.05
N ARG E 29 8.05 3.86 -15.40
CA ARG E 29 8.48 3.12 -14.21
C ARG E 29 9.45 1.98 -14.51
N PHE E 30 9.18 1.24 -15.57
CA PHE E 30 10.02 0.12 -15.96
C PHE E 30 11.44 0.52 -16.40
N ILE E 31 11.58 1.62 -17.13
CA ILE E 31 12.91 2.03 -17.58
C ILE E 31 13.76 2.64 -16.46
N GLN E 32 13.15 2.81 -15.29
CA GLN E 32 13.88 3.38 -14.15
C GLN E 32 13.91 2.42 -12.96
N GLY E 33 13.52 1.17 -13.23
CA GLY E 33 13.51 0.16 -12.19
C GLY E 33 12.52 0.39 -11.08
N LYS E 34 11.37 0.96 -11.40
CA LYS E 34 10.34 1.24 -10.41
C LYS E 34 9.08 0.40 -10.62
N GLY E 35 9.22 -0.69 -11.34
CA GLY E 35 8.07 -1.57 -11.53
C GLY E 35 7.88 -2.27 -10.20
N ASN E 36 6.75 -2.94 -10.01
CA ASN E 36 6.52 -3.64 -8.76
C ASN E 36 6.12 -5.10 -9.02
N TYR E 37 7.12 -5.97 -9.09
CA TYR E 37 6.91 -7.39 -9.32
C TYR E 37 6.92 -8.12 -7.97
N VAL E 38 6.32 -9.31 -7.94
CA VAL E 38 6.22 -10.09 -6.72
C VAL E 38 7.48 -10.17 -5.84
N ASP E 39 8.65 -10.39 -6.44
CA ASP E 39 9.85 -10.47 -5.62
C ASP E 39 10.42 -9.14 -5.16
N ASP E 40 9.77 -8.03 -5.53
CA ASP E 40 10.23 -6.72 -5.09
C ASP E 40 9.55 -6.39 -3.78
N ILE E 41 8.49 -7.13 -3.48
CA ILE E 41 7.71 -6.93 -2.28
C ILE E 41 8.37 -7.40 -0.99
N LYS E 42 8.36 -6.53 0.01
CA LYS E 42 8.91 -6.79 1.33
C LYS E 42 7.88 -6.31 2.34
N MET E 43 7.45 -7.20 3.24
CA MET E 43 6.47 -6.85 4.25
C MET E 43 7.02 -7.07 5.65
N PRO E 44 6.48 -6.36 6.65
CA PRO E 44 6.97 -6.54 8.03
C PRO E 44 6.76 -8.00 8.45
N GLY E 45 7.78 -8.60 9.06
CA GLY E 45 7.70 -9.99 9.51
C GLY E 45 7.68 -11.05 8.42
N MET E 46 7.92 -10.67 7.18
CA MET E 46 7.91 -11.61 6.06
C MET E 46 8.99 -12.67 6.12
N LEU E 47 8.57 -13.93 6.03
CA LEU E 47 9.47 -15.07 6.05
C LEU E 47 9.57 -15.62 4.63
N HIS E 48 10.51 -16.52 4.40
CA HIS E 48 10.70 -17.10 3.08
C HIS E 48 10.47 -18.61 3.04
N MET E 49 9.77 -19.07 2.00
CA MET E 49 9.46 -20.48 1.84
C MET E 49 10.15 -21.10 0.63
N ASP E 50 10.72 -22.29 0.82
CA ASP E 50 11.35 -23.01 -0.28
C ASP E 50 10.73 -24.41 -0.27
N ILE E 51 10.83 -25.12 -1.39
CA ILE E 51 10.20 -26.44 -1.51
C ILE E 51 11.15 -27.62 -1.70
N VAL E 52 10.89 -28.68 -0.94
CA VAL E 52 11.65 -29.92 -1.04
C VAL E 52 10.97 -30.68 -2.18
N ARG E 53 11.70 -30.94 -3.26
CA ARG E 53 11.12 -31.63 -4.42
C ARG E 53 11.57 -33.07 -4.66
N ALA E 54 10.73 -33.82 -5.37
CA ALA E 54 10.96 -35.23 -5.70
C ALA E 54 12.13 -35.47 -6.64
N PRO E 55 13.09 -36.32 -6.23
CA PRO E 55 14.27 -36.63 -7.05
C PRO E 55 13.99 -37.72 -8.08
N ILE E 56 12.87 -38.43 -7.90
CA ILE E 56 12.46 -39.51 -8.80
C ILE E 56 11.13 -39.17 -9.47
N ALA E 57 10.78 -39.89 -10.53
CA ALA E 57 9.55 -39.64 -11.28
C ALA E 57 8.29 -40.34 -10.76
N HIS E 58 8.46 -41.48 -10.09
CA HIS E 58 7.31 -42.23 -9.59
C HIS E 58 7.76 -43.13 -8.44
N GLY E 59 7.05 -43.05 -7.32
CA GLY E 59 7.41 -43.88 -6.18
C GLY E 59 6.69 -43.54 -4.90
N ARG E 60 6.69 -44.49 -3.96
CA ARG E 60 6.04 -44.28 -2.67
C ARG E 60 6.95 -43.53 -1.71
N ILE E 61 6.34 -42.68 -0.90
CA ILE E 61 7.09 -41.91 0.09
C ILE E 61 7.14 -42.71 1.38
N LYS E 62 8.32 -43.24 1.69
CA LYS E 62 8.49 -44.04 2.90
C LYS E 62 8.57 -43.19 4.16
N LYS E 63 9.41 -42.17 4.16
CA LYS E 63 9.56 -41.30 5.32
C LYS E 63 10.21 -39.96 4.97
N ILE E 64 9.75 -38.91 5.62
CA ILE E 64 10.30 -37.55 5.43
C ILE E 64 10.96 -37.17 6.77
N HIS E 65 12.22 -36.71 6.72
CA HIS E 65 12.94 -36.31 7.93
C HIS E 65 12.98 -34.80 8.08
N LYS E 66 12.29 -34.30 9.11
CA LYS E 66 12.17 -32.87 9.39
C LYS E 66 13.10 -32.31 10.48
N ASP E 67 13.52 -33.17 11.39
CA ASP E 67 14.33 -32.75 12.53
C ASP E 67 15.60 -31.93 12.30
N ALA E 68 16.42 -32.34 11.33
CA ALA E 68 17.65 -31.60 11.06
C ALA E 68 17.34 -30.20 10.54
N ALA E 69 16.35 -30.09 9.67
CA ALA E 69 15.95 -28.81 9.10
C ALA E 69 15.35 -27.89 10.17
N LEU E 70 14.47 -28.45 10.99
CA LEU E 70 13.82 -27.69 12.06
C LEU E 70 14.80 -27.15 13.11
N ALA E 71 15.86 -27.90 13.38
CA ALA E 71 16.86 -27.50 14.37
C ALA E 71 17.78 -26.38 13.90
N MET E 72 17.90 -26.26 12.58
CA MET E 72 18.71 -25.25 11.94
C MET E 72 18.23 -23.84 12.31
N PRO E 73 19.14 -22.97 12.75
CA PRO E 73 18.72 -21.61 13.12
C PRO E 73 18.20 -20.82 11.91
N GLY E 74 17.07 -20.14 12.12
CA GLY E 74 16.46 -19.36 11.06
C GLY E 74 15.25 -20.04 10.45
N VAL E 75 15.12 -21.34 10.68
CA VAL E 75 14.00 -22.10 10.17
C VAL E 75 12.86 -22.09 11.19
N HIS E 76 11.67 -21.69 10.76
CA HIS E 76 10.52 -21.59 11.65
C HIS E 76 9.59 -22.80 11.59
N ALA E 77 9.52 -23.44 10.42
CA ALA E 77 8.64 -24.58 10.25
C ALA E 77 8.95 -25.40 9.02
N VAL E 78 8.56 -26.67 9.08
CA VAL E 78 8.73 -27.61 7.97
C VAL E 78 7.38 -28.31 7.91
N LEU E 79 6.68 -28.15 6.78
CA LEU E 79 5.37 -28.76 6.62
C LEU E 79 5.33 -29.79 5.50
N THR E 80 4.44 -30.76 5.66
CA THR E 80 4.24 -31.85 4.70
C THR E 80 2.75 -31.99 4.41
N ALA E 81 2.37 -32.99 3.63
CA ALA E 81 0.96 -33.22 3.31
C ALA E 81 0.14 -33.48 4.58
N GLU E 82 0.80 -33.97 5.63
CA GLU E 82 0.13 -34.23 6.90
C GLU E 82 -0.43 -32.96 7.52
N ASP E 83 0.29 -31.85 7.34
CA ASP E 83 -0.16 -30.57 7.90
C ASP E 83 -1.27 -29.96 7.04
N LEU E 84 -1.38 -30.44 5.80
CA LEU E 84 -2.39 -29.97 4.87
C LEU E 84 -3.72 -30.74 4.92
N LYS E 85 -3.65 -32.02 5.30
CA LYS E 85 -4.83 -32.90 5.39
C LYS E 85 -6.00 -32.35 6.23
N PRO E 86 -5.72 -31.84 7.45
CA PRO E 86 -6.77 -31.29 8.32
C PRO E 86 -7.53 -30.12 7.68
N LEU E 87 -6.90 -29.48 6.71
CA LEU E 87 -7.51 -28.34 6.03
C LEU E 87 -8.03 -28.77 4.66
N LYS E 88 -7.91 -30.07 4.38
CA LYS E 88 -8.33 -30.69 3.13
C LYS E 88 -7.62 -30.02 1.95
N LEU E 89 -6.33 -29.72 2.14
CA LEU E 89 -5.55 -29.05 1.12
C LEU E 89 -4.37 -29.81 0.52
N HIS E 90 -4.23 -31.11 0.81
CA HIS E 90 -3.11 -31.86 0.22
C HIS E 90 -3.37 -32.09 -1.26
N TRP E 91 -4.63 -31.90 -1.66
CA TRP E 91 -5.07 -32.01 -3.05
C TRP E 91 -5.89 -30.75 -3.32
N MET E 92 -5.87 -30.27 -4.56
CA MET E 92 -6.62 -29.09 -4.93
C MET E 92 -7.30 -29.32 -6.27
N PRO E 93 -8.46 -28.67 -6.50
CA PRO E 93 -9.18 -28.83 -7.77
C PRO E 93 -8.45 -28.06 -8.89
N THR E 94 -8.57 -28.52 -10.13
CA THR E 94 -7.91 -27.84 -11.24
C THR E 94 -8.94 -27.33 -12.24
N LEU E 95 -8.50 -26.45 -13.14
CA LEU E 95 -9.37 -25.88 -14.15
C LEU E 95 -9.92 -26.94 -15.12
N ALA E 96 -9.26 -28.10 -15.15
CA ALA E 96 -9.67 -29.19 -16.04
C ALA E 96 -10.66 -30.17 -15.41
N GLY E 97 -11.04 -29.89 -14.16
CA GLY E 97 -12.01 -30.73 -13.47
C GLY E 97 -11.44 -31.96 -12.76
N ASP E 98 -10.11 -32.04 -12.71
CA ASP E 98 -9.41 -33.14 -12.05
C ASP E 98 -8.83 -32.52 -10.77
N VAL E 99 -8.04 -33.30 -10.02
CA VAL E 99 -7.43 -32.81 -8.79
C VAL E 99 -5.92 -32.97 -8.91
N ALA E 100 -5.17 -32.12 -8.21
CA ALA E 100 -3.71 -32.17 -8.24
C ALA E 100 -3.16 -32.14 -6.83
N ALA E 101 -2.07 -32.86 -6.61
CA ALA E 101 -1.45 -32.90 -5.30
C ALA E 101 -0.74 -31.59 -4.97
N VAL E 102 -1.03 -31.03 -3.80
CA VAL E 102 -0.38 -29.81 -3.37
C VAL E 102 0.99 -30.21 -2.85
N LEU E 103 1.02 -31.22 -1.98
CA LEU E 103 2.25 -31.77 -1.44
C LEU E 103 2.09 -33.29 -1.54
N ALA E 104 3.08 -33.97 -2.11
CA ALA E 104 2.99 -35.42 -2.28
C ALA E 104 2.64 -36.12 -0.96
N ASP E 105 1.57 -36.91 -0.98
CA ASP E 105 1.11 -37.62 0.20
C ASP E 105 1.70 -39.02 0.28
N GLU E 106 0.99 -40.00 -0.29
CA GLU E 106 1.46 -41.38 -0.27
C GLU E 106 2.55 -41.68 -1.30
N LYS E 107 2.56 -40.92 -2.39
CA LYS E 107 3.53 -41.14 -3.46
C LYS E 107 3.77 -39.90 -4.32
N VAL E 108 4.79 -39.97 -5.17
CA VAL E 108 5.11 -38.89 -6.08
C VAL E 108 4.77 -39.34 -7.50
N HIS E 109 4.17 -38.43 -8.27
CA HIS E 109 3.76 -38.73 -9.64
C HIS E 109 4.68 -38.20 -10.73
N PHE E 110 5.58 -37.29 -10.38
CA PHE E 110 6.53 -36.76 -11.35
C PHE E 110 7.76 -36.17 -10.69
N GLN E 111 8.89 -36.24 -11.39
CA GLN E 111 10.14 -35.70 -10.86
C GLN E 111 10.00 -34.20 -10.61
N MET E 112 10.62 -33.73 -9.52
CA MET E 112 10.60 -32.32 -9.12
C MET E 112 9.26 -31.90 -8.50
N GLN E 113 8.41 -32.88 -8.20
CA GLN E 113 7.12 -32.58 -7.59
C GLN E 113 7.30 -32.08 -6.16
N GLU E 114 6.38 -31.26 -5.69
CA GLU E 114 6.42 -30.70 -4.35
C GLU E 114 6.14 -31.75 -3.28
N VAL E 115 7.13 -32.01 -2.43
CA VAL E 115 7.01 -33.01 -1.37
C VAL E 115 6.86 -32.39 0.02
N ALA E 116 7.62 -31.32 0.29
CA ALA E 116 7.54 -30.63 1.58
C ALA E 116 7.98 -29.18 1.43
N ILE E 117 7.72 -28.38 2.45
CA ILE E 117 8.11 -26.98 2.42
C ILE E 117 8.77 -26.56 3.73
N VAL E 118 9.68 -25.60 3.62
CA VAL E 118 10.37 -25.06 4.77
C VAL E 118 10.13 -23.56 4.77
N ILE E 119 10.02 -22.97 5.95
CA ILE E 119 9.85 -21.53 6.09
C ILE E 119 11.05 -21.08 6.90
N ALA E 120 11.76 -20.07 6.39
CA ALA E 120 12.96 -19.55 7.05
C ALA E 120 13.03 -18.04 7.02
N ASP E 121 14.02 -17.49 7.71
CA ASP E 121 14.24 -16.04 7.78
C ASP E 121 14.50 -15.38 6.42
N ASP E 122 15.13 -16.12 5.52
CA ASP E 122 15.43 -15.60 4.18
C ASP E 122 15.59 -16.77 3.22
N ARG E 123 15.79 -16.45 1.94
CA ARG E 123 15.93 -17.49 0.92
C ARG E 123 17.22 -18.31 1.00
N TYR E 124 18.28 -17.72 1.55
CA TYR E 124 19.54 -18.45 1.67
C TYR E 124 19.40 -19.57 2.69
N ILE E 125 18.88 -19.24 3.88
CA ILE E 125 18.68 -20.24 4.93
C ILE E 125 17.66 -21.27 4.46
N ALA E 126 16.60 -20.80 3.81
CA ALA E 126 15.56 -21.68 3.30
C ALA E 126 16.12 -22.74 2.35
N ALA E 127 16.99 -22.32 1.43
CA ALA E 127 17.58 -23.25 0.47
C ALA E 127 18.43 -24.28 1.19
N ASP E 128 19.11 -23.85 2.25
CA ASP E 128 19.93 -24.75 3.06
C ASP E 128 19.01 -25.76 3.73
N ALA E 129 17.89 -25.27 4.25
CA ALA E 129 16.90 -26.10 4.94
C ALA E 129 16.34 -27.20 4.05
N VAL E 130 16.15 -26.91 2.77
CA VAL E 130 15.65 -27.90 1.82
C VAL E 130 16.61 -29.07 1.72
N GLU E 131 17.91 -28.77 1.61
CA GLU E 131 18.94 -29.80 1.52
C GLU E 131 19.03 -30.64 2.78
N ALA E 132 18.68 -30.06 3.92
CA ALA E 132 18.72 -30.76 5.21
C ALA E 132 17.61 -31.79 5.35
N VAL E 133 16.49 -31.57 4.65
CA VAL E 133 15.37 -32.48 4.69
C VAL E 133 15.64 -33.71 3.82
N LYS E 134 15.72 -34.88 4.47
CA LYS E 134 15.95 -36.13 3.76
C LYS E 134 14.65 -36.89 3.57
N VAL E 135 14.44 -37.43 2.38
CA VAL E 135 13.23 -38.17 2.09
C VAL E 135 13.59 -39.56 1.54
N GLU E 136 12.93 -40.58 2.07
CA GLU E 136 13.15 -41.96 1.63
C GLU E 136 11.99 -42.39 0.72
N TYR E 137 12.33 -42.96 -0.43
CA TYR E 137 11.34 -43.40 -1.42
C TYR E 137 11.48 -44.85 -1.87
N ASP E 138 10.37 -45.39 -2.38
CA ASP E 138 10.28 -46.74 -2.93
C ASP E 138 9.95 -46.52 -4.39
N GLU E 139 10.92 -46.64 -5.28
CA GLU E 139 10.67 -46.44 -6.69
C GLU E 139 9.64 -47.39 -7.31
N LEU E 140 8.85 -46.84 -8.24
CA LEU E 140 7.82 -47.58 -8.96
C LEU E 140 8.13 -47.41 -10.44
N PRO E 141 7.67 -48.36 -11.29
CA PRO E 141 7.94 -48.24 -12.73
C PRO E 141 7.33 -46.97 -13.33
N VAL E 142 8.13 -46.27 -14.10
CA VAL E 142 7.75 -45.01 -14.74
C VAL E 142 6.99 -45.17 -16.05
N VAL E 143 6.13 -44.19 -16.33
CA VAL E 143 5.33 -44.15 -17.55
C VAL E 143 5.61 -42.81 -18.24
N ILE E 144 6.32 -42.85 -19.37
CA ILE E 144 6.65 -41.62 -20.09
C ILE E 144 6.04 -41.51 -21.49
N ASP E 145 5.60 -42.65 -22.04
CA ASP E 145 4.97 -42.64 -23.36
C ASP E 145 3.47 -42.86 -23.22
N PRO E 146 2.65 -41.98 -23.83
CA PRO E 146 1.19 -42.08 -23.77
C PRO E 146 0.66 -43.42 -24.24
N ILE E 147 1.23 -43.96 -25.32
CA ILE E 147 0.79 -45.24 -25.86
C ILE E 147 1.06 -46.37 -24.87
N ASP E 148 2.23 -46.36 -24.25
CA ASP E 148 2.61 -47.38 -23.26
C ASP E 148 1.72 -47.27 -22.01
N ALA E 149 1.20 -46.09 -21.75
CA ALA E 149 0.35 -45.83 -20.59
C ALA E 149 -0.98 -46.55 -20.63
N LEU E 150 -1.49 -46.76 -21.84
CA LEU E 150 -2.79 -47.41 -22.02
C LEU E 150 -2.73 -48.93 -22.17
N LYS E 151 -1.54 -49.51 -21.99
CA LYS E 151 -1.38 -50.96 -22.09
C LYS E 151 -1.96 -51.60 -20.83
N PRO E 152 -2.58 -52.80 -20.94
CA PRO E 152 -3.17 -53.49 -19.80
C PRO E 152 -2.27 -53.61 -18.57
N ASP E 153 -1.01 -53.99 -18.80
CA ASP E 153 -0.05 -54.17 -17.71
C ASP E 153 0.60 -52.88 -17.22
N ALA E 154 0.25 -51.76 -17.85
CA ALA E 154 0.81 -50.45 -17.48
C ALA E 154 0.50 -50.15 -16.02
N PRO E 155 1.50 -49.63 -15.28
CA PRO E 155 1.32 -49.30 -13.87
C PRO E 155 0.23 -48.26 -13.59
N VAL E 156 -0.39 -48.37 -12.43
CA VAL E 156 -1.44 -47.44 -12.02
C VAL E 156 -0.77 -46.18 -11.46
N LEU E 157 -0.95 -45.07 -12.17
CA LEU E 157 -0.37 -43.81 -11.72
C LEU E 157 -1.27 -43.17 -10.68
N ARG E 158 -2.51 -42.95 -11.07
CA ARG E 158 -3.50 -42.33 -10.20
C ARG E 158 -4.31 -43.34 -9.41
N GLU E 159 -3.76 -43.74 -8.27
CA GLU E 159 -4.40 -44.71 -7.39
C GLU E 159 -5.52 -44.06 -6.59
N ASP E 160 -5.56 -42.74 -6.60
CA ASP E 160 -6.59 -41.98 -5.90
C ASP E 160 -7.95 -42.08 -6.60
N LEU E 161 -7.94 -42.34 -7.90
CA LEU E 161 -9.21 -42.52 -8.60
C LEU E 161 -9.43 -43.95 -9.09
N ALA E 162 -8.94 -44.90 -8.29
CA ALA E 162 -9.10 -46.31 -8.58
C ALA E 162 -10.55 -46.65 -8.29
N GLY E 163 -11.21 -47.30 -9.25
CA GLY E 163 -12.60 -47.67 -9.09
C GLY E 163 -13.56 -46.72 -9.78
N LYS E 164 -13.04 -45.58 -10.25
CA LYS E 164 -13.88 -44.61 -10.94
C LYS E 164 -13.98 -45.00 -12.42
N THR E 165 -15.21 -45.04 -12.93
CA THR E 165 -15.44 -45.40 -14.32
C THR E 165 -15.77 -44.20 -15.20
N SER E 166 -15.83 -43.03 -14.56
CA SER E 166 -16.12 -41.78 -15.26
C SER E 166 -15.26 -40.67 -14.65
N GLY E 167 -15.01 -39.64 -15.45
CA GLY E 167 -14.22 -38.50 -14.99
C GLY E 167 -15.03 -37.24 -15.17
N ALA E 168 -14.34 -36.10 -15.22
CA ALA E 168 -15.01 -34.81 -15.40
C ALA E 168 -15.47 -34.61 -16.85
N HIS E 169 -14.92 -35.38 -17.77
CA HIS E 169 -15.27 -35.25 -19.19
C HIS E 169 -15.77 -36.53 -19.85
N GLY E 170 -16.55 -37.32 -19.11
CA GLY E 170 -17.09 -38.55 -19.64
C GLY E 170 -16.46 -39.82 -19.11
N PRO E 171 -16.86 -40.99 -19.64
CA PRO E 171 -16.34 -42.29 -19.22
C PRO E 171 -14.85 -42.49 -19.45
N ARG E 172 -14.23 -43.28 -18.57
CA ARG E 172 -12.81 -43.59 -18.65
C ARG E 172 -12.62 -45.10 -18.88
N GLU E 173 -11.92 -45.44 -19.96
CA GLU E 173 -11.69 -46.83 -20.36
C GLU E 173 -10.49 -47.54 -19.74
N HIS E 174 -9.53 -46.77 -19.25
CA HIS E 174 -8.32 -47.33 -18.66
C HIS E 174 -7.90 -46.44 -17.48
N HIS E 175 -7.17 -47.02 -16.53
CA HIS E 175 -6.73 -46.26 -15.37
C HIS E 175 -5.85 -45.05 -15.67
N ASN E 176 -5.19 -45.05 -16.82
CA ASN E 176 -4.33 -43.93 -17.24
C ASN E 176 -5.01 -43.08 -18.30
N HIS E 177 -6.25 -43.44 -18.63
CA HIS E 177 -7.02 -42.72 -19.62
C HIS E 177 -7.78 -41.61 -18.90
N ILE E 178 -7.66 -40.38 -19.40
CA ILE E 178 -8.33 -39.24 -18.77
C ILE E 178 -9.70 -38.97 -19.40
N PHE E 179 -9.73 -38.89 -20.72
CA PHE E 179 -10.98 -38.61 -21.42
C PHE E 179 -10.82 -38.80 -22.92
N THR E 180 -11.96 -38.78 -23.61
CA THR E 180 -11.99 -38.89 -25.05
C THR E 180 -13.04 -37.86 -25.44
N TRP E 181 -12.64 -36.93 -26.30
CA TRP E 181 -13.54 -35.88 -26.75
C TRP E 181 -13.52 -35.78 -28.25
N GLY E 182 -14.67 -35.49 -28.84
CA GLY E 182 -14.75 -35.37 -30.28
C GLY E 182 -15.75 -34.30 -30.72
N ALA E 183 -15.63 -33.88 -31.98
CA ALA E 183 -16.51 -32.87 -32.54
C ALA E 183 -16.63 -33.12 -34.05
N GLY E 184 -17.72 -32.61 -34.64
CA GLY E 184 -17.95 -32.80 -36.07
C GLY E 184 -18.83 -33.99 -36.34
N ASP E 185 -19.08 -34.28 -37.62
CA ASP E 185 -19.92 -35.40 -38.02
C ASP E 185 -19.08 -36.63 -38.41
N LYS E 186 -18.98 -37.58 -37.49
CA LYS E 186 -18.23 -38.82 -37.68
C LYS E 186 -18.71 -39.62 -38.90
N ALA E 187 -19.99 -39.98 -38.91
CA ALA E 187 -20.57 -40.76 -40.00
C ALA E 187 -20.36 -40.09 -41.35
N ALA E 188 -20.73 -38.83 -41.45
CA ALA E 188 -20.58 -38.10 -42.70
C ALA E 188 -19.13 -38.07 -43.17
N THR E 189 -18.21 -37.87 -42.24
CA THR E 189 -16.78 -37.81 -42.53
C THR E 189 -16.26 -39.17 -43.00
N ASP E 190 -16.61 -40.23 -42.29
CA ASP E 190 -16.20 -41.57 -42.66
C ASP E 190 -16.72 -41.95 -44.05
N ALA E 191 -17.91 -41.46 -44.40
CA ALA E 191 -18.50 -41.75 -45.69
C ALA E 191 -17.70 -41.11 -46.83
N VAL E 192 -17.26 -39.87 -46.63
CA VAL E 192 -16.48 -39.16 -47.64
C VAL E 192 -15.13 -39.86 -47.86
N PHE E 193 -14.45 -40.20 -46.77
CA PHE E 193 -13.14 -40.86 -46.84
C PHE E 193 -13.18 -42.27 -47.41
N ALA E 194 -14.30 -42.94 -47.20
CA ALA E 194 -14.49 -44.31 -47.71
C ALA E 194 -14.46 -44.35 -49.25
N ASN E 195 -14.89 -43.27 -49.90
CA ASN E 195 -14.95 -43.24 -51.37
C ASN E 195 -14.17 -42.16 -52.10
N ALA E 196 -13.61 -41.19 -51.39
CA ALA E 196 -12.87 -40.10 -52.04
C ALA E 196 -11.76 -40.58 -52.99
N PRO E 197 -11.60 -39.93 -54.15
CA PRO E 197 -10.57 -40.31 -55.11
C PRO E 197 -9.14 -40.00 -54.65
N VAL E 198 -8.97 -38.93 -53.87
CA VAL E 198 -7.67 -38.56 -53.36
C VAL E 198 -7.73 -38.57 -51.84
N THR E 199 -6.77 -39.25 -51.23
CA THR E 199 -6.74 -39.37 -49.78
C THR E 199 -5.30 -39.37 -49.26
N VAL E 200 -5.03 -38.51 -48.28
CA VAL E 200 -3.70 -38.42 -47.67
C VAL E 200 -3.81 -38.54 -46.16
N SER E 201 -2.76 -39.07 -45.56
CA SER E 201 -2.66 -39.30 -44.12
C SER E 201 -1.26 -38.89 -43.65
N GLN E 202 -1.14 -38.36 -42.44
CA GLN E 202 0.16 -37.93 -41.92
C GLN E 202 0.20 -37.85 -40.41
N HIS E 203 1.16 -38.55 -39.82
CA HIS E 203 1.34 -38.53 -38.38
C HIS E 203 2.35 -37.43 -38.11
N MET E 204 2.12 -36.68 -37.02
CA MET E 204 3.01 -35.61 -36.64
C MET E 204 2.94 -35.40 -35.15
N TYR E 205 4.07 -35.08 -34.53
CA TYR E 205 4.15 -34.86 -33.10
C TYR E 205 4.36 -33.37 -32.82
N TYR E 206 3.53 -32.79 -31.94
CA TYR E 206 3.68 -31.39 -31.56
C TYR E 206 4.33 -31.52 -30.18
N PRO E 207 5.68 -31.38 -30.14
CA PRO E 207 6.50 -31.48 -28.92
C PRO E 207 6.14 -30.65 -27.70
N ARG E 208 6.39 -31.25 -26.55
CA ARG E 208 6.16 -30.61 -25.27
C ARG E 208 7.22 -29.52 -25.13
N VAL E 209 6.78 -28.28 -24.96
CA VAL E 209 7.66 -27.14 -24.80
C VAL E 209 7.19 -26.33 -23.60
N HIS E 210 7.96 -25.32 -23.22
CA HIS E 210 7.61 -24.50 -22.06
C HIS E 210 7.58 -23.01 -22.37
N PRO E 211 6.54 -22.31 -21.89
CA PRO E 211 6.33 -20.86 -22.09
C PRO E 211 7.47 -20.01 -21.53
N CYS E 212 8.18 -20.57 -20.55
CA CYS E 212 9.34 -19.97 -19.89
C CYS E 212 9.39 -18.43 -19.81
N PRO E 213 8.46 -17.81 -19.07
CA PRO E 213 8.47 -16.35 -18.95
C PRO E 213 9.73 -15.95 -18.19
N LEU E 214 10.31 -14.80 -18.50
CA LEU E 214 11.54 -14.39 -17.82
C LEU E 214 11.37 -14.30 -16.30
N GLU E 215 10.24 -13.79 -15.84
CA GLU E 215 9.98 -13.77 -14.40
C GLU E 215 9.27 -15.09 -14.11
N THR E 216 9.76 -15.84 -13.14
CA THR E 216 9.14 -17.11 -12.77
C THR E 216 7.91 -16.87 -11.90
N CYS E 217 7.26 -17.95 -11.48
CA CYS E 217 6.09 -17.84 -10.62
C CYS E 217 6.50 -17.59 -9.18
N GLY E 218 5.66 -16.87 -8.44
CA GLY E 218 5.92 -16.58 -7.05
C GLY E 218 4.77 -15.81 -6.43
N CYS E 219 4.80 -15.66 -5.10
CA CYS E 219 3.75 -14.93 -4.38
C CYS E 219 4.19 -14.50 -3.00
N VAL E 220 3.45 -13.55 -2.43
CA VAL E 220 3.70 -13.13 -1.06
C VAL E 220 2.32 -13.23 -0.41
N ALA E 221 2.13 -14.30 0.35
CA ALA E 221 0.86 -14.53 1.03
C ALA E 221 0.90 -13.92 2.42
N SER E 222 -0.16 -13.20 2.77
CA SER E 222 -0.22 -12.55 4.07
C SER E 222 -1.57 -12.64 4.76
N PHE E 223 -1.68 -13.56 5.72
CA PHE E 223 -2.92 -13.68 6.48
C PHE E 223 -2.74 -12.84 7.73
N ASP E 224 -3.63 -11.89 7.95
CA ASP E 224 -3.56 -11.02 9.13
C ASP E 224 -4.53 -11.54 10.18
N PRO E 225 -4.01 -12.21 11.23
CA PRO E 225 -4.87 -12.76 12.29
C PRO E 225 -5.62 -11.70 13.10
N ILE E 226 -5.12 -10.46 13.03
CA ILE E 226 -5.76 -9.35 13.74
C ILE E 226 -7.07 -8.94 13.07
N LYS E 227 -7.02 -8.73 11.75
CA LYS E 227 -8.21 -8.34 10.98
C LYS E 227 -8.97 -9.56 10.45
N GLY E 228 -8.27 -10.68 10.34
CA GLY E 228 -8.87 -11.90 9.86
C GLY E 228 -9.03 -11.95 8.35
N ASP E 229 -8.22 -11.17 7.64
CA ASP E 229 -8.31 -11.17 6.20
C ASP E 229 -7.02 -11.62 5.52
N LEU E 230 -7.15 -12.14 4.30
CA LEU E 230 -6.00 -12.62 3.55
C LEU E 230 -5.70 -11.74 2.37
N THR E 231 -4.43 -11.36 2.26
CA THR E 231 -3.98 -10.55 1.14
C THR E 231 -2.78 -11.27 0.56
N THR E 232 -2.86 -11.62 -0.71
CA THR E 232 -1.73 -12.28 -1.35
C THR E 232 -1.39 -11.72 -2.72
N TYR E 233 -0.16 -11.20 -2.83
CA TYR E 233 0.38 -10.62 -4.07
C TYR E 233 0.86 -11.82 -4.85
N ILE E 234 0.49 -11.90 -6.12
CA ILE E 234 0.79 -13.10 -6.90
C ILE E 234 0.97 -12.94 -8.41
N THR E 235 1.71 -13.86 -9.02
CA THR E 235 1.92 -13.87 -10.46
C THR E 235 0.75 -14.65 -11.07
N SER E 236 -0.42 -14.00 -11.11
CA SER E 236 -1.63 -14.63 -11.64
C SER E 236 -2.23 -13.87 -12.80
N GLN E 237 -2.67 -14.60 -13.82
CA GLN E 237 -3.30 -14.01 -15.00
C GLN E 237 -4.82 -13.95 -14.83
N ALA E 238 -5.29 -14.41 -13.67
CA ALA E 238 -6.72 -14.41 -13.37
C ALA E 238 -6.91 -14.29 -11.85
N PRO E 239 -6.52 -13.13 -11.27
CA PRO E 239 -6.64 -12.86 -9.84
C PRO E 239 -8.02 -12.96 -9.22
N HIS E 240 -9.06 -12.56 -9.95
CA HIS E 240 -10.41 -12.65 -9.41
C HIS E 240 -10.84 -14.10 -9.23
N VAL E 241 -10.58 -14.93 -10.24
CA VAL E 241 -10.91 -16.35 -10.18
C VAL E 241 -10.13 -16.98 -9.01
N VAL E 242 -8.86 -16.59 -8.86
CA VAL E 242 -8.06 -17.10 -7.75
C VAL E 242 -8.68 -16.73 -6.38
N ARG E 243 -9.21 -15.51 -6.28
CA ARG E 243 -9.83 -15.07 -5.05
C ARG E 243 -11.03 -15.95 -4.68
N THR E 244 -11.89 -16.20 -5.66
CA THR E 244 -13.07 -17.04 -5.43
C THR E 244 -12.64 -18.45 -4.98
N VAL E 245 -11.68 -19.03 -5.70
CA VAL E 245 -11.17 -20.35 -5.39
C VAL E 245 -10.47 -20.41 -4.03
N VAL E 246 -9.63 -19.42 -3.74
CA VAL E 246 -8.93 -19.40 -2.45
C VAL E 246 -9.93 -19.25 -1.32
N SER E 247 -10.97 -18.46 -1.55
CA SER E 247 -12.03 -18.24 -0.57
C SER E 247 -12.72 -19.55 -0.18
N MET E 248 -13.14 -20.32 -1.19
CA MET E 248 -13.83 -21.57 -0.95
C MET E 248 -12.98 -22.69 -0.37
N LEU E 249 -11.71 -22.72 -0.73
CA LEU E 249 -10.81 -23.75 -0.23
C LEU E 249 -10.35 -23.45 1.19
N SER E 250 -10.32 -22.18 1.56
CA SER E 250 -9.85 -21.78 2.89
C SER E 250 -10.94 -21.53 3.94
N GLY E 251 -12.16 -21.25 3.48
CA GLY E 251 -13.24 -20.99 4.42
C GLY E 251 -13.32 -19.53 4.81
N ILE E 252 -12.36 -18.74 4.33
CA ILE E 252 -12.32 -17.31 4.61
C ILE E 252 -13.30 -16.62 3.67
N PRO E 253 -14.27 -15.86 4.22
CA PRO E 253 -15.24 -15.17 3.37
C PRO E 253 -14.54 -14.35 2.27
N GLU E 254 -15.02 -14.51 1.04
CA GLU E 254 -14.44 -13.87 -0.14
C GLU E 254 -14.13 -12.38 -0.01
N SER E 255 -15.01 -11.63 0.64
CA SER E 255 -14.82 -10.19 0.82
C SER E 255 -13.60 -9.86 1.67
N LYS E 256 -13.12 -10.87 2.39
CA LYS E 256 -11.96 -10.72 3.25
C LYS E 256 -10.73 -11.35 2.62
N VAL E 257 -10.83 -11.69 1.33
CA VAL E 257 -9.72 -12.23 0.60
C VAL E 257 -9.41 -11.23 -0.50
N ARG E 258 -8.17 -10.77 -0.53
CA ARG E 258 -7.72 -9.80 -1.52
C ARG E 258 -6.53 -10.33 -2.30
N ILE E 259 -6.73 -10.57 -3.58
CA ILE E 259 -5.66 -11.07 -4.45
C ILE E 259 -5.20 -9.92 -5.34
N VAL E 260 -3.90 -9.73 -5.45
CA VAL E 260 -3.41 -8.64 -6.29
C VAL E 260 -2.25 -8.99 -7.21
N SER E 261 -2.53 -8.95 -8.51
CA SER E 261 -1.51 -9.21 -9.51
C SER E 261 -0.88 -7.85 -9.77
N PRO E 262 0.37 -7.66 -9.35
CA PRO E 262 1.07 -6.38 -9.56
C PRO E 262 1.65 -6.38 -10.99
N ASP E 263 2.87 -5.89 -11.15
CA ASP E 263 3.49 -5.94 -12.47
C ASP E 263 3.96 -7.38 -12.64
N ILE E 264 3.70 -7.97 -13.80
CA ILE E 264 4.11 -9.35 -14.05
C ILE E 264 5.09 -9.38 -15.22
N GLY E 265 6.25 -10.00 -15.00
CA GLY E 265 7.27 -10.06 -16.05
C GLY E 265 6.97 -11.12 -17.08
N GLY E 266 5.82 -10.99 -17.74
CA GLY E 266 5.42 -11.97 -18.73
C GLY E 266 4.66 -13.11 -18.09
N GLY E 267 3.63 -13.58 -18.79
CA GLY E 267 2.85 -14.69 -18.29
C GLY E 267 2.91 -15.78 -19.33
N PHE E 268 2.46 -15.43 -20.54
CA PHE E 268 2.44 -16.35 -21.67
C PHE E 268 1.68 -17.63 -21.35
N GLY E 269 0.56 -17.48 -20.64
CA GLY E 269 -0.25 -18.63 -20.27
C GLY E 269 0.30 -19.47 -19.15
N ASN E 270 1.56 -19.23 -18.80
CA ASN E 270 2.23 -19.98 -17.75
C ASN E 270 1.70 -19.63 -16.36
N LYS E 271 1.07 -18.45 -16.22
CA LYS E 271 0.58 -18.01 -14.92
C LYS E 271 -0.94 -17.93 -14.77
N VAL E 272 -1.66 -18.77 -15.50
CA VAL E 272 -3.12 -18.79 -15.43
C VAL E 272 -3.55 -19.60 -14.21
N GLY E 273 -2.93 -20.75 -14.03
CA GLY E 273 -3.29 -21.64 -12.93
C GLY E 273 -2.71 -21.38 -11.55
N ILE E 274 -3.18 -22.17 -10.60
CA ILE E 274 -2.77 -22.12 -9.21
C ILE E 274 -1.79 -23.27 -9.03
N TYR E 275 -0.60 -22.95 -8.54
CA TYR E 275 0.44 -23.95 -8.32
C TYR E 275 0.54 -24.27 -6.84
N PRO E 276 0.93 -25.50 -6.49
CA PRO E 276 1.06 -25.90 -5.09
C PRO E 276 1.86 -24.89 -4.25
N GLY E 277 2.81 -24.23 -4.89
CA GLY E 277 3.62 -23.23 -4.21
C GLY E 277 2.77 -22.11 -3.61
N TYR E 278 1.74 -21.66 -4.35
CA TYR E 278 0.87 -20.61 -3.87
C TYR E 278 0.08 -21.11 -2.66
N VAL E 279 -0.53 -22.29 -2.81
CA VAL E 279 -1.33 -22.89 -1.74
C VAL E 279 -0.53 -23.07 -0.47
N CYS E 280 0.71 -23.52 -0.60
CA CYS E 280 1.59 -23.72 0.56
C CYS E 280 1.92 -22.42 1.27
N ALA E 281 2.23 -21.37 0.50
CA ALA E 281 2.56 -20.06 1.09
C ALA E 281 1.35 -19.53 1.86
N ILE E 282 0.17 -19.69 1.28
CA ILE E 282 -1.05 -19.22 1.93
C ILE E 282 -1.25 -19.96 3.25
N VAL E 283 -1.11 -21.29 3.22
CA VAL E 283 -1.28 -22.10 4.42
C VAL E 283 -0.27 -21.75 5.50
N ALA E 284 0.99 -21.63 5.11
CA ALA E 284 2.06 -21.29 6.05
C ALA E 284 1.78 -19.92 6.68
N SER E 285 1.32 -18.97 5.86
CA SER E 285 1.01 -17.64 6.33
C SER E 285 -0.11 -17.68 7.37
N ILE E 286 -1.12 -18.50 7.12
CA ILE E 286 -2.24 -18.64 8.05
C ILE E 286 -1.75 -19.25 9.37
N VAL E 287 -0.90 -20.27 9.29
CA VAL E 287 -0.35 -20.93 10.46
C VAL E 287 0.61 -20.06 11.25
N LEU E 288 1.48 -19.31 10.55
CA LEU E 288 2.45 -18.47 11.23
C LEU E 288 1.96 -17.07 11.55
N GLY E 289 0.79 -16.70 11.05
CA GLY E 289 0.24 -15.38 11.29
C GLY E 289 1.11 -14.26 10.75
N ARG E 290 1.84 -14.53 9.68
CA ARG E 290 2.69 -13.53 9.04
C ARG E 290 2.98 -13.78 7.56
N PRO E 291 3.43 -12.74 6.83
CA PRO E 291 3.72 -12.87 5.40
C PRO E 291 4.73 -13.95 5.03
N VAL E 292 4.44 -14.68 3.97
CA VAL E 292 5.35 -15.72 3.49
C VAL E 292 5.58 -15.51 2.00
N LYS E 293 6.85 -15.38 1.62
CA LYS E 293 7.21 -15.18 0.22
C LYS E 293 7.74 -16.46 -0.43
N TRP E 294 7.23 -16.74 -1.63
CA TRP E 294 7.69 -17.88 -2.40
C TRP E 294 8.01 -17.41 -3.82
N VAL E 295 9.24 -17.66 -4.27
CA VAL E 295 9.66 -17.27 -5.62
C VAL E 295 10.52 -18.41 -6.15
N GLU E 296 10.00 -19.11 -7.16
CA GLU E 296 10.70 -20.24 -7.74
C GLU E 296 11.87 -19.84 -8.64
N ASP E 297 12.81 -20.77 -8.79
CA ASP E 297 13.96 -20.60 -9.65
C ASP E 297 13.56 -21.12 -11.03
N ARG E 298 14.33 -20.74 -12.04
CA ARG E 298 14.10 -21.14 -13.43
C ARG E 298 13.92 -22.65 -13.62
N VAL E 299 14.77 -23.43 -12.96
CA VAL E 299 14.69 -24.88 -13.08
C VAL E 299 13.34 -25.41 -12.63
N GLU E 300 12.79 -24.82 -11.57
CA GLU E 300 11.49 -25.22 -11.03
C GLU E 300 10.37 -24.81 -11.97
N ASN E 301 10.51 -23.62 -12.57
CA ASN E 301 9.51 -23.11 -13.49
C ASN E 301 9.36 -24.02 -14.70
N ILE E 302 10.48 -24.30 -15.37
CA ILE E 302 10.46 -25.16 -16.55
C ILE E 302 10.04 -26.58 -16.19
N SER E 303 10.48 -27.06 -15.04
CA SER E 303 10.17 -28.41 -14.62
C SER E 303 8.76 -28.71 -14.08
N THR E 304 8.16 -27.76 -13.36
CA THR E 304 6.86 -28.04 -12.76
C THR E 304 5.66 -27.19 -13.10
N THR E 305 5.85 -26.07 -13.79
CA THR E 305 4.71 -25.23 -14.15
C THR E 305 4.15 -25.65 -15.50
N ALA E 306 3.05 -25.04 -15.91
CA ALA E 306 2.37 -25.38 -17.15
C ALA E 306 3.17 -25.39 -18.45
N PHE E 307 3.26 -26.58 -19.05
CA PHE E 307 3.94 -26.78 -20.33
C PHE E 307 2.92 -26.57 -21.44
N ALA E 308 3.37 -26.65 -22.69
CA ALA E 308 2.48 -26.49 -23.82
C ALA E 308 2.66 -27.62 -24.82
N ARG E 309 1.59 -27.87 -25.57
CA ARG E 309 1.51 -28.88 -26.62
C ARG E 309 1.48 -30.33 -26.15
N ASP E 310 2.38 -31.16 -26.69
CA ASP E 310 2.46 -32.57 -26.35
C ASP E 310 1.26 -33.35 -26.91
N TYR E 311 1.00 -33.11 -28.20
CA TYR E 311 -0.09 -33.74 -28.95
C TYR E 311 0.49 -34.67 -30.02
N HIS E 312 0.06 -35.92 -30.01
CA HIS E 312 0.49 -36.91 -31.01
C HIS E 312 -0.67 -36.92 -32.00
N MET E 313 -0.46 -36.38 -33.19
CA MET E 313 -1.54 -36.26 -34.15
C MET E 313 -1.50 -37.02 -35.47
N ASP E 314 -2.66 -37.56 -35.84
CA ASP E 314 -2.84 -38.29 -37.09
C ASP E 314 -3.88 -37.55 -37.93
N GLY E 315 -3.41 -36.81 -38.94
CA GLY E 315 -4.29 -36.04 -39.80
C GLY E 315 -4.62 -36.73 -41.12
N GLU E 316 -5.78 -36.39 -41.68
CA GLU E 316 -6.24 -36.98 -42.94
C GLU E 316 -7.05 -35.97 -43.73
N LEU E 317 -6.87 -36.00 -45.03
CA LEU E 317 -7.58 -35.09 -45.91
C LEU E 317 -8.15 -35.88 -47.10
N ALA E 318 -9.39 -35.59 -47.45
CA ALA E 318 -10.05 -36.25 -48.58
C ALA E 318 -10.28 -35.16 -49.61
N ALA E 319 -10.02 -35.46 -50.88
CA ALA E 319 -10.19 -34.44 -51.92
C ALA E 319 -10.36 -34.98 -53.32
N THR E 320 -10.64 -34.06 -54.24
CA THR E 320 -10.76 -34.38 -55.65
C THR E 320 -9.40 -33.97 -56.26
N PRO E 321 -9.01 -34.58 -57.40
CA PRO E 321 -7.74 -34.29 -58.08
C PRO E 321 -7.34 -32.83 -58.35
N ASP E 322 -8.29 -31.90 -58.26
CA ASP E 322 -7.97 -30.49 -58.46
C ASP E 322 -7.59 -29.80 -57.15
N GLY E 323 -7.55 -30.57 -56.07
CA GLY E 323 -7.18 -30.03 -54.77
C GLY E 323 -8.31 -29.52 -53.89
N LYS E 324 -9.56 -29.75 -54.29
CA LYS E 324 -10.71 -29.31 -53.50
C LYS E 324 -10.92 -30.31 -52.38
N ILE E 325 -10.80 -29.84 -51.15
CA ILE E 325 -10.97 -30.69 -49.97
C ILE E 325 -12.42 -31.08 -49.75
N LEU E 326 -12.66 -32.37 -49.55
CA LEU E 326 -14.01 -32.90 -49.33
C LEU E 326 -14.25 -33.25 -47.88
N GLY E 327 -13.18 -33.61 -47.17
CA GLY E 327 -13.30 -33.98 -45.77
C GLY E 327 -12.01 -33.92 -44.98
N LEU E 328 -12.16 -33.90 -43.65
CA LEU E 328 -11.03 -33.84 -42.73
C LEU E 328 -11.30 -34.78 -41.56
N ARG E 329 -10.33 -35.62 -41.25
CA ARG E 329 -10.46 -36.56 -40.13
C ARG E 329 -9.18 -36.52 -39.32
N VAL E 330 -9.33 -36.31 -38.01
CA VAL E 330 -8.18 -36.22 -37.12
C VAL E 330 -8.32 -37.06 -35.86
N ASN E 331 -7.21 -37.64 -35.41
CA ASN E 331 -7.17 -38.44 -34.20
C ASN E 331 -5.91 -38.01 -33.44
N VAL E 332 -6.08 -37.70 -32.16
CA VAL E 332 -4.97 -37.23 -31.34
C VAL E 332 -4.89 -37.94 -30.00
N VAL E 333 -3.66 -38.15 -29.54
CA VAL E 333 -3.38 -38.73 -28.22
C VAL E 333 -2.71 -37.59 -27.46
N ALA E 334 -3.38 -37.12 -26.42
CA ALA E 334 -2.88 -36.01 -25.61
C ALA E 334 -2.17 -36.44 -24.34
N ASP E 335 -0.96 -35.96 -24.15
CA ASP E 335 -0.16 -36.28 -22.98
C ASP E 335 -0.36 -35.14 -21.99
N HIS E 336 -1.12 -35.40 -20.93
CA HIS E 336 -1.41 -34.38 -19.93
C HIS E 336 -0.62 -34.48 -18.62
N GLY E 337 0.31 -35.43 -18.53
CA GLY E 337 1.07 -35.57 -17.31
C GLY E 337 0.28 -36.24 -16.21
N ALA E 338 0.81 -36.17 -14.98
CA ALA E 338 0.21 -36.80 -13.80
C ALA E 338 -1.22 -36.42 -13.44
N PHE E 339 -1.49 -35.12 -13.33
CA PHE E 339 -2.82 -34.64 -13.01
C PHE E 339 -3.27 -33.76 -14.15
N ASP E 340 -4.55 -33.80 -14.49
CA ASP E 340 -5.03 -32.96 -15.57
C ASP E 340 -5.35 -31.58 -15.01
N ALA E 341 -4.43 -30.64 -15.23
CA ALA E 341 -4.59 -29.25 -14.77
C ALA E 341 -4.60 -28.31 -15.97
N CYS E 342 -5.01 -28.85 -17.10
CA CYS E 342 -5.07 -28.13 -18.36
C CYS E 342 -6.07 -26.97 -18.34
N ALA E 343 -5.56 -25.75 -18.53
CA ALA E 343 -6.41 -24.55 -18.55
C ALA E 343 -7.33 -24.60 -19.76
N ASP E 344 -8.64 -24.55 -19.51
CA ASP E 344 -9.65 -24.58 -20.58
C ASP E 344 -11.01 -24.34 -19.96
N PRO E 345 -11.99 -23.94 -20.79
CA PRO E 345 -13.35 -23.72 -20.28
C PRO E 345 -13.78 -25.14 -19.88
N THR E 346 -14.56 -25.29 -18.82
CA THR E 346 -14.96 -26.62 -18.36
C THR E 346 -15.54 -27.60 -19.38
N LYS E 347 -16.13 -27.10 -20.46
CA LYS E 347 -16.72 -27.99 -21.46
C LYS E 347 -15.79 -28.36 -22.62
N PHE E 348 -14.53 -27.93 -22.55
CA PHE E 348 -13.58 -28.22 -23.63
C PHE E 348 -12.26 -28.78 -23.16
N PRO E 349 -12.23 -30.09 -22.86
CA PRO E 349 -11.01 -30.76 -22.38
C PRO E 349 -9.90 -30.76 -23.42
N ALA E 350 -10.23 -30.39 -24.66
CA ALA E 350 -9.28 -30.30 -25.76
C ALA E 350 -9.34 -28.88 -26.33
N GLY E 351 -9.75 -27.94 -25.49
CA GLY E 351 -9.85 -26.56 -25.90
C GLY E 351 -10.70 -26.38 -27.14
N LEU E 352 -10.29 -25.48 -28.02
CA LEU E 352 -11.01 -25.21 -29.24
C LEU E 352 -10.30 -25.86 -30.43
N PHE E 353 -9.85 -27.10 -30.22
CA PHE E 353 -9.14 -27.84 -31.25
C PHE E 353 -10.01 -28.07 -32.49
N HIS E 354 -11.33 -28.05 -32.32
CA HIS E 354 -12.22 -28.26 -33.44
C HIS E 354 -12.28 -27.07 -34.40
N ILE E 355 -11.31 -26.18 -34.26
CA ILE E 355 -11.24 -25.05 -35.16
C ILE E 355 -10.22 -25.46 -36.24
N CYS E 356 -9.82 -26.74 -36.20
CA CYS E 356 -8.87 -27.31 -37.13
C CYS E 356 -9.33 -27.43 -38.59
N SER E 357 -10.52 -26.92 -38.90
CA SER E 357 -10.99 -26.94 -40.28
C SER E 357 -10.27 -25.78 -40.98
N GLY E 358 -9.64 -24.93 -40.18
CA GLY E 358 -8.88 -23.80 -40.66
C GLY E 358 -9.59 -22.72 -41.43
N SER E 359 -8.86 -22.14 -42.38
CA SER E 359 -9.38 -21.09 -43.24
C SER E 359 -10.07 -21.68 -44.46
N TYR E 360 -10.40 -22.96 -44.41
CA TYR E 360 -11.00 -23.64 -45.55
C TYR E 360 -12.44 -24.11 -45.39
N ASP E 361 -13.18 -24.02 -46.48
CA ASP E 361 -14.58 -24.46 -46.51
C ASP E 361 -14.58 -25.97 -46.70
N ILE E 362 -14.52 -26.70 -45.58
CA ILE E 362 -14.53 -28.15 -45.62
C ILE E 362 -15.91 -28.59 -45.17
N PRO E 363 -16.68 -29.22 -46.09
CA PRO E 363 -18.04 -29.70 -45.85
C PRO E 363 -18.24 -30.83 -44.86
N ARG E 364 -17.21 -31.65 -44.63
CA ARG E 364 -17.32 -32.76 -43.69
C ARG E 364 -16.02 -32.91 -42.91
N ALA E 365 -16.13 -32.95 -41.58
CA ALA E 365 -14.95 -33.08 -40.74
C ALA E 365 -15.25 -33.70 -39.36
N HIS E 366 -14.22 -34.28 -38.75
CA HIS E 366 -14.37 -34.87 -37.43
C HIS E 366 -13.01 -35.01 -36.78
N CYS E 367 -12.95 -34.70 -35.49
CA CYS E 367 -11.72 -34.80 -34.74
C CYS E 367 -12.00 -35.56 -33.45
N SER E 368 -10.97 -36.22 -32.93
CA SER E 368 -11.10 -36.97 -31.70
C SER E 368 -9.81 -36.87 -30.91
N VAL E 369 -9.92 -36.47 -29.66
CA VAL E 369 -8.78 -36.31 -28.79
C VAL E 369 -8.91 -37.18 -27.55
N LYS E 370 -7.86 -37.92 -27.25
CA LYS E 370 -7.82 -38.80 -26.10
C LYS E 370 -6.66 -38.39 -25.20
N GLY E 371 -6.97 -37.87 -24.01
CA GLY E 371 -5.92 -37.47 -23.09
C GLY E 371 -5.54 -38.61 -22.16
N VAL E 372 -4.25 -38.73 -21.85
CA VAL E 372 -3.77 -39.79 -20.96
C VAL E 372 -2.77 -39.29 -19.92
N TYR E 373 -2.69 -40.01 -18.80
CA TYR E 373 -1.78 -39.70 -17.69
C TYR E 373 -0.37 -40.27 -17.89
N THR E 374 0.63 -39.54 -17.43
CA THR E 374 2.02 -39.97 -17.52
C THR E 374 2.73 -39.36 -16.32
N ASN E 375 3.91 -39.88 -15.97
CA ASN E 375 4.66 -39.35 -14.83
C ASN E 375 5.40 -38.04 -15.19
N LYS E 376 4.64 -37.00 -15.45
CA LYS E 376 5.18 -35.69 -15.80
C LYS E 376 4.34 -34.58 -15.17
N ALA E 377 4.85 -33.35 -15.22
CA ALA E 377 4.15 -32.19 -14.66
C ALA E 377 2.88 -31.88 -15.45
N PRO E 378 1.84 -31.36 -14.77
CA PRO E 378 0.56 -31.01 -15.40
C PRO E 378 0.72 -29.84 -16.37
N GLY E 379 -0.30 -29.60 -17.18
CA GLY E 379 -0.26 -28.51 -18.14
C GLY E 379 -0.85 -28.91 -19.48
N GLY E 380 -0.39 -28.26 -20.55
CA GLY E 380 -0.90 -28.57 -21.87
C GLY E 380 -1.30 -27.29 -22.57
N VAL E 381 -2.10 -26.48 -21.89
CA VAL E 381 -2.54 -25.21 -22.46
C VAL E 381 -1.74 -24.04 -21.87
N ALA E 382 -0.94 -23.42 -22.74
CA ALA E 382 -0.10 -22.28 -22.38
C ALA E 382 0.73 -21.92 -23.61
N TYR E 383 1.60 -20.91 -23.45
CA TYR E 383 2.51 -20.48 -24.51
C TYR E 383 1.82 -19.96 -25.78
N SER E 386 -4.14 -20.26 -27.35
CA SER E 386 -5.55 -19.90 -27.54
C SER E 386 -6.48 -21.08 -27.31
N PHE E 387 -6.04 -22.00 -26.43
CA PHE E 387 -6.79 -23.22 -26.12
C PHE E 387 -6.69 -24.23 -27.27
N ARG E 388 -5.49 -24.77 -27.45
CA ARG E 388 -5.19 -25.77 -28.48
C ARG E 388 -5.31 -25.34 -29.95
N VAL E 389 -5.43 -24.04 -30.19
CA VAL E 389 -5.52 -23.55 -31.57
C VAL E 389 -4.17 -23.78 -32.29
N THR E 390 -3.07 -23.67 -31.54
CA THR E 390 -1.73 -23.88 -32.09
C THR E 390 -1.67 -25.26 -32.75
N GLU E 391 -2.16 -26.27 -32.03
CA GLU E 391 -2.17 -27.65 -32.51
C GLU E 391 -3.13 -27.82 -33.69
N ALA E 392 -4.27 -27.13 -33.61
CA ALA E 392 -5.29 -27.17 -34.65
C ALA E 392 -4.79 -26.59 -35.97
N VAL E 393 -4.14 -25.44 -35.89
CA VAL E 393 -3.61 -24.77 -37.08
C VAL E 393 -2.45 -25.55 -37.70
N TYR E 394 -1.59 -26.10 -36.84
CA TYR E 394 -0.43 -26.86 -37.28
C TYR E 394 -0.87 -28.13 -38.01
N LEU E 395 -1.92 -28.76 -37.48
CA LEU E 395 -2.45 -29.98 -38.07
C LEU E 395 -2.95 -29.74 -39.50
N ILE E 396 -3.87 -28.79 -39.66
CA ILE E 396 -4.46 -28.50 -40.97
C ILE E 396 -3.48 -27.97 -42.01
N GLU E 397 -2.61 -27.05 -41.61
CA GLU E 397 -1.62 -26.49 -42.52
C GLU E 397 -0.59 -27.52 -42.99
N ARG E 398 -0.22 -28.43 -42.10
CA ARG E 398 0.72 -29.48 -42.46
C ARG E 398 -0.02 -30.43 -43.40
N MET E 399 -1.27 -30.75 -43.09
CA MET E 399 -2.06 -31.64 -43.93
C MET E 399 -2.28 -31.08 -45.33
N VAL E 400 -2.56 -29.79 -45.43
CA VAL E 400 -2.77 -29.15 -46.73
C VAL E 400 -1.48 -29.24 -47.58
N ASP E 401 -0.33 -29.09 -46.93
CA ASP E 401 0.96 -29.20 -47.62
C ASP E 401 1.14 -30.64 -48.11
N VAL E 402 0.73 -31.61 -47.29
CA VAL E 402 0.85 -33.01 -47.66
C VAL E 402 -0.02 -33.30 -48.88
N LEU E 403 -1.23 -32.75 -48.89
CA LEU E 403 -2.16 -32.94 -50.00
C LEU E 403 -1.57 -32.30 -51.27
N ALA E 404 -1.07 -31.08 -51.13
CA ALA E 404 -0.47 -30.36 -52.27
C ALA E 404 0.68 -31.15 -52.88
N GLN E 405 1.48 -31.79 -52.04
CA GLN E 405 2.61 -32.57 -52.52
C GLN E 405 2.21 -33.88 -53.20
N LYS E 406 1.09 -34.48 -52.78
CA LYS E 406 0.67 -35.72 -53.40
C LYS E 406 0.06 -35.44 -54.78
N LEU E 407 -0.61 -34.29 -54.90
CA LEU E 407 -1.23 -33.90 -56.16
C LEU E 407 -0.25 -33.12 -57.03
N ASN E 408 0.96 -32.89 -56.50
CA ASN E 408 1.98 -32.13 -57.21
C ASN E 408 1.40 -30.75 -57.55
N MET E 409 0.70 -30.17 -56.57
CA MET E 409 0.06 -28.88 -56.74
C MET E 409 0.72 -27.80 -55.88
N ASP E 410 0.85 -26.61 -56.45
CA ASP E 410 1.46 -25.47 -55.75
C ASP E 410 0.77 -25.26 -54.41
N LYS E 411 1.56 -24.99 -53.38
CA LYS E 411 1.05 -24.79 -52.04
C LYS E 411 0.21 -23.54 -51.80
N ALA E 412 0.44 -22.49 -52.59
CA ALA E 412 -0.36 -21.28 -52.43
C ALA E 412 -1.69 -21.48 -53.18
N GLU E 413 -1.61 -22.06 -54.37
CA GLU E 413 -2.76 -22.34 -55.22
C GLU E 413 -3.83 -23.21 -54.56
N ILE E 414 -3.41 -24.27 -53.90
CA ILE E 414 -4.34 -25.18 -53.24
C ILE E 414 -5.09 -24.51 -52.09
N ARG E 415 -4.46 -23.50 -51.49
CA ARG E 415 -5.07 -22.76 -50.39
C ARG E 415 -6.10 -21.78 -50.94
N ALA E 416 -5.75 -21.04 -52.00
CA ALA E 416 -6.66 -20.09 -52.62
C ALA E 416 -7.91 -20.81 -53.16
N LYS E 417 -7.73 -22.10 -53.44
CA LYS E 417 -8.80 -22.95 -53.94
C LYS E 417 -9.76 -23.36 -52.84
N ASN E 418 -9.25 -23.55 -51.63
CA ASN E 418 -10.08 -23.97 -50.51
C ASN E 418 -10.50 -22.89 -49.51
N PHE E 419 -9.95 -21.69 -49.65
CA PHE E 419 -10.28 -20.58 -48.74
C PHE E 419 -11.78 -20.36 -48.63
N ILE E 420 -12.22 -19.93 -47.45
CA ILE E 420 -13.62 -19.59 -47.26
C ILE E 420 -13.67 -18.24 -48.00
N ARG E 421 -14.62 -18.08 -48.91
CA ARG E 421 -14.72 -16.83 -49.65
C ARG E 421 -15.22 -15.70 -48.75
N LYS E 422 -14.78 -14.49 -49.06
CA LYS E 422 -15.17 -13.31 -48.29
C LYS E 422 -16.68 -13.19 -48.11
N GLU E 423 -17.42 -13.49 -49.18
CA GLU E 423 -18.87 -13.39 -49.17
C GLU E 423 -19.56 -14.49 -48.38
N GLN E 424 -18.80 -15.48 -47.91
CA GLN E 424 -19.36 -16.59 -47.14
C GLN E 424 -19.48 -16.28 -45.66
N PHE E 425 -18.86 -15.20 -45.22
CA PHE E 425 -18.90 -14.78 -43.82
C PHE E 425 -20.18 -14.02 -43.51
N PRO E 426 -20.79 -14.25 -42.32
CA PRO E 426 -20.34 -15.18 -41.27
C PRO E 426 -20.51 -16.64 -41.66
N TYR E 427 -19.39 -17.34 -41.66
CA TYR E 427 -19.30 -18.75 -42.05
C TYR E 427 -19.35 -19.76 -40.90
N THR E 428 -20.24 -20.74 -41.02
CA THR E 428 -20.37 -21.79 -40.00
C THR E 428 -19.59 -23.02 -40.49
N THR E 429 -18.54 -23.40 -39.75
CA THR E 429 -17.73 -24.54 -40.14
C THR E 429 -18.35 -25.89 -39.87
N GLN E 430 -17.66 -26.93 -40.34
CA GLN E 430 -18.10 -28.28 -40.18
C GLN E 430 -18.13 -28.68 -38.71
N PHE E 431 -17.48 -27.86 -37.88
CA PHE E 431 -17.39 -28.10 -36.45
C PHE E 431 -18.32 -27.20 -35.64
N GLY E 432 -19.08 -26.32 -36.31
CA GLY E 432 -20.01 -25.48 -35.59
C GLY E 432 -19.61 -24.07 -35.16
N PHE E 433 -18.39 -23.64 -35.52
CA PHE E 433 -17.95 -22.29 -35.19
C PHE E 433 -18.51 -21.34 -36.23
N GLU E 434 -18.84 -20.12 -35.82
CA GLU E 434 -19.34 -19.13 -36.75
C GLU E 434 -18.25 -18.05 -36.92
N TYR E 435 -17.39 -18.21 -37.93
CA TYR E 435 -16.32 -17.25 -38.21
C TYR E 435 -16.98 -15.91 -38.44
N ASP E 436 -16.53 -14.88 -37.71
CA ASP E 436 -17.14 -13.56 -37.85
C ASP E 436 -16.97 -12.87 -39.19
N SER E 437 -15.74 -12.73 -39.66
CA SER E 437 -15.44 -12.06 -40.94
C SER E 437 -14.05 -12.46 -41.42
N GLY E 438 -13.76 -12.15 -42.67
CA GLY E 438 -12.46 -12.48 -43.23
C GLY E 438 -12.34 -12.15 -44.71
N ASP E 439 -11.10 -12.10 -45.20
CA ASP E 439 -10.82 -11.80 -46.61
C ASP E 439 -9.42 -12.36 -46.87
N TYR E 440 -9.34 -13.68 -46.95
CA TYR E 440 -8.11 -14.42 -47.16
C TYR E 440 -7.44 -14.27 -48.52
N HIS E 441 -8.22 -14.25 -49.60
CA HIS E 441 -7.68 -14.12 -50.94
C HIS E 441 -6.88 -12.85 -51.14
N THR E 442 -7.45 -11.72 -50.72
CA THR E 442 -6.79 -10.42 -50.85
C THR E 442 -5.47 -10.40 -50.08
N ALA E 443 -5.52 -10.92 -48.86
CA ALA E 443 -4.35 -10.95 -47.99
C ALA E 443 -3.25 -11.86 -48.53
N LEU E 444 -3.62 -13.00 -49.12
CA LEU E 444 -2.64 -13.92 -49.68
C LEU E 444 -1.96 -13.28 -50.87
N LYS E 445 -2.74 -12.67 -51.75
CA LYS E 445 -2.16 -12.01 -52.92
C LYS E 445 -1.16 -10.96 -52.51
N LYS E 446 -1.49 -10.22 -51.45
CA LYS E 446 -0.61 -9.18 -50.94
C LYS E 446 0.76 -9.74 -50.54
N VAL E 447 0.76 -10.85 -49.81
CA VAL E 447 2.00 -11.48 -49.37
C VAL E 447 2.80 -12.07 -50.52
N LEU E 448 2.13 -12.79 -51.41
CA LEU E 448 2.81 -13.39 -52.56
C LEU E 448 3.53 -12.34 -53.42
N ASP E 449 2.84 -11.23 -53.68
CA ASP E 449 3.44 -10.16 -54.47
C ASP E 449 4.58 -9.47 -53.72
N ALA E 450 4.41 -9.29 -52.42
CA ALA E 450 5.43 -8.63 -51.60
C ALA E 450 6.78 -9.34 -51.56
N VAL E 451 6.75 -10.67 -51.53
CA VAL E 451 7.98 -11.45 -51.47
C VAL E 451 8.39 -12.04 -52.83
N ASP E 452 7.63 -11.70 -53.88
CA ASP E 452 7.85 -12.19 -55.24
C ASP E 452 7.94 -13.72 -55.21
N TYR E 453 6.83 -14.33 -54.79
CA TYR E 453 6.71 -15.77 -54.67
C TYR E 453 7.14 -16.57 -55.90
N PRO E 454 6.66 -16.20 -57.11
CA PRO E 454 7.09 -16.96 -58.28
C PRO E 454 8.62 -16.95 -58.50
N ALA E 455 9.27 -15.83 -58.20
CA ALA E 455 10.72 -15.73 -58.34
C ALA E 455 11.40 -16.64 -57.30
N LEU E 456 10.79 -16.78 -56.13
CA LEU E 456 11.33 -17.63 -55.07
C LEU E 456 11.28 -19.08 -55.53
N ARG E 457 10.17 -19.46 -56.14
CA ARG E 457 10.00 -20.82 -56.65
C ARG E 457 10.96 -21.07 -57.81
N ALA E 458 11.23 -20.04 -58.61
CA ALA E 458 12.15 -20.16 -59.73
C ALA E 458 13.57 -20.41 -59.21
N GLU E 459 13.95 -19.65 -58.18
CA GLU E 459 15.27 -19.79 -57.56
C GLU E 459 15.42 -21.18 -56.95
N GLN E 460 14.37 -21.65 -56.30
CA GLN E 460 14.35 -22.96 -55.66
C GLN E 460 14.53 -24.06 -56.71
N ALA E 461 13.89 -23.88 -57.86
CA ALA E 461 13.98 -24.84 -58.96
C ALA E 461 15.42 -24.93 -59.49
N ALA E 462 16.08 -23.78 -59.57
CA ALA E 462 17.47 -23.72 -60.07
C ALA E 462 18.43 -24.46 -59.13
N ARG E 463 18.37 -24.17 -57.83
CA ARG E 463 19.24 -24.83 -56.84
C ARG E 463 19.07 -26.33 -56.83
N ARG E 464 17.81 -26.77 -56.94
CA ARG E 464 17.49 -28.19 -56.96
C ARG E 464 18.07 -28.89 -58.18
N ALA E 465 18.27 -28.14 -59.26
CA ALA E 465 18.82 -28.64 -60.51
C ALA E 465 20.28 -29.05 -60.35
N ASP E 466 21.09 -28.16 -59.77
CA ASP E 466 22.51 -28.44 -59.55
C ASP E 466 22.68 -29.41 -58.38
N PRO E 467 23.20 -30.61 -58.65
CA PRO E 467 23.42 -31.63 -57.62
C PRO E 467 24.39 -31.20 -56.53
N ASN E 468 25.27 -30.24 -56.85
CA ASN E 468 26.27 -29.75 -55.90
C ASN E 468 25.98 -28.43 -55.21
N SER E 469 24.70 -28.02 -55.16
CA SER E 469 24.36 -26.78 -54.47
C SER E 469 24.57 -27.09 -52.97
N PRO E 470 25.47 -26.34 -52.31
CA PRO E 470 25.77 -26.54 -50.89
C PRO E 470 24.61 -26.37 -49.89
N THR E 471 23.51 -25.77 -50.34
CA THR E 471 22.37 -25.55 -49.47
C THR E 471 21.02 -25.92 -50.09
N LEU E 472 20.08 -26.31 -49.23
CA LEU E 472 18.73 -26.66 -49.64
C LEU E 472 17.85 -25.42 -49.40
N MET E 473 16.96 -25.13 -50.34
CA MET E 473 16.06 -23.98 -50.19
C MET E 473 14.63 -24.46 -49.94
N GLY E 474 14.02 -23.89 -48.91
CA GLY E 474 12.67 -24.25 -48.56
C GLY E 474 11.80 -23.02 -48.40
N ILE E 475 10.59 -23.07 -48.95
CA ILE E 475 9.65 -21.97 -48.86
C ILE E 475 8.45 -22.46 -48.07
N GLY E 476 8.16 -21.79 -46.96
CA GLY E 476 7.03 -22.19 -46.14
C GLY E 476 5.93 -21.16 -46.18
N LEU E 477 4.69 -21.63 -46.30
CA LEU E 477 3.53 -20.74 -46.36
C LEU E 477 2.38 -21.22 -45.49
N VAL E 478 1.86 -20.34 -44.65
CA VAL E 478 0.74 -20.66 -43.78
C VAL E 478 -0.35 -19.59 -43.87
N THR E 479 -1.58 -20.05 -44.07
CA THR E 479 -2.76 -19.17 -44.14
C THR E 479 -3.68 -19.72 -43.06
N PHE E 480 -3.71 -19.03 -41.93
CA PHE E 480 -4.49 -19.46 -40.77
C PHE E 480 -5.61 -18.54 -40.31
N THR E 481 -6.51 -19.13 -39.51
CA THR E 481 -7.65 -18.45 -38.91
C THR E 481 -7.62 -18.77 -37.42
N GLU E 482 -7.62 -17.74 -36.59
CA GLU E 482 -7.59 -17.88 -35.13
C GLU E 482 -9.01 -17.77 -34.54
N VAL E 483 -9.18 -18.20 -33.29
CA VAL E 483 -10.46 -18.08 -32.57
C VAL E 483 -10.10 -17.51 -31.21
N VAL E 484 -10.26 -16.19 -31.03
CA VAL E 484 -9.91 -15.58 -29.76
C VAL E 484 -11.01 -14.75 -29.13
N GLY E 485 -11.08 -14.75 -27.81
CA GLY E 485 -12.09 -13.99 -27.09
C GLY E 485 -13.05 -14.91 -26.36
N ALA E 486 -12.50 -15.94 -25.74
CA ALA E 486 -13.29 -16.93 -25.00
C ALA E 486 -14.30 -16.22 -24.13
N GLY E 487 -15.57 -16.40 -24.49
CA GLY E 487 -16.57 -15.73 -23.73
C GLY E 487 -18.01 -16.16 -23.60
N PRO E 488 -18.78 -16.45 -24.67
CA PRO E 488 -20.20 -16.84 -24.53
C PRO E 488 -20.41 -17.73 -23.32
N SER E 489 -20.99 -17.17 -22.25
CA SER E 489 -21.19 -17.93 -21.01
C SER E 489 -21.94 -19.24 -21.14
N LYS E 490 -22.86 -19.32 -22.10
CA LYS E 490 -23.61 -20.56 -22.30
C LYS E 490 -22.66 -21.68 -22.74
N MET E 491 -21.59 -21.28 -23.43
CA MET E 491 -20.58 -22.20 -23.96
C MET E 491 -19.29 -22.24 -23.12
N CYS E 492 -18.79 -21.08 -22.73
CA CYS E 492 -17.52 -20.98 -22.00
C CYS E 492 -17.60 -20.51 -20.55
N ASP E 493 -16.95 -21.26 -19.67
CA ASP E 493 -16.90 -20.92 -18.26
C ASP E 493 -15.62 -21.48 -17.65
N ILE E 494 -15.09 -20.75 -16.67
CA ILE E 494 -13.89 -21.18 -15.95
C ILE E 494 -14.39 -21.56 -14.56
N LEU E 495 -14.37 -22.85 -14.25
CA LEU E 495 -14.84 -23.35 -12.96
C LEU E 495 -16.25 -22.87 -12.60
N GLY E 496 -17.10 -22.76 -13.62
CA GLY E 496 -18.47 -22.32 -13.39
C GLY E 496 -18.73 -20.85 -13.65
N VAL E 497 -17.67 -20.04 -13.70
CA VAL E 497 -17.84 -18.61 -13.94
C VAL E 497 -17.88 -18.32 -15.44
N GLY E 498 -18.99 -17.75 -15.90
CA GLY E 498 -19.13 -17.40 -17.31
C GLY E 498 -17.93 -16.57 -17.74
N MET E 499 -17.44 -16.81 -18.96
CA MET E 499 -16.27 -16.07 -19.43
C MET E 499 -16.50 -14.69 -20.01
N PHE E 500 -17.12 -13.84 -19.22
CA PHE E 500 -17.38 -12.47 -19.61
C PHE E 500 -16.17 -11.67 -19.12
N ASP E 501 -16.26 -10.36 -19.22
CA ASP E 501 -15.27 -9.47 -18.65
C ASP E 501 -15.90 -8.12 -18.42
N SER E 502 -15.19 -7.22 -17.76
CA SER E 502 -15.78 -5.95 -17.40
C SER E 502 -14.89 -4.74 -17.40
N CYS E 503 -15.52 -3.61 -17.22
CA CYS E 503 -14.83 -2.34 -17.15
C CYS E 503 -15.67 -1.33 -16.38
N GLU E 504 -14.98 -0.52 -15.58
CA GLU E 504 -15.64 0.52 -14.80
C GLU E 504 -14.86 1.80 -15.01
N ILE E 505 -15.59 2.84 -15.44
CA ILE E 505 -15.00 4.14 -15.70
C ILE E 505 -15.65 5.20 -14.82
N ARG E 506 -14.84 6.07 -14.23
CA ARG E 506 -15.35 7.14 -13.40
C ARG E 506 -14.72 8.44 -13.88
N ILE E 507 -15.55 9.41 -14.25
CA ILE E 507 -15.07 10.71 -14.72
C ILE E 507 -15.03 11.66 -13.54
N HIS E 508 -13.88 12.30 -13.34
CA HIS E 508 -13.72 13.24 -12.23
C HIS E 508 -14.29 14.62 -12.56
N PRO E 509 -14.61 15.43 -11.53
CA PRO E 509 -15.16 16.78 -11.72
C PRO E 509 -14.40 17.62 -12.74
N THR E 510 -13.08 17.43 -12.83
CA THR E 510 -12.26 18.21 -13.75
C THR E 510 -12.06 17.66 -15.16
N GLY E 511 -12.65 16.50 -15.46
CA GLY E 511 -12.53 15.97 -16.80
C GLY E 511 -11.67 14.74 -17.03
N SER E 512 -10.71 14.48 -16.16
CA SER E 512 -9.87 13.31 -16.30
C SER E 512 -10.63 12.11 -15.75
N ALA E 513 -10.01 10.94 -15.71
CA ALA E 513 -10.75 9.77 -15.24
C ALA E 513 -9.93 8.56 -14.83
N ILE E 514 -10.58 7.65 -14.11
CA ILE E 514 -9.93 6.42 -13.68
C ILE E 514 -10.73 5.25 -14.26
N ALA E 515 -10.04 4.22 -14.73
CA ALA E 515 -10.68 3.05 -15.33
C ALA E 515 -10.04 1.75 -14.87
N ARG E 516 -10.88 0.78 -14.51
CA ARG E 516 -10.41 -0.52 -14.06
C ARG E 516 -11.16 -1.64 -14.77
N MET E 517 -10.42 -2.64 -15.22
CA MET E 517 -11.01 -3.76 -15.93
C MET E 517 -10.72 -5.08 -15.21
N GLY E 518 -11.46 -6.13 -15.58
CA GLY E 518 -11.29 -7.44 -14.98
C GLY E 518 -10.21 -8.31 -15.63
N THR E 519 -9.44 -7.71 -16.54
CA THR E 519 -8.33 -8.39 -17.21
C THR E 519 -7.05 -8.05 -16.43
N ILE E 520 -5.90 -8.50 -16.90
CA ILE E 520 -4.62 -8.20 -16.23
C ILE E 520 -3.47 -8.33 -17.19
N THR E 521 -2.85 -7.20 -17.52
CA THR E 521 -1.72 -7.18 -18.43
C THR E 521 -0.48 -7.82 -17.84
N GLN E 522 0.35 -8.38 -18.71
CA GLN E 522 1.62 -8.98 -18.33
C GLN E 522 2.64 -8.42 -19.32
N GLY E 523 2.36 -7.22 -19.83
CA GLY E 523 3.26 -6.57 -20.77
C GLY E 523 2.69 -6.16 -22.11
N GLN E 524 1.48 -6.59 -22.44
CA GLN E 524 0.89 -6.25 -23.72
C GLN E 524 0.35 -4.83 -23.89
N GLY E 525 0.58 -3.97 -22.90
CA GLY E 525 0.19 -2.57 -23.02
C GLY E 525 -1.18 -2.04 -22.70
N HIS E 526 -1.98 -2.79 -21.95
CA HIS E 526 -3.34 -2.38 -21.59
C HIS E 526 -3.46 -0.98 -21.00
N GLN E 527 -2.52 -0.58 -20.15
CA GLN E 527 -2.58 0.75 -19.53
C GLN E 527 -2.52 1.89 -20.54
N THR E 528 -2.07 1.56 -21.75
CA THR E 528 -1.99 2.51 -22.83
C THR E 528 -3.18 2.32 -23.78
N THR E 529 -3.31 1.12 -24.33
CA THR E 529 -4.40 0.84 -25.28
C THR E 529 -5.82 1.05 -24.75
N TYR E 530 -6.11 0.53 -23.55
CA TYR E 530 -7.43 0.67 -22.94
C TYR E 530 -7.77 2.14 -22.85
N ALA E 531 -6.78 2.95 -22.52
CA ALA E 531 -6.95 4.39 -22.38
C ALA E 531 -7.29 5.01 -23.74
N GLN E 532 -6.71 4.46 -24.81
CA GLN E 532 -6.96 4.95 -26.15
C GLN E 532 -8.38 4.68 -26.60
N ILE E 533 -8.93 3.52 -26.23
CA ILE E 533 -10.31 3.18 -26.59
C ILE E 533 -11.25 4.20 -25.96
N ILE E 534 -11.04 4.47 -24.68
CA ILE E 534 -11.86 5.42 -23.94
C ILE E 534 -11.67 6.85 -24.45
N ALA E 535 -10.44 7.19 -24.81
CA ALA E 535 -10.14 8.53 -25.33
C ALA E 535 -11.05 8.91 -26.50
N THR E 536 -11.17 7.99 -27.46
CA THR E 536 -12.02 8.19 -28.62
C THR E 536 -13.52 8.20 -28.27
N GLU E 537 -13.94 7.32 -27.37
CA GLU E 537 -15.34 7.26 -26.97
C GLU E 537 -15.83 8.49 -26.20
N LEU E 538 -14.96 9.09 -25.39
CA LEU E 538 -15.37 10.23 -24.56
C LEU E 538 -14.71 11.59 -24.80
N GLY E 539 -13.79 11.67 -25.76
CA GLY E 539 -13.13 12.95 -26.02
C GLY E 539 -12.26 13.46 -24.87
N ILE E 540 -11.54 12.54 -24.23
CA ILE E 540 -10.65 12.87 -23.12
C ILE E 540 -9.29 12.28 -23.51
N PRO E 541 -8.23 13.10 -23.52
CA PRO E 541 -6.93 12.53 -23.90
C PRO E 541 -6.55 11.27 -23.11
N SER E 542 -6.01 10.28 -23.80
CA SER E 542 -5.63 9.02 -23.16
C SER E 542 -4.60 9.20 -22.05
N GLU E 543 -3.82 10.27 -22.13
CA GLU E 543 -2.77 10.54 -21.15
C GLU E 543 -3.31 10.73 -19.74
N VAL E 544 -4.55 11.22 -19.63
CA VAL E 544 -5.16 11.46 -18.34
C VAL E 544 -6.25 10.46 -17.94
N ILE E 545 -6.33 9.37 -18.68
CA ILE E 545 -7.28 8.29 -18.37
C ILE E 545 -6.41 7.20 -17.76
N GLN E 546 -6.41 7.13 -16.43
CA GLN E 546 -5.57 6.16 -15.74
C GLN E 546 -6.22 4.79 -15.63
N VAL E 547 -5.58 3.77 -16.19
CA VAL E 547 -6.14 2.44 -16.10
C VAL E 547 -5.34 1.52 -15.17
N GLU E 548 -6.08 0.68 -14.44
CA GLU E 548 -5.49 -0.29 -13.52
C GLU E 548 -6.22 -1.62 -13.63
N GLU E 549 -5.49 -2.69 -13.31
CA GLU E 549 -6.01 -4.06 -13.34
C GLU E 549 -5.31 -4.80 -12.20
N GLY E 550 -5.76 -6.02 -11.93
CA GLY E 550 -5.12 -6.85 -10.94
C GLY E 550 -5.47 -6.86 -9.46
N ASP E 551 -6.15 -5.83 -8.99
CA ASP E 551 -6.49 -5.77 -7.57
C ASP E 551 -7.96 -6.15 -7.37
N THR E 552 -8.21 -7.36 -6.85
CA THR E 552 -9.58 -7.84 -6.65
C THR E 552 -10.45 -6.96 -5.75
N SER E 553 -9.81 -6.08 -4.97
CA SER E 553 -10.57 -5.19 -4.11
C SER E 553 -10.99 -3.91 -4.78
N THR E 554 -10.41 -3.61 -5.94
CA THR E 554 -10.75 -2.38 -6.62
C THR E 554 -11.33 -2.57 -8.02
N ALA E 555 -10.76 -3.52 -8.77
CA ALA E 555 -11.20 -3.79 -10.14
C ALA E 555 -12.48 -4.60 -10.24
N PRO E 556 -13.31 -4.34 -11.27
CA PRO E 556 -14.56 -5.11 -11.41
C PRO E 556 -14.18 -6.56 -11.72
N TYR E 557 -15.03 -7.50 -11.35
CA TYR E 557 -14.75 -8.92 -11.58
C TYR E 557 -14.59 -9.26 -13.06
N GLY E 558 -13.53 -9.98 -13.37
CA GLY E 558 -13.25 -10.38 -14.75
C GLY E 558 -12.61 -11.76 -14.75
N LEU E 559 -12.32 -12.29 -15.93
CA LEU E 559 -11.74 -13.62 -16.03
C LEU E 559 -10.24 -13.62 -16.33
N GLY E 560 -9.65 -12.43 -16.38
CA GLY E 560 -8.22 -12.33 -16.63
C GLY E 560 -7.78 -12.26 -18.07
N THR E 561 -6.46 -12.27 -18.27
CA THR E 561 -5.88 -12.19 -19.60
C THR E 561 -5.12 -13.43 -20.05
N TYR E 562 -5.69 -14.09 -21.06
CA TYR E 562 -5.15 -15.28 -21.71
C TYR E 562 -6.07 -15.52 -22.91
N GLY E 563 -5.64 -16.38 -23.82
CA GLY E 563 -6.44 -16.66 -25.01
C GLY E 563 -6.73 -15.40 -25.83
N SER E 564 -5.87 -14.39 -25.70
CA SER E 564 -6.02 -13.10 -26.40
C SER E 564 -7.44 -12.57 -26.25
N ARG E 565 -8.01 -12.76 -25.07
CA ARG E 565 -9.37 -12.34 -24.80
C ARG E 565 -9.58 -10.86 -24.41
N SER E 566 -8.51 -10.18 -24.01
CA SER E 566 -8.63 -8.77 -23.58
C SER E 566 -9.31 -7.84 -24.57
N THR E 567 -8.77 -7.73 -25.78
CA THR E 567 -9.38 -6.85 -26.77
C THR E 567 -10.80 -7.26 -27.13
N PRO E 568 -11.04 -8.55 -27.40
CA PRO E 568 -12.40 -8.99 -27.77
C PRO E 568 -13.46 -8.81 -26.68
N VAL E 569 -13.17 -9.30 -25.47
CA VAL E 569 -14.12 -9.23 -24.36
C VAL E 569 -14.04 -7.94 -23.53
N ALA E 570 -12.88 -7.67 -22.93
CA ALA E 570 -12.71 -6.44 -22.15
C ALA E 570 -12.78 -5.21 -23.05
N GLY E 571 -12.21 -5.29 -24.26
CA GLY E 571 -12.25 -4.18 -25.19
C GLY E 571 -13.69 -3.77 -25.47
N ALA E 572 -14.59 -4.75 -25.48
CA ALA E 572 -16.01 -4.53 -25.70
C ALA E 572 -16.68 -3.90 -24.47
N ALA E 573 -16.36 -4.44 -23.29
CA ALA E 573 -16.90 -3.93 -22.03
C ALA E 573 -16.50 -2.46 -21.84
N ILE E 574 -15.26 -2.15 -22.24
CA ILE E 574 -14.72 -0.80 -22.13
C ILE E 574 -15.50 0.18 -23.00
N ALA E 575 -15.71 -0.18 -24.26
CA ALA E 575 -16.43 0.69 -25.18
C ALA E 575 -17.89 0.87 -24.75
N LEU E 576 -18.52 -0.20 -24.29
CA LEU E 576 -19.92 -0.10 -23.85
C LEU E 576 -20.08 0.72 -22.57
N ALA E 577 -19.16 0.56 -21.63
CA ALA E 577 -19.19 1.33 -20.38
C ALA E 577 -19.03 2.82 -20.73
N ALA E 578 -18.11 3.11 -21.65
CA ALA E 578 -17.86 4.48 -22.06
C ALA E 578 -19.09 5.05 -22.76
N ARG E 579 -19.75 4.22 -23.56
CA ARG E 579 -20.95 4.65 -24.25
C ARG E 579 -22.10 4.92 -23.28
N LYS E 580 -22.12 4.24 -22.13
CA LYS E 580 -23.15 4.49 -21.14
C LYS E 580 -22.92 5.90 -20.59
N ILE E 581 -21.65 6.27 -20.42
CA ILE E 581 -21.29 7.60 -19.95
C ILE E 581 -21.58 8.64 -21.03
N HIS E 582 -21.34 8.30 -22.29
CA HIS E 582 -21.56 9.21 -23.41
C HIS E 582 -23.04 9.57 -23.59
N ALA E 583 -23.91 8.61 -23.34
CA ALA E 583 -25.36 8.85 -23.47
C ALA E 583 -25.82 9.83 -22.40
N LYS E 584 -25.28 9.68 -21.19
CA LYS E 584 -25.61 10.57 -20.08
C LYS E 584 -25.02 11.96 -20.31
N ALA E 585 -23.83 12.00 -20.89
CA ALA E 585 -23.15 13.25 -21.20
C ALA E 585 -24.00 14.06 -22.19
N ARG E 586 -24.63 13.37 -23.14
CA ARG E 586 -25.48 14.02 -24.14
C ARG E 586 -26.69 14.63 -23.45
N LYS E 587 -27.31 13.85 -22.57
CA LYS E 587 -28.48 14.28 -21.83
C LYS E 587 -28.14 15.54 -21.03
N ILE E 588 -26.96 15.54 -20.42
CA ILE E 588 -26.52 16.70 -19.65
C ILE E 588 -26.24 17.88 -20.57
N ALA E 589 -25.52 17.64 -21.67
CA ALA E 589 -25.19 18.71 -22.64
C ALA E 589 -26.45 19.37 -23.18
N ALA E 590 -27.48 18.57 -23.43
CA ALA E 590 -28.74 19.10 -23.94
C ALA E 590 -29.39 20.03 -22.93
N HIS E 591 -29.30 19.68 -21.65
CA HIS E 591 -29.87 20.50 -20.59
C HIS E 591 -29.16 21.84 -20.48
N MET E 592 -27.83 21.81 -20.54
CA MET E 592 -27.00 23.02 -20.44
C MET E 592 -27.23 23.93 -21.65
N LEU E 593 -27.34 23.32 -22.84
CA LEU E 593 -27.54 24.05 -24.07
C LEU E 593 -29.00 24.39 -24.34
N GLU E 594 -29.88 23.95 -23.43
CA GLU E 594 -31.33 24.20 -23.55
C GLU E 594 -31.92 23.77 -24.89
N VAL E 595 -31.51 22.60 -25.36
CA VAL E 595 -32.03 22.05 -26.63
C VAL E 595 -32.32 20.57 -26.46
N ASN E 596 -32.99 20.00 -27.45
CA ASN E 596 -33.31 18.57 -27.42
C ASN E 596 -32.03 17.80 -27.69
N GLU E 597 -31.92 16.60 -27.12
CA GLU E 597 -30.76 15.74 -27.30
C GLU E 597 -30.30 15.56 -28.73
N ASN E 598 -31.25 15.36 -29.64
CA ASN E 598 -30.85 15.13 -31.01
C ASN E 598 -30.77 16.26 -31.98
N ASP E 599 -30.56 17.42 -31.35
CA ASP E 599 -30.32 18.69 -32.00
C ASP E 599 -28.80 18.86 -31.81
N LEU E 600 -28.23 17.87 -31.11
CA LEU E 600 -26.80 17.82 -30.79
C LEU E 600 -25.99 16.86 -31.65
N ASP E 601 -24.79 17.32 -32.00
CA ASP E 601 -23.84 16.52 -32.78
C ASP E 601 -22.57 16.31 -31.96
N TRP E 602 -22.01 15.12 -32.00
CA TRP E 602 -20.78 14.87 -31.27
C TRP E 602 -19.63 15.08 -32.26
N GLU E 603 -18.71 15.97 -31.91
CA GLU E 603 -17.56 16.21 -32.77
C GLU E 603 -16.27 16.11 -31.98
N VAL E 604 -15.68 14.93 -31.99
CA VAL E 604 -14.41 14.64 -31.31
C VAL E 604 -14.39 14.71 -29.77
N ASP E 605 -14.73 15.86 -29.20
CA ASP E 605 -14.69 16.04 -27.76
C ASP E 605 -15.71 17.01 -27.20
N ARG E 606 -16.81 17.19 -27.91
CA ARG E 606 -17.84 18.13 -27.48
C ARG E 606 -19.17 17.85 -28.15
N PHE E 607 -20.24 18.31 -27.52
CA PHE E 607 -21.58 18.18 -28.08
C PHE E 607 -21.92 19.59 -28.55
N LYS E 608 -22.19 19.74 -29.83
CA LYS E 608 -22.53 21.04 -30.40
C LYS E 608 -23.92 21.03 -31.01
N VAL E 609 -24.56 22.20 -30.99
CA VAL E 609 -25.88 22.36 -31.56
C VAL E 609 -25.82 22.36 -33.09
N LYS E 610 -26.64 21.52 -33.71
CA LYS E 610 -26.70 21.42 -35.17
C LYS E 610 -27.03 22.78 -35.77
N GLY E 611 -26.21 23.20 -36.74
CA GLY E 611 -26.42 24.48 -37.39
C GLY E 611 -25.78 25.65 -36.68
N ASP E 612 -25.28 25.42 -35.46
CA ASP E 612 -24.64 26.49 -34.69
C ASP E 612 -23.38 26.00 -33.99
N ASP E 613 -22.24 26.11 -34.68
CA ASP E 613 -20.94 25.69 -34.17
C ASP E 613 -20.51 26.41 -32.90
N SER E 614 -21.04 27.61 -32.66
CA SER E 614 -20.66 28.39 -31.48
C SER E 614 -21.27 27.90 -30.18
N LYS E 615 -22.37 27.13 -30.28
CA LYS E 615 -23.04 26.61 -29.10
C LYS E 615 -22.65 25.16 -28.86
N PHE E 616 -21.79 24.94 -27.86
CA PHE E 616 -21.31 23.60 -27.54
C PHE E 616 -20.89 23.46 -26.10
N LYS E 617 -20.67 22.21 -25.69
CA LYS E 617 -20.21 21.88 -24.34
C LYS E 617 -19.24 20.71 -24.48
N THR E 618 -18.07 20.85 -23.87
CA THR E 618 -17.06 19.81 -23.93
C THR E 618 -17.29 18.79 -22.83
N MET E 619 -16.58 17.67 -22.90
CA MET E 619 -16.72 16.63 -21.88
C MET E 619 -16.30 17.19 -20.52
N ALA E 620 -15.37 18.15 -20.52
CA ALA E 620 -14.94 18.78 -19.28
C ALA E 620 -16.10 19.60 -18.71
N ASP E 621 -16.76 20.37 -19.58
CA ASP E 621 -17.91 21.20 -19.17
C ASP E 621 -18.99 20.31 -18.57
N ILE E 622 -19.25 19.19 -19.23
CA ILE E 622 -20.26 18.24 -18.80
C ILE E 622 -19.89 17.58 -17.47
N ALA E 623 -18.64 17.15 -17.35
CA ALA E 623 -18.17 16.51 -16.12
C ALA E 623 -18.44 17.43 -14.92
N TRP E 624 -18.06 18.70 -15.05
CA TRP E 624 -18.27 19.65 -13.97
C TRP E 624 -19.75 19.78 -13.62
N GLN E 625 -20.58 19.92 -14.64
CA GLN E 625 -22.04 20.04 -14.46
C GLN E 625 -22.62 18.82 -13.71
N ALA E 626 -22.10 17.63 -14.02
CA ALA E 626 -22.55 16.39 -13.38
C ALA E 626 -22.32 16.40 -11.86
N TYR E 627 -21.26 17.08 -11.43
CA TYR E 627 -20.96 17.18 -10.01
C TYR E 627 -21.56 18.41 -9.36
N HIS E 628 -21.73 19.46 -10.15
CA HIS E 628 -22.28 20.72 -9.68
C HIS E 628 -23.79 20.74 -9.49
N GLN E 629 -24.53 20.34 -10.51
CA GLN E 629 -25.99 20.38 -10.48
C GLN E 629 -26.54 19.42 -11.52
N PRO E 630 -26.90 18.20 -11.09
CA PRO E 630 -27.45 17.23 -12.05
C PRO E 630 -28.81 17.64 -12.59
N PRO E 631 -29.01 17.53 -13.90
CA PRO E 631 -30.30 17.89 -14.50
C PRO E 631 -31.37 17.02 -13.83
N ALA E 632 -32.59 17.56 -13.66
CA ALA E 632 -33.68 16.84 -13.03
C ALA E 632 -33.84 15.40 -13.53
N GLY E 633 -34.00 14.46 -12.61
CA GLY E 633 -34.16 13.08 -12.98
C GLY E 633 -32.86 12.32 -13.21
N LEU E 634 -31.74 12.94 -12.85
CA LEU E 634 -30.44 12.30 -13.00
C LEU E 634 -29.68 12.35 -11.70
N GLU E 635 -28.94 11.29 -11.43
CA GLU E 635 -28.13 11.24 -10.23
C GLU E 635 -26.89 12.07 -10.51
N PRO E 636 -26.27 12.62 -9.46
CA PRO E 636 -25.05 13.41 -9.67
C PRO E 636 -23.96 12.44 -10.15
N GLY E 637 -22.80 12.97 -10.54
CA GLY E 637 -21.71 12.11 -10.99
C GLY E 637 -21.77 11.73 -12.46
N LEU E 638 -20.72 11.06 -12.93
CA LEU E 638 -20.62 10.66 -14.33
C LEU E 638 -19.71 9.44 -14.42
N GLU E 639 -20.32 8.26 -14.36
CA GLU E 639 -19.56 7.01 -14.40
C GLU E 639 -20.42 5.82 -14.85
N ALA E 640 -19.77 4.73 -15.18
CA ALA E 640 -20.47 3.53 -15.62
C ALA E 640 -19.63 2.29 -15.46
N VAL E 641 -20.32 1.15 -15.40
CA VAL E 641 -19.68 -0.15 -15.30
C VAL E 641 -20.41 -1.03 -16.31
N HIS E 642 -19.69 -1.96 -16.92
CA HIS E 642 -20.33 -2.85 -17.89
C HIS E 642 -19.66 -4.21 -17.92
N TYR E 643 -20.49 -5.25 -17.82
CA TYR E 643 -20.04 -6.63 -17.86
C TYR E 643 -20.46 -7.19 -19.22
N TYR E 644 -19.47 -7.53 -20.03
CA TYR E 644 -19.76 -8.02 -21.37
C TYR E 644 -19.67 -9.54 -21.55
N ASP E 645 -20.80 -10.12 -21.95
CA ASP E 645 -20.85 -11.55 -22.23
C ASP E 645 -20.90 -11.54 -23.75
N PRO E 646 -19.77 -11.86 -24.40
CA PRO E 646 -19.66 -11.88 -25.87
C PRO E 646 -20.60 -12.81 -26.59
N PRO E 647 -21.14 -12.37 -27.73
CA PRO E 647 -22.07 -13.16 -28.54
C PRO E 647 -21.36 -14.23 -29.37
N ASN E 648 -20.08 -14.01 -29.61
CA ASN E 648 -19.28 -14.92 -30.42
C ASN E 648 -17.81 -14.60 -30.16
N PHE E 649 -16.93 -15.50 -30.60
CA PHE E 649 -15.50 -15.27 -30.48
C PHE E 649 -15.16 -14.28 -31.59
N THR E 650 -13.88 -13.97 -31.71
CA THR E 650 -13.40 -13.06 -32.73
C THR E 650 -12.48 -13.94 -33.59
N TYR E 651 -12.47 -13.73 -34.91
CA TYR E 651 -11.65 -14.61 -35.74
C TYR E 651 -10.63 -13.90 -36.62
N PRO E 652 -9.48 -13.52 -36.03
CA PRO E 652 -8.46 -12.83 -36.82
C PRO E 652 -7.77 -13.88 -37.69
N PHE E 653 -7.09 -13.42 -38.73
CA PHE E 653 -6.38 -14.33 -39.61
C PHE E 653 -5.02 -13.78 -40.00
N GLY E 654 -4.26 -14.58 -40.75
CA GLY E 654 -2.95 -14.16 -41.18
C GLY E 654 -2.37 -15.02 -42.28
N ILE E 655 -1.48 -14.43 -43.06
CA ILE E 655 -0.79 -15.10 -44.15
C ILE E 655 0.69 -14.93 -43.85
N TYR E 656 1.36 -16.05 -43.57
CA TYR E 656 2.78 -16.06 -43.21
C TYR E 656 3.65 -16.81 -44.21
N LEU E 657 4.78 -16.19 -44.58
CA LEU E 657 5.71 -16.81 -45.50
C LEU E 657 7.14 -16.73 -44.96
N CYS E 658 7.84 -17.86 -45.06
CA CYS E 658 9.22 -17.98 -44.60
C CYS E 658 10.11 -18.70 -45.61
N VAL E 659 11.31 -18.18 -45.80
CA VAL E 659 12.27 -18.79 -46.71
C VAL E 659 13.46 -19.22 -45.85
N VAL E 660 13.88 -20.47 -45.99
CA VAL E 660 15.02 -20.96 -45.23
C VAL E 660 16.07 -21.52 -46.17
N ASP E 661 17.32 -21.50 -45.73
CA ASP E 661 18.44 -22.05 -46.48
C ASP E 661 19.12 -23.00 -45.51
N ILE E 662 19.12 -24.28 -45.87
CA ILE E 662 19.74 -25.30 -45.03
C ILE E 662 21.13 -25.70 -45.51
N ASP E 663 22.09 -25.68 -44.58
CA ASP E 663 23.47 -26.05 -44.89
C ASP E 663 23.54 -27.57 -44.92
N ARG E 664 23.80 -28.11 -46.11
CA ARG E 664 23.87 -29.56 -46.28
C ARG E 664 24.97 -30.25 -45.48
N ALA E 665 26.04 -29.52 -45.16
CA ALA E 665 27.16 -30.07 -44.41
C ALA E 665 26.99 -30.11 -42.90
N THR E 666 26.25 -29.14 -42.35
CA THR E 666 26.05 -29.07 -40.90
C THR E 666 24.62 -29.32 -40.44
N GLY E 667 23.67 -29.14 -41.34
CA GLY E 667 22.27 -29.34 -41.02
C GLY E 667 21.66 -28.11 -40.37
N GLU E 668 22.41 -27.01 -40.32
CA GLU E 668 21.89 -25.81 -39.70
C GLU E 668 21.06 -24.98 -40.67
N THR E 669 19.89 -24.57 -40.18
CA THR E 669 18.92 -23.80 -40.95
C THR E 669 19.02 -22.31 -40.68
N LYS E 670 19.05 -21.54 -41.77
CA LYS E 670 19.13 -20.10 -41.65
C LYS E 670 17.87 -19.51 -42.27
N VAL E 671 17.13 -18.75 -41.46
CA VAL E 671 15.91 -18.10 -41.94
C VAL E 671 16.34 -16.90 -42.77
N ARG E 672 16.06 -16.98 -44.07
CA ARG E 672 16.44 -15.92 -44.98
C ARG E 672 15.44 -14.77 -44.93
N ARG E 673 14.17 -15.12 -44.83
CA ARG E 673 13.13 -14.11 -44.80
C ARG E 673 11.88 -14.62 -44.12
N PHE E 674 11.19 -13.72 -43.44
CA PHE E 674 9.93 -14.06 -42.80
C PHE E 674 9.01 -12.86 -42.89
N TYR E 675 7.95 -13.05 -43.69
CA TYR E 675 6.93 -12.03 -43.92
C TYR E 675 5.65 -12.46 -43.21
N ALA E 676 5.11 -11.56 -42.39
CA ALA E 676 3.90 -11.86 -41.62
C ALA E 676 2.80 -10.82 -41.77
N LEU E 677 1.67 -11.23 -42.33
CA LEU E 677 0.53 -10.35 -42.49
C LEU E 677 -0.55 -10.81 -41.50
N ASP E 678 -0.98 -9.90 -40.63
CA ASP E 678 -2.01 -10.22 -39.67
C ASP E 678 -3.18 -9.27 -39.84
N ASP E 679 -4.40 -9.78 -39.65
CA ASP E 679 -5.60 -8.96 -39.77
C ASP E 679 -6.44 -9.24 -38.52
N CYS E 680 -6.43 -8.29 -37.60
CA CYS E 680 -7.20 -8.42 -36.35
C CYS E 680 -8.26 -7.34 -36.29
N GLY E 681 -8.81 -7.00 -37.45
CA GLY E 681 -9.83 -5.97 -37.50
C GLY E 681 -9.31 -4.59 -37.14
N THR E 682 -10.18 -3.78 -36.54
CA THR E 682 -9.82 -2.42 -36.15
C THR E 682 -8.62 -2.47 -35.21
N ARG E 683 -7.60 -1.69 -35.55
CA ARG E 683 -6.36 -1.64 -34.78
C ARG E 683 -6.31 -0.47 -33.79
N ILE E 684 -6.18 -0.79 -32.51
CA ILE E 684 -6.14 0.24 -31.46
C ILE E 684 -4.82 1.02 -31.43
N ASN E 685 -3.70 0.30 -31.41
CA ASN E 685 -2.38 0.94 -31.39
C ASN E 685 -1.43 0.09 -32.23
N PRO E 686 -1.14 0.52 -33.46
CA PRO E 686 -0.23 -0.23 -34.36
C PRO E 686 1.14 -0.54 -33.79
N MET E 687 1.73 0.41 -33.06
CA MET E 687 3.05 0.20 -32.47
C MET E 687 3.03 -0.98 -31.51
N ILE E 688 1.99 -1.04 -30.68
CA ILE E 688 1.85 -2.13 -29.74
C ILE E 688 1.59 -3.44 -30.46
N ILE E 689 0.77 -3.40 -31.50
CA ILE E 689 0.48 -4.62 -32.26
C ILE E 689 1.78 -5.18 -32.84
N GLU E 690 2.59 -4.32 -33.46
CA GLU E 690 3.86 -4.74 -34.05
C GLU E 690 4.76 -5.44 -33.04
N GLY E 691 4.78 -4.94 -31.80
CA GLY E 691 5.59 -5.55 -30.76
C GLY E 691 5.13 -6.95 -30.42
N GLN E 692 3.81 -7.14 -30.34
CA GLN E 692 3.23 -8.44 -30.03
C GLN E 692 3.57 -9.44 -31.13
N ILE E 693 3.63 -8.96 -32.36
CA ILE E 693 3.97 -9.79 -33.52
C ILE E 693 5.44 -10.23 -33.45
N HIS E 694 6.33 -9.29 -33.14
CA HIS E 694 7.75 -9.60 -33.04
C HIS E 694 8.00 -10.65 -31.96
N GLY E 695 7.35 -10.47 -30.82
CA GLY E 695 7.51 -11.41 -29.72
C GLY E 695 6.96 -12.77 -30.07
N GLY E 696 5.79 -12.77 -30.73
CA GLY E 696 5.16 -14.01 -31.12
C GLY E 696 5.95 -14.81 -32.14
N LEU E 697 6.46 -14.13 -33.17
CA LEU E 697 7.24 -14.77 -34.21
C LEU E 697 8.53 -15.35 -33.63
N THR E 698 9.11 -14.63 -32.67
CA THR E 698 10.33 -15.08 -32.02
C THR E 698 10.08 -16.36 -31.21
N GLU E 699 8.93 -16.44 -30.56
CA GLU E 699 8.56 -17.64 -29.79
C GLU E 699 8.40 -18.81 -30.73
N GLY E 700 7.79 -18.55 -31.88
CA GLY E 700 7.57 -19.58 -32.89
C GLY E 700 8.89 -20.18 -33.37
N TYR E 701 9.86 -19.31 -33.63
CA TYR E 701 11.18 -19.71 -34.06
C TYR E 701 11.78 -20.57 -32.94
N ALA E 702 11.55 -20.16 -31.69
CA ALA E 702 12.06 -20.90 -30.54
C ALA E 702 11.48 -22.31 -30.49
N VAL E 703 10.17 -22.43 -30.68
CA VAL E 703 9.50 -23.73 -30.65
C VAL E 703 9.88 -24.63 -31.83
N ALA E 704 9.69 -24.14 -33.04
CA ALA E 704 9.99 -24.93 -34.24
C ALA E 704 11.46 -25.29 -34.47
N MET E 705 12.37 -24.36 -34.16
CA MET E 705 13.79 -24.58 -34.39
C MET E 705 14.67 -25.10 -33.23
N GLY E 706 14.25 -24.95 -31.98
CA GLY E 706 15.12 -25.44 -30.91
C GLY E 706 14.57 -26.00 -29.61
N GLN E 707 13.34 -25.65 -29.23
CA GLN E 707 12.78 -26.11 -27.98
C GLN E 707 12.20 -27.52 -27.87
N GLN E 708 12.45 -28.15 -26.72
CA GLN E 708 11.95 -29.49 -26.39
C GLN E 708 12.17 -29.82 -24.92
N MET E 709 11.42 -30.80 -24.43
CA MET E 709 11.52 -31.23 -23.04
C MET E 709 11.58 -32.74 -22.96
N PRO E 710 12.72 -33.32 -23.35
CA PRO E 710 12.93 -34.77 -23.34
C PRO E 710 13.08 -35.40 -21.96
N PHE E 711 12.53 -36.60 -21.82
CA PHE E 711 12.60 -37.37 -20.59
C PHE E 711 13.39 -38.64 -20.92
N ASP E 712 14.22 -39.11 -20.00
CA ASP E 712 14.93 -40.36 -20.25
C ASP E 712 14.01 -41.51 -19.82
N ALA E 713 14.43 -42.75 -20.02
CA ALA E 713 13.61 -43.91 -19.67
C ALA E 713 13.22 -43.98 -18.19
N GLN E 714 14.01 -43.32 -17.35
CA GLN E 714 13.76 -43.29 -15.90
C GLN E 714 12.79 -42.18 -15.49
N GLY E 715 12.41 -41.34 -16.46
CA GLY E 715 11.49 -40.24 -16.19
C GLY E 715 12.13 -38.92 -15.81
N ASN E 716 13.45 -38.88 -15.84
CA ASN E 716 14.16 -37.65 -15.51
C ASN E 716 13.99 -36.65 -16.64
N LEU E 717 13.68 -35.41 -16.28
CA LEU E 717 13.51 -34.34 -17.26
C LEU E 717 14.92 -33.87 -17.62
N LEU E 718 15.24 -33.89 -18.91
CA LEU E 718 16.56 -33.46 -19.37
C LEU E 718 16.45 -32.04 -19.92
N GLY E 719 17.55 -31.27 -19.82
CA GLY E 719 17.57 -29.91 -20.33
C GLY E 719 16.49 -28.99 -19.80
N ASN E 720 16.35 -28.95 -18.48
CA ASN E 720 15.36 -28.12 -17.82
C ASN E 720 15.86 -26.78 -17.27
N THR E 721 17.00 -26.32 -17.79
CA THR E 721 17.59 -25.03 -17.40
C THR E 721 18.00 -24.34 -18.69
N LEU E 722 18.40 -23.07 -18.60
CA LEU E 722 18.82 -22.37 -19.81
C LEU E 722 20.13 -22.90 -20.40
N MET E 723 20.72 -23.91 -19.76
CA MET E 723 21.94 -24.54 -20.27
C MET E 723 21.58 -25.21 -21.60
N ASP E 724 20.42 -25.86 -21.63
CA ASP E 724 19.95 -26.58 -22.81
C ASP E 724 18.58 -26.15 -23.35
N TYR E 725 17.71 -25.63 -22.49
CA TYR E 725 16.40 -25.18 -22.96
C TYR E 725 16.61 -23.94 -23.82
N PHE E 726 16.31 -24.07 -25.10
CA PHE E 726 16.52 -23.01 -26.09
C PHE E 726 15.64 -21.77 -26.01
N LEU E 727 16.31 -20.62 -26.09
CA LEU E 727 15.71 -19.29 -26.09
C LEU E 727 16.68 -18.48 -26.95
N PRO E 728 16.17 -17.91 -28.05
CA PRO E 728 17.04 -17.12 -28.93
C PRO E 728 17.47 -15.76 -28.37
N THR E 729 18.67 -15.34 -28.74
CA THR E 729 19.18 -14.03 -28.34
C THR E 729 18.99 -13.17 -29.58
N ALA E 730 19.41 -11.92 -29.53
CA ALA E 730 19.26 -11.01 -30.67
C ALA E 730 19.97 -11.52 -31.92
N VAL E 731 21.04 -12.31 -31.73
CA VAL E 731 21.81 -12.86 -32.86
C VAL E 731 21.04 -13.93 -33.63
N GLU E 732 20.33 -14.80 -32.92
CA GLU E 732 19.55 -15.87 -33.57
C GLU E 732 18.23 -15.42 -34.18
N THR E 733 17.64 -14.37 -33.62
CA THR E 733 16.35 -13.87 -34.07
C THR E 733 16.37 -13.12 -35.39
N PRO E 734 15.66 -13.63 -36.41
CA PRO E 734 15.64 -12.95 -37.70
C PRO E 734 14.89 -11.63 -37.68
N HIS E 735 15.13 -10.83 -38.70
CA HIS E 735 14.46 -9.54 -38.84
C HIS E 735 13.07 -9.87 -39.38
N TRP E 736 12.05 -9.38 -38.68
CA TRP E 736 10.67 -9.63 -39.08
C TRP E 736 10.10 -8.57 -40.00
N GLU E 737 9.33 -9.03 -40.99
CA GLU E 737 8.66 -8.14 -41.91
C GLU E 737 7.19 -8.37 -41.61
N THR E 738 6.48 -7.30 -41.26
CA THR E 738 5.07 -7.40 -40.90
C THR E 738 4.20 -6.61 -41.87
N ASP E 739 2.96 -7.05 -42.02
CA ASP E 739 1.99 -6.43 -42.92
C ASP E 739 0.60 -6.63 -42.34
N HIS E 740 -0.42 -6.02 -42.94
CA HIS E 740 -1.78 -6.18 -42.43
C HIS E 740 -2.86 -5.71 -43.37
N THR E 741 -4.09 -6.16 -43.09
CA THR E 741 -5.29 -5.74 -43.81
C THR E 741 -6.29 -5.52 -42.66
N VAL E 742 -7.39 -4.82 -42.91
CA VAL E 742 -8.36 -4.55 -41.84
C VAL E 742 -9.77 -5.07 -42.14
N THR E 743 -10.09 -6.22 -41.55
CA THR E 743 -11.40 -6.85 -41.70
C THR E 743 -11.98 -6.92 -40.29
N PRO E 744 -12.74 -5.90 -39.89
CA PRO E 744 -13.37 -5.76 -38.57
C PRO E 744 -14.33 -6.88 -38.19
N SER E 745 -14.53 -7.05 -36.89
CA SER E 745 -15.47 -8.04 -36.37
C SER E 745 -16.80 -7.32 -36.32
N PRO E 746 -17.80 -7.78 -37.10
CA PRO E 746 -19.12 -7.15 -37.13
C PRO E 746 -19.83 -7.04 -35.78
N HIS E 747 -19.69 -8.05 -34.93
CA HIS E 747 -20.36 -8.06 -33.63
C HIS E 747 -19.67 -7.27 -32.51
N HIS E 748 -18.40 -6.92 -32.70
CA HIS E 748 -17.64 -6.20 -31.69
C HIS E 748 -17.91 -4.69 -31.68
N PRO E 749 -18.16 -4.11 -30.49
CA PRO E 749 -18.45 -2.67 -30.31
C PRO E 749 -17.52 -1.69 -31.05
N ILE E 750 -16.28 -2.10 -31.31
CA ILE E 750 -15.34 -1.25 -32.07
C ILE E 750 -14.70 -2.00 -33.22
N GLY E 751 -15.20 -3.19 -33.51
CA GLY E 751 -14.71 -4.00 -34.61
C GLY E 751 -13.33 -4.59 -34.44
N ALA E 752 -12.76 -4.50 -33.23
CA ALA E 752 -11.41 -5.02 -32.97
C ALA E 752 -11.36 -6.48 -32.58
N LYS E 753 -10.40 -7.21 -33.14
CA LYS E 753 -10.20 -8.62 -32.84
C LYS E 753 -8.89 -8.79 -32.06
N GLY E 754 -8.77 -9.89 -31.31
CA GLY E 754 -7.55 -10.17 -30.57
C GLY E 754 -6.47 -10.46 -31.61
N VAL E 755 -5.19 -10.45 -31.21
CA VAL E 755 -4.12 -10.70 -32.18
C VAL E 755 -2.84 -11.27 -31.61
N ALA E 756 -2.60 -11.00 -30.33
CA ALA E 756 -1.38 -11.42 -29.63
C ALA E 756 -0.90 -12.84 -29.85
N GLU E 757 -1.81 -13.80 -29.88
CA GLU E 757 -1.38 -15.18 -30.07
C GLU E 757 -1.16 -15.59 -31.51
N SER E 758 -1.73 -14.84 -32.45
CA SER E 758 -1.61 -15.11 -33.88
C SER E 758 -0.18 -15.38 -34.36
N PRO E 759 0.79 -14.51 -34.02
CA PRO E 759 2.17 -14.75 -34.47
C PRO E 759 2.76 -16.08 -34.00
N HIS E 760 2.39 -16.52 -32.79
CA HIS E 760 2.87 -17.78 -32.26
C HIS E 760 2.21 -18.96 -32.96
N VAL E 761 0.88 -18.91 -33.00
CA VAL E 761 0.08 -19.95 -33.63
C VAL E 761 0.44 -20.17 -35.10
N GLY E 762 0.54 -19.08 -35.86
CA GLY E 762 0.86 -19.20 -37.27
C GLY E 762 2.30 -19.45 -37.70
N SER E 763 3.26 -18.82 -37.02
CA SER E 763 4.67 -18.97 -37.39
C SER E 763 5.25 -20.36 -37.24
N ILE E 764 4.82 -21.11 -36.23
CA ILE E 764 5.37 -22.44 -36.01
C ILE E 764 5.21 -23.37 -37.22
N PRO E 765 3.97 -23.56 -37.73
CA PRO E 765 3.84 -24.44 -38.89
C PRO E 765 4.49 -23.83 -40.13
N THR E 766 4.71 -22.52 -40.12
CA THR E 766 5.35 -21.84 -41.25
C THR E 766 6.82 -22.27 -41.30
N PHE E 767 7.44 -22.40 -40.13
CA PHE E 767 8.84 -22.82 -40.07
C PHE E 767 8.93 -24.28 -40.50
N THR E 768 8.07 -25.14 -39.96
CA THR E 768 8.08 -26.55 -40.35
C THR E 768 7.83 -26.65 -41.85
N ALA E 769 6.88 -25.85 -42.35
CA ALA E 769 6.55 -25.86 -43.77
C ALA E 769 7.77 -25.55 -44.63
N ALA E 770 8.58 -24.61 -44.17
CA ALA E 770 9.79 -24.20 -44.90
C ALA E 770 10.88 -25.26 -44.85
N VAL E 771 11.09 -25.86 -43.70
CA VAL E 771 12.11 -26.90 -43.55
C VAL E 771 11.72 -28.13 -44.37
N VAL E 772 10.46 -28.57 -44.23
CA VAL E 772 9.96 -29.73 -44.96
C VAL E 772 9.99 -29.45 -46.46
N ASP E 773 9.60 -28.24 -46.86
CA ASP E 773 9.61 -27.86 -48.27
C ASP E 773 11.03 -27.94 -48.85
N ALA E 774 12.03 -27.83 -48.00
CA ALA E 774 13.42 -27.90 -48.45
C ALA E 774 13.78 -29.34 -48.85
N PHE E 775 13.07 -30.31 -48.27
CA PHE E 775 13.30 -31.73 -48.55
C PHE E 775 12.21 -32.30 -49.47
N ALA E 776 11.17 -31.51 -49.76
CA ALA E 776 10.05 -31.96 -50.60
C ALA E 776 10.44 -32.63 -51.92
N HIS E 777 11.47 -32.12 -52.59
CA HIS E 777 11.93 -32.68 -53.86
C HIS E 777 12.46 -34.11 -53.76
N VAL E 778 12.65 -34.61 -52.55
CA VAL E 778 13.09 -35.98 -52.38
C VAL E 778 12.02 -36.81 -51.70
N GLY E 779 10.78 -36.31 -51.75
CA GLY E 779 9.64 -37.02 -51.19
C GLY E 779 9.28 -36.85 -49.73
N VAL E 780 9.97 -35.96 -49.03
CA VAL E 780 9.68 -35.74 -47.62
C VAL E 780 8.35 -35.01 -47.47
N THR E 781 7.45 -35.60 -46.70
CA THR E 781 6.13 -35.03 -46.46
C THR E 781 6.06 -34.31 -45.09
N HIS E 782 6.85 -34.76 -44.12
CA HIS E 782 6.88 -34.15 -42.79
C HIS E 782 8.16 -34.47 -41.98
N LEU E 783 8.54 -33.54 -41.10
CA LEU E 783 9.69 -33.70 -40.19
C LEU E 783 9.24 -33.13 -38.85
N ASP E 784 9.41 -33.92 -37.78
CA ASP E 784 9.02 -33.48 -36.46
C ASP E 784 9.95 -32.42 -35.88
N MET E 785 9.36 -31.45 -35.17
CA MET E 785 10.11 -30.39 -34.51
C MET E 785 10.77 -31.03 -33.28
N PRO E 786 11.83 -30.40 -32.75
CA PRO E 786 12.47 -29.15 -33.20
C PRO E 786 13.39 -29.39 -34.38
N HIS E 787 13.49 -28.40 -35.24
CA HIS E 787 14.35 -28.49 -36.41
C HIS E 787 15.73 -27.94 -36.09
N THR E 788 16.41 -28.62 -35.16
CA THR E 788 17.77 -28.24 -34.74
C THR E 788 18.76 -28.76 -35.78
N SER E 789 19.99 -28.26 -35.74
CA SER E 789 21.02 -28.69 -36.70
C SER E 789 21.17 -30.19 -36.66
N TYR E 790 21.24 -30.72 -35.44
CA TYR E 790 21.39 -32.14 -35.19
C TYR E 790 20.27 -32.96 -35.85
N ARG E 791 19.02 -32.60 -35.58
CA ARG E 791 17.90 -33.33 -36.14
C ARG E 791 17.81 -33.15 -37.66
N VAL E 792 17.98 -31.92 -38.14
CA VAL E 792 17.94 -31.66 -39.57
C VAL E 792 19.08 -32.40 -40.28
N TRP E 793 20.23 -32.54 -39.60
CA TRP E 793 21.36 -33.26 -40.18
C TRP E 793 21.01 -34.75 -40.31
N LYS E 794 20.38 -35.31 -39.28
CA LYS E 794 19.98 -36.73 -39.31
C LYS E 794 19.07 -36.96 -40.53
N SER E 795 18.27 -35.95 -40.89
CA SER E 795 17.41 -36.07 -42.05
C SER E 795 18.18 -35.89 -43.36
N LEU E 796 19.18 -35.02 -43.37
CA LEU E 796 20.00 -34.83 -44.56
C LEU E 796 20.71 -36.15 -44.84
N LYS E 797 21.20 -36.76 -43.77
CA LYS E 797 21.91 -38.04 -43.83
C LYS E 797 20.99 -39.14 -44.34
N GLU E 798 19.80 -39.22 -43.75
CA GLU E 798 18.80 -40.24 -44.11
C GLU E 798 18.36 -40.17 -45.57
N HIS E 799 18.34 -38.96 -46.14
CA HIS E 799 17.93 -38.76 -47.52
C HIS E 799 19.06 -38.51 -48.50
N ASN E 800 20.27 -38.90 -48.09
CA ASN E 800 21.49 -38.76 -48.90
C ASN E 800 21.71 -37.35 -49.45
N LEU E 801 21.34 -36.35 -48.65
CA LEU E 801 21.49 -34.96 -49.02
C LEU E 801 22.63 -34.30 -48.22
N ALA E 802 23.22 -35.05 -47.29
CA ALA E 802 24.33 -34.56 -46.46
C ALA E 802 25.53 -34.14 -47.30
N LEU E 803 25.96 -32.90 -47.11
CA LEU E 803 27.08 -32.24 -47.79
C LEU E 803 27.28 -32.58 -49.28
N MET F 1 20.30 -21.86 -7.05
CA MET F 1 20.64 -20.44 -7.12
C MET F 1 21.48 -20.09 -5.92
N ILE F 2 21.13 -20.70 -4.79
CA ILE F 2 21.81 -20.44 -3.53
C ILE F 2 22.99 -21.35 -3.24
N PRO F 3 24.21 -20.78 -3.23
CA PRO F 3 25.43 -21.54 -2.97
C PRO F 3 25.55 -21.81 -1.47
N PRO F 4 26.26 -22.89 -1.09
CA PRO F 4 26.40 -23.18 0.35
C PRO F 4 27.39 -22.22 1.00
N ARG F 5 27.35 -22.15 2.34
CA ARG F 5 28.25 -21.28 3.09
C ARG F 5 29.72 -21.61 2.85
N PHE F 6 30.55 -20.57 2.81
CA PHE F 6 31.99 -20.72 2.63
C PHE F 6 32.72 -19.49 3.15
N GLU F 7 33.99 -19.66 3.47
CA GLU F 7 34.82 -18.58 3.95
C GLU F 7 35.54 -17.96 2.74
N TYR F 8 35.63 -16.63 2.74
CA TYR F 8 36.25 -15.88 1.66
C TYR F 8 37.64 -15.37 2.08
N HIS F 9 38.65 -15.64 1.24
CA HIS F 9 40.03 -15.23 1.47
C HIS F 9 40.48 -14.51 0.20
N ALA F 10 41.19 -13.39 0.33
CA ALA F 10 41.64 -12.65 -0.85
C ALA F 10 43.09 -12.17 -0.77
N PRO F 11 44.05 -13.09 -0.67
CA PRO F 11 45.47 -12.77 -0.58
C PRO F 11 45.94 -11.91 -1.77
N LYS F 12 46.99 -11.11 -1.55
CA LYS F 12 47.50 -10.22 -2.59
C LYS F 12 48.73 -10.69 -3.34
N SER F 13 49.15 -11.94 -3.08
CA SER F 13 50.32 -12.51 -3.74
C SER F 13 50.11 -13.99 -4.05
N VAL F 14 50.77 -14.46 -5.10
CA VAL F 14 50.69 -15.85 -5.50
C VAL F 14 51.17 -16.75 -4.38
N GLY F 15 52.25 -16.32 -3.72
CA GLY F 15 52.82 -17.07 -2.62
C GLY F 15 51.86 -17.33 -1.47
N GLU F 16 51.13 -16.30 -1.07
CA GLU F 16 50.19 -16.46 0.03
C GLU F 16 48.96 -17.28 -0.38
N ALA F 17 48.60 -17.22 -1.65
CA ALA F 17 47.46 -18.00 -2.16
C ALA F 17 47.85 -19.47 -2.07
N VAL F 18 49.09 -19.78 -2.46
CA VAL F 18 49.61 -21.14 -2.39
C VAL F 18 49.65 -21.61 -0.94
N ALA F 19 49.98 -20.69 -0.04
CA ALA F 19 50.06 -20.99 1.38
C ALA F 19 48.67 -21.35 1.92
N LEU F 20 47.66 -20.59 1.49
CA LEU F 20 46.27 -20.84 1.89
C LEU F 20 45.79 -22.18 1.35
N LEU F 21 46.16 -22.50 0.11
CA LEU F 21 45.78 -23.78 -0.50
C LEU F 21 46.35 -24.92 0.37
N GLY F 22 47.55 -24.71 0.88
CA GLY F 22 48.19 -25.71 1.71
C GLY F 22 47.53 -25.91 3.06
N GLN F 23 47.29 -24.83 3.80
CA GLN F 23 46.68 -24.96 5.12
C GLN F 23 45.20 -25.30 5.14
N LEU F 24 44.48 -24.91 4.09
CA LEU F 24 43.05 -25.17 3.99
C LEU F 24 42.76 -26.51 3.31
N GLY F 25 43.66 -26.92 2.43
CA GLY F 25 43.51 -28.20 1.75
C GLY F 25 42.50 -28.25 0.62
N SER F 26 42.05 -29.47 0.31
CA SER F 26 41.10 -29.75 -0.75
C SER F 26 39.75 -29.08 -0.52
N ASP F 27 39.53 -28.60 0.71
CA ASP F 27 38.30 -27.91 1.09
C ASP F 27 38.27 -26.47 0.55
N ALA F 28 39.38 -26.05 -0.05
CA ALA F 28 39.52 -24.71 -0.59
C ALA F 28 39.60 -24.74 -2.10
N LYS F 29 39.14 -23.65 -2.72
CA LYS F 29 39.14 -23.54 -4.16
C LYS F 29 39.50 -22.13 -4.59
N LEU F 30 40.36 -22.02 -5.59
CA LEU F 30 40.76 -20.71 -6.11
C LEU F 30 39.58 -20.11 -6.89
N LEU F 31 39.26 -18.86 -6.59
CA LEU F 31 38.16 -18.14 -7.22
C LEU F 31 38.75 -17.11 -8.20
N ALA F 32 38.61 -17.38 -9.50
CA ALA F 32 39.09 -16.46 -10.51
C ALA F 32 37.91 -15.59 -10.97
N GLY F 33 37.48 -15.76 -12.23
CA GLY F 33 36.35 -15.00 -12.73
C GLY F 33 35.02 -15.48 -12.15
N GLY F 34 35.04 -16.67 -11.53
CA GLY F 34 33.85 -17.24 -10.93
C GLY F 34 32.74 -17.69 -11.86
N HIS F 35 32.96 -17.63 -13.17
CA HIS F 35 31.92 -18.02 -14.11
C HIS F 35 31.76 -19.48 -14.51
N SER F 36 32.33 -20.34 -13.69
CA SER F 36 32.24 -21.78 -13.81
C SER F 36 32.09 -22.28 -12.37
N LEU F 37 32.94 -21.75 -11.49
CA LEU F 37 32.90 -22.14 -10.09
C LEU F 37 31.61 -21.72 -9.39
N LEU F 38 31.24 -20.45 -9.52
CA LEU F 38 29.99 -19.98 -8.88
C LEU F 38 28.76 -20.72 -9.42
N PRO F 39 28.64 -20.87 -10.75
CA PRO F 39 27.48 -21.58 -11.29
C PRO F 39 27.38 -23.00 -10.72
N MET F 40 28.52 -23.69 -10.57
CA MET F 40 28.52 -25.04 -10.01
C MET F 40 28.17 -25.02 -8.53
N MET F 41 28.62 -24.00 -7.80
CA MET F 41 28.33 -23.87 -6.40
C MET F 41 26.85 -23.54 -6.20
N LYS F 42 26.29 -22.72 -7.09
CA LYS F 42 24.90 -22.31 -7.01
C LYS F 42 23.95 -23.49 -7.22
N LEU F 43 24.41 -24.48 -8.00
CA LEU F 43 23.64 -25.70 -8.27
C LEU F 43 24.06 -26.82 -7.31
N ARG F 44 24.98 -26.47 -6.41
CA ARG F 44 25.52 -27.37 -5.40
C ARG F 44 26.21 -28.62 -5.95
N PHE F 45 26.83 -28.44 -7.12
CA PHE F 45 27.59 -29.48 -7.79
C PHE F 45 28.98 -29.52 -7.12
N ALA F 46 29.41 -28.37 -6.61
CA ALA F 46 30.69 -28.23 -5.91
C ALA F 46 30.37 -27.49 -4.62
N GLN F 47 30.96 -27.91 -3.51
CA GLN F 47 30.70 -27.26 -2.23
C GLN F 47 31.95 -27.01 -1.38
N PRO F 48 32.90 -26.23 -1.90
CA PRO F 48 34.12 -25.94 -1.13
C PRO F 48 33.77 -25.12 0.10
N GLU F 49 34.46 -25.35 1.20
CA GLU F 49 34.18 -24.61 2.41
C GLU F 49 34.96 -23.31 2.46
N HIS F 50 35.92 -23.16 1.56
CA HIS F 50 36.75 -21.97 1.48
C HIS F 50 36.97 -21.56 0.03
N LEU F 51 36.92 -20.26 -0.21
CA LEU F 51 37.18 -19.71 -1.54
C LEU F 51 38.35 -18.76 -1.39
N ILE F 52 39.37 -18.96 -2.23
CA ILE F 52 40.56 -18.13 -2.21
C ILE F 52 40.51 -17.30 -3.48
N ASP F 53 40.03 -16.08 -3.34
CA ASP F 53 39.90 -15.14 -4.44
C ASP F 53 41.28 -14.65 -4.86
N ILE F 54 41.61 -14.80 -6.13
CA ILE F 54 42.92 -14.39 -6.65
C ILE F 54 42.83 -13.18 -7.57
N ASN F 55 41.78 -12.38 -7.41
CA ASN F 55 41.57 -11.18 -8.22
C ASN F 55 42.44 -9.98 -7.85
N ARG F 56 43.01 -9.98 -6.64
CA ARG F 56 43.88 -8.89 -6.16
C ARG F 56 45.38 -9.18 -6.30
N ILE F 57 45.77 -10.07 -7.20
CA ILE F 57 47.19 -10.39 -7.36
C ILE F 57 47.73 -9.80 -8.66
N PRO F 58 48.45 -8.67 -8.58
CA PRO F 58 49.00 -8.04 -9.79
C PRO F 58 49.85 -8.91 -10.72
N GLU F 59 50.63 -9.83 -10.18
CA GLU F 59 51.47 -10.63 -11.07
C GLU F 59 50.72 -11.66 -11.91
N LEU F 60 49.41 -11.78 -11.68
CA LEU F 60 48.58 -12.70 -12.47
C LEU F 60 47.96 -11.94 -13.63
N ARG F 61 48.26 -10.64 -13.71
CA ARG F 61 47.72 -9.78 -14.75
C ARG F 61 48.79 -9.20 -15.68
N GLY F 62 48.34 -8.72 -16.83
CA GLY F 62 49.25 -8.14 -17.80
C GLY F 62 49.46 -8.98 -19.03
N ILE F 63 49.80 -8.30 -20.12
CA ILE F 63 50.08 -8.92 -21.41
C ILE F 63 51.34 -8.19 -21.89
N ARG F 64 52.44 -8.92 -21.95
CA ARG F 64 53.73 -8.35 -22.34
C ARG F 64 54.41 -9.21 -23.40
N GLU F 65 55.48 -8.65 -23.97
CA GLU F 65 56.27 -9.36 -24.97
C GLU F 65 57.69 -9.51 -24.43
N GLU F 66 58.16 -10.75 -24.38
CA GLU F 66 59.52 -11.04 -23.93
C GLU F 66 60.18 -11.61 -25.18
N GLY F 67 60.69 -10.71 -26.01
CA GLY F 67 61.32 -11.12 -27.26
C GLY F 67 60.26 -11.62 -28.22
N SER F 68 60.39 -12.87 -28.66
CA SER F 68 59.45 -13.49 -29.59
C SER F 68 58.30 -14.22 -28.86
N THR F 69 58.29 -14.14 -27.53
CA THR F 69 57.27 -14.79 -26.73
C THR F 69 56.27 -13.82 -26.11
N VAL F 70 54.99 -14.15 -26.26
CA VAL F 70 53.91 -13.35 -25.70
C VAL F 70 53.57 -13.96 -24.34
N VAL F 71 53.51 -13.14 -23.31
CA VAL F 71 53.19 -13.61 -21.96
C VAL F 71 51.90 -12.99 -21.45
N ILE F 72 50.87 -13.82 -21.34
CA ILE F 72 49.55 -13.40 -20.88
C ILE F 72 49.32 -13.83 -19.45
N GLY F 73 48.96 -12.90 -18.59
CA GLY F 73 48.69 -13.23 -17.21
C GLY F 73 47.44 -14.11 -17.16
N ALA F 74 47.45 -15.13 -16.30
CA ALA F 74 46.32 -16.04 -16.16
C ALA F 74 44.99 -15.35 -15.83
N MET F 75 45.04 -14.28 -15.05
CA MET F 75 43.84 -13.58 -14.69
C MET F 75 43.33 -12.63 -15.77
N THR F 76 43.91 -12.72 -16.96
CA THR F 76 43.48 -11.86 -18.06
C THR F 76 42.05 -12.24 -18.43
N VAL F 77 41.18 -11.26 -18.32
CA VAL F 77 39.77 -11.41 -18.64
C VAL F 77 39.58 -11.61 -20.15
N GLU F 78 38.61 -12.44 -20.49
CA GLU F 78 38.30 -12.78 -21.88
C GLU F 78 38.22 -11.58 -22.85
N ASN F 79 37.55 -10.49 -22.44
CA ASN F 79 37.43 -9.31 -23.29
C ASN F 79 38.74 -8.54 -23.49
N ASP F 80 39.67 -8.65 -22.55
CA ASP F 80 40.96 -7.94 -22.67
C ASP F 80 41.89 -8.62 -23.69
N LEU F 81 41.60 -9.89 -23.96
CA LEU F 81 42.33 -10.69 -24.92
C LEU F 81 41.99 -10.13 -26.29
N ILE F 82 40.69 -9.91 -26.48
CA ILE F 82 40.11 -9.39 -27.71
C ILE F 82 40.58 -7.97 -28.05
N SER F 83 40.71 -7.14 -27.02
CA SER F 83 41.10 -5.74 -27.19
C SER F 83 42.60 -5.47 -27.06
N SER F 84 43.38 -6.51 -26.80
CA SER F 84 44.82 -6.36 -26.64
C SER F 84 45.54 -6.14 -27.97
N PRO F 85 46.14 -4.95 -28.16
CA PRO F 85 46.85 -4.67 -29.42
C PRO F 85 48.03 -5.62 -29.65
N ILE F 86 48.53 -6.22 -28.57
CA ILE F 86 49.62 -7.17 -28.67
C ILE F 86 49.07 -8.51 -29.14
N VAL F 87 47.99 -8.97 -28.51
CA VAL F 87 47.38 -10.24 -28.89
C VAL F 87 46.89 -10.15 -30.33
N GLN F 88 46.31 -9.01 -30.71
CA GLN F 88 45.81 -8.82 -32.06
C GLN F 88 46.92 -8.93 -33.11
N ALA F 89 48.11 -8.40 -32.79
CA ALA F 89 49.24 -8.44 -33.72
C ALA F 89 50.07 -9.73 -33.70
N ARG F 90 50.29 -10.27 -32.49
CA ARG F 90 51.10 -11.47 -32.32
C ARG F 90 50.35 -12.80 -32.28
N LEU F 91 49.10 -12.77 -31.81
CA LEU F 91 48.29 -13.99 -31.70
C LEU F 91 46.85 -13.70 -32.13
N PRO F 92 46.65 -13.21 -33.38
CA PRO F 92 45.30 -12.90 -33.87
C PRO F 92 44.25 -14.01 -33.71
N LEU F 93 44.69 -15.25 -33.64
CA LEU F 93 43.80 -16.40 -33.47
C LEU F 93 43.09 -16.32 -32.11
N LEU F 94 43.84 -15.92 -31.08
CA LEU F 94 43.26 -15.84 -29.74
C LEU F 94 42.30 -14.66 -29.58
N ALA F 95 42.62 -13.54 -30.21
CA ALA F 95 41.77 -12.34 -30.13
C ALA F 95 40.43 -12.54 -30.83
N GLU F 96 40.48 -13.22 -31.98
CA GLU F 96 39.27 -13.48 -32.77
C GLU F 96 38.45 -14.64 -32.25
N ALA F 97 39.13 -15.67 -31.76
CA ALA F 97 38.45 -16.85 -31.22
C ALA F 97 37.75 -16.54 -29.91
N ALA F 98 38.34 -15.62 -29.14
CA ALA F 98 37.78 -15.23 -27.86
C ALA F 98 36.38 -14.61 -28.01
N LYS F 99 36.12 -14.00 -29.17
CA LYS F 99 34.82 -13.39 -29.45
C LYS F 99 33.72 -14.45 -29.49
N LEU F 100 34.14 -15.70 -29.68
CA LEU F 100 33.21 -16.81 -29.75
C LEU F 100 32.97 -17.48 -28.39
N ILE F 101 33.52 -16.89 -27.33
CA ILE F 101 33.37 -17.44 -25.99
C ILE F 101 32.30 -16.69 -25.21
N ALA F 102 31.26 -17.42 -24.79
CA ALA F 102 30.17 -16.87 -23.99
C ALA F 102 29.57 -15.57 -24.53
N ASP F 103 29.38 -14.58 -23.66
CA ASP F 103 28.81 -13.29 -24.04
C ASP F 103 29.64 -12.14 -23.46
N PRO F 104 29.33 -10.89 -23.83
CA PRO F 104 30.09 -9.74 -23.31
C PRO F 104 30.25 -9.71 -21.80
N GLN F 105 29.14 -9.86 -21.07
CA GLN F 105 29.19 -9.83 -19.60
C GLN F 105 30.10 -10.93 -19.04
N VAL F 106 29.89 -12.17 -19.46
CA VAL F 106 30.73 -13.27 -18.98
C VAL F 106 32.19 -13.00 -19.35
N ARG F 107 32.41 -12.43 -20.54
CA ARG F 107 33.76 -12.13 -20.98
C ARG F 107 34.48 -11.04 -20.17
N ASN F 108 33.75 -10.23 -19.41
CA ASN F 108 34.37 -9.21 -18.56
C ASN F 108 34.78 -9.83 -17.22
N ARG F 109 34.47 -11.11 -17.02
CA ARG F 109 34.80 -11.78 -15.77
C ARG F 109 35.62 -13.07 -15.91
N GLY F 110 35.21 -13.94 -16.82
CA GLY F 110 35.93 -15.19 -17.02
C GLY F 110 37.32 -14.91 -17.54
N THR F 111 38.29 -15.67 -17.03
CA THR F 111 39.70 -15.52 -17.40
C THR F 111 40.23 -16.64 -18.30
N ILE F 112 41.28 -16.33 -19.07
CA ILE F 112 41.90 -17.32 -19.96
C ILE F 112 42.51 -18.45 -19.13
N GLY F 113 43.00 -18.09 -17.95
CA GLY F 113 43.59 -19.07 -17.06
C GLY F 113 42.53 -19.96 -16.43
N GLY F 114 41.39 -19.36 -16.08
CA GLY F 114 40.31 -20.14 -15.48
C GLY F 114 39.64 -21.04 -16.49
N ASP F 115 39.60 -20.60 -17.73
CA ASP F 115 38.97 -21.36 -18.81
C ASP F 115 39.77 -22.64 -19.07
N ILE F 116 41.08 -22.54 -18.90
CA ILE F 116 42.00 -23.65 -19.10
C ILE F 116 42.06 -24.58 -17.88
N ALA F 117 42.23 -23.99 -16.70
CA ALA F 117 42.31 -24.77 -15.47
C ALA F 117 41.02 -25.54 -15.18
N HIS F 118 39.89 -24.98 -15.56
CA HIS F 118 38.60 -25.63 -15.33
C HIS F 118 38.60 -27.02 -15.99
N GLY F 119 39.36 -27.14 -17.08
CA GLY F 119 39.50 -28.42 -17.77
C GLY F 119 38.26 -29.05 -18.36
N ASP F 120 37.27 -28.22 -18.68
CA ASP F 120 36.03 -28.70 -19.28
C ASP F 120 36.25 -28.85 -20.78
N PRO F 121 35.92 -30.01 -21.36
CA PRO F 121 36.07 -30.28 -22.80
C PRO F 121 35.29 -29.25 -23.59
N GLY F 122 34.24 -28.72 -22.95
CA GLY F 122 33.40 -27.73 -23.58
C GLY F 122 34.07 -26.38 -23.79
N ASN F 123 35.10 -26.08 -23.01
CA ASN F 123 35.81 -24.81 -23.12
C ASN F 123 36.66 -24.71 -24.37
N ASP F 124 36.77 -23.49 -24.91
CA ASP F 124 37.51 -23.25 -26.14
C ASP F 124 39.04 -23.07 -26.03
N HIS F 125 39.51 -22.44 -24.95
CA HIS F 125 40.94 -22.22 -24.80
C HIS F 125 41.82 -23.46 -24.79
N PRO F 126 41.37 -24.57 -24.18
CA PRO F 126 42.23 -25.76 -24.18
C PRO F 126 42.71 -26.15 -25.58
N ALA F 127 41.79 -26.26 -26.54
CA ALA F 127 42.19 -26.61 -27.89
C ALA F 127 43.01 -25.47 -28.51
N LEU F 128 42.63 -24.23 -28.19
CA LEU F 128 43.33 -23.06 -28.69
C LEU F 128 44.78 -23.01 -28.23
N SER F 129 44.99 -23.34 -26.96
CA SER F 129 46.31 -23.32 -26.36
C SER F 129 47.22 -24.38 -26.98
N ILE F 130 46.62 -25.45 -27.49
CA ILE F 130 47.36 -26.52 -28.13
C ILE F 130 47.83 -26.06 -29.51
N ALA F 131 46.90 -25.56 -30.32
CA ALA F 131 47.21 -25.10 -31.67
C ALA F 131 48.23 -23.97 -31.68
N VAL F 132 48.18 -23.14 -30.65
CA VAL F 132 49.07 -22.00 -30.52
C VAL F 132 50.42 -22.36 -29.86
N GLU F 133 50.51 -23.60 -29.37
CA GLU F 133 51.72 -24.13 -28.72
C GLU F 133 52.12 -23.38 -27.45
N ALA F 134 51.13 -23.08 -26.61
CA ALA F 134 51.33 -22.38 -25.36
C ALA F 134 51.98 -23.24 -24.28
N HIS F 135 52.51 -22.56 -23.26
CA HIS F 135 53.13 -23.18 -22.10
C HIS F 135 52.59 -22.46 -20.87
N PHE F 136 52.15 -23.23 -19.87
CA PHE F 136 51.57 -22.65 -18.65
C PHE F 136 52.55 -22.70 -17.49
N VAL F 137 52.72 -21.57 -16.81
CA VAL F 137 53.60 -21.47 -15.65
C VAL F 137 52.80 -21.66 -14.35
N LEU F 138 53.18 -22.68 -13.58
CA LEU F 138 52.49 -23.00 -12.34
C LEU F 138 53.37 -22.75 -11.12
N GLU F 139 52.80 -22.21 -10.05
CA GLU F 139 53.56 -21.98 -8.83
C GLU F 139 52.96 -22.71 -7.63
N GLY F 140 53.80 -23.52 -6.99
CA GLY F 140 53.37 -24.27 -5.84
C GLY F 140 54.31 -24.01 -4.68
N PRO F 141 54.19 -24.77 -3.58
CA PRO F 141 55.07 -24.58 -2.42
C PRO F 141 56.54 -24.84 -2.69
N ASN F 142 56.85 -25.48 -3.82
CA ASN F 142 58.22 -25.79 -4.19
C ASN F 142 58.79 -24.93 -5.32
N GLY F 143 58.10 -23.83 -5.62
CA GLY F 143 58.56 -22.94 -6.68
C GLY F 143 57.72 -23.09 -7.94
N ARG F 144 58.26 -22.62 -9.06
CA ARG F 144 57.54 -22.69 -10.33
C ARG F 144 58.00 -23.81 -11.25
N ARG F 145 57.21 -24.02 -12.31
CA ARG F 145 57.47 -25.02 -13.33
C ARG F 145 56.64 -24.67 -14.57
N THR F 146 57.21 -24.91 -15.75
CA THR F 146 56.52 -24.61 -17.00
C THR F 146 56.17 -25.89 -17.74
N VAL F 147 54.87 -26.07 -18.00
CA VAL F 147 54.37 -27.25 -18.71
C VAL F 147 53.72 -26.83 -20.02
N PRO F 148 53.78 -27.70 -21.03
CA PRO F 148 53.17 -27.35 -22.32
C PRO F 148 51.66 -27.67 -22.34
N ALA F 149 50.93 -26.95 -23.18
CA ALA F 149 49.49 -27.14 -23.33
C ALA F 149 49.19 -28.57 -23.78
N ASP F 150 50.01 -29.05 -24.72
CA ASP F 150 49.87 -30.40 -25.24
C ASP F 150 50.25 -31.39 -24.13
N GLY F 151 49.25 -32.03 -23.54
CA GLY F 151 49.49 -32.98 -22.47
C GLY F 151 49.04 -32.48 -21.11
N PHE F 152 48.56 -31.23 -21.07
CA PHE F 152 48.10 -30.60 -19.83
C PHE F 152 46.71 -31.08 -19.39
N PHE F 153 45.89 -31.49 -20.35
CA PHE F 153 44.54 -31.94 -20.08
C PHE F 153 44.46 -33.46 -19.95
N LEU F 154 44.06 -33.91 -18.76
CA LEU F 154 44.02 -35.33 -18.44
C LEU F 154 42.67 -36.03 -18.49
N GLY F 155 41.63 -35.31 -18.10
CA GLY F 155 40.28 -35.87 -18.11
C GLY F 155 39.27 -34.74 -17.97
N THR F 156 37.99 -35.09 -17.87
CA THR F 156 36.96 -34.06 -17.72
C THR F 156 37.15 -33.35 -16.38
N TYR F 157 37.52 -32.06 -16.47
CA TYR F 157 37.79 -31.19 -15.32
C TYR F 157 39.13 -31.53 -14.64
N MET F 158 39.96 -32.31 -15.32
CA MET F 158 41.26 -32.71 -14.76
C MET F 158 42.44 -32.23 -15.59
N THR F 159 43.39 -31.58 -14.94
CA THR F 159 44.58 -31.10 -15.63
C THR F 159 45.84 -31.45 -14.83
N LEU F 160 46.99 -31.15 -15.42
CA LEU F 160 48.30 -31.41 -14.84
C LEU F 160 48.50 -30.61 -13.54
N LEU F 161 47.73 -29.53 -13.40
CA LEU F 161 47.77 -28.64 -12.25
C LEU F 161 47.51 -29.36 -10.92
N GLU F 162 48.35 -29.11 -9.93
CA GLU F 162 48.21 -29.73 -8.62
C GLU F 162 47.30 -28.89 -7.71
N GLU F 163 46.72 -29.55 -6.72
CA GLU F 163 45.82 -28.94 -5.75
C GLU F 163 46.41 -27.74 -4.98
N ASN F 164 47.74 -27.67 -4.90
CA ASN F 164 48.39 -26.57 -4.19
C ASN F 164 49.13 -25.60 -5.13
N GLU F 165 48.76 -25.60 -6.40
CA GLU F 165 49.40 -24.70 -7.36
C GLU F 165 48.47 -23.59 -7.87
N VAL F 166 49.06 -22.58 -8.49
CA VAL F 166 48.34 -21.46 -9.08
C VAL F 166 48.95 -21.22 -10.46
N MET F 167 48.12 -21.16 -11.50
CA MET F 167 48.65 -20.87 -12.82
C MET F 167 48.91 -19.37 -12.86
N VAL F 168 50.17 -19.00 -13.00
CA VAL F 168 50.58 -17.60 -13.02
C VAL F 168 50.36 -16.93 -14.36
N GLU F 169 50.93 -17.50 -15.41
CA GLU F 169 50.81 -16.90 -16.74
C GLU F 169 50.87 -17.93 -17.85
N ILE F 170 50.59 -17.47 -19.05
CA ILE F 170 50.56 -18.30 -20.24
C ILE F 170 51.53 -17.75 -21.28
N ARG F 171 52.56 -18.53 -21.59
CA ARG F 171 53.58 -18.12 -22.54
C ARG F 171 53.27 -18.79 -23.86
N VAL F 172 53.31 -18.01 -24.94
CA VAL F 172 53.04 -18.56 -26.26
C VAL F 172 53.85 -17.80 -27.31
N PRO F 173 54.47 -18.53 -28.26
CA PRO F 173 55.28 -17.92 -29.31
C PRO F 173 54.47 -17.09 -30.29
N ALA F 174 54.97 -15.89 -30.60
CA ALA F 174 54.30 -15.00 -31.54
C ALA F 174 54.20 -15.67 -32.91
N PHE F 175 53.18 -15.31 -33.68
CA PHE F 175 53.00 -15.87 -35.00
C PHE F 175 54.06 -15.32 -35.95
N ALA F 176 54.64 -16.22 -36.75
CA ALA F 176 55.64 -15.83 -37.74
C ALA F 176 54.89 -15.10 -38.83
N GLN F 177 55.55 -14.18 -39.53
CA GLN F 177 54.89 -13.44 -40.60
C GLN F 177 54.29 -14.41 -41.62
N GLY F 178 53.02 -14.23 -41.94
CA GLY F 178 52.33 -15.08 -42.89
C GLY F 178 51.70 -16.34 -42.31
N THR F 179 51.52 -16.38 -41.00
CA THR F 179 50.92 -17.53 -40.34
C THR F 179 49.41 -17.57 -40.55
N GLY F 180 48.92 -18.75 -40.91
CA GLY F 180 47.50 -18.94 -41.12
C GLY F 180 46.89 -19.54 -39.86
N TRP F 181 45.68 -19.12 -39.55
CA TRP F 181 44.99 -19.60 -38.35
C TRP F 181 43.48 -19.59 -38.54
N ALA F 182 42.79 -20.32 -37.67
CA ALA F 182 41.34 -20.38 -37.72
C ALA F 182 40.74 -21.16 -36.57
N TYR F 183 39.53 -20.77 -36.18
CA TYR F 183 38.79 -21.47 -35.15
C TYR F 183 37.36 -21.59 -35.65
N GLU F 184 36.93 -22.82 -35.89
CA GLU F 184 35.58 -23.10 -36.36
C GLU F 184 34.81 -23.71 -35.22
N LYS F 185 33.73 -23.03 -34.81
CA LYS F 185 32.91 -23.48 -33.72
C LYS F 185 31.44 -23.63 -34.08
N LEU F 186 30.96 -24.86 -34.09
CA LEU F 186 29.55 -25.16 -34.38
C LEU F 186 28.86 -25.03 -33.03
N LYS F 187 27.80 -24.24 -32.98
CA LYS F 187 27.06 -24.02 -31.72
C LYS F 187 25.56 -23.80 -31.97
N ARG F 188 24.73 -24.22 -31.03
CA ARG F 188 23.28 -24.06 -31.16
C ARG F 188 22.86 -22.58 -31.14
N LYS F 189 23.64 -21.77 -30.43
CA LYS F 189 23.36 -20.34 -30.33
C LYS F 189 24.55 -19.60 -29.73
N THR F 190 24.51 -18.29 -29.80
CA THR F 190 25.59 -17.49 -29.25
C THR F 190 25.70 -17.71 -27.74
N GLY F 191 26.94 -17.74 -27.25
CA GLY F 191 27.16 -17.93 -25.83
C GLY F 191 27.02 -19.36 -25.34
N ASP F 192 27.01 -20.31 -26.26
CA ASP F 192 26.89 -21.72 -25.91
C ASP F 192 28.21 -22.42 -26.21
N TRP F 193 28.44 -23.55 -25.54
CA TRP F 193 29.65 -24.32 -25.75
C TRP F 193 29.50 -25.08 -27.06
N ALA F 194 30.61 -25.32 -27.73
CA ALA F 194 30.61 -26.00 -29.02
C ALA F 194 30.05 -27.40 -29.09
N THR F 195 29.41 -27.70 -30.21
CA THR F 195 28.90 -29.04 -30.44
C THR F 195 30.17 -29.76 -30.96
N ALA F 196 31.01 -28.99 -31.64
CA ALA F 196 32.27 -29.44 -32.20
C ALA F 196 33.04 -28.19 -32.61
N GLY F 197 34.35 -28.21 -32.37
CA GLY F 197 35.18 -27.07 -32.74
C GLY F 197 36.58 -27.48 -33.10
N CYS F 198 37.21 -26.74 -34.00
CA CYS F 198 38.57 -27.04 -34.42
C CYS F 198 39.45 -25.80 -34.53
N ALA F 199 40.58 -25.85 -33.84
CA ALA F 199 41.55 -24.76 -33.84
C ALA F 199 42.71 -25.18 -34.74
N VAL F 200 43.08 -24.30 -35.66
CA VAL F 200 44.16 -24.57 -36.59
C VAL F 200 45.13 -23.41 -36.73
N VAL F 201 46.42 -23.73 -36.66
CA VAL F 201 47.48 -22.76 -36.83
C VAL F 201 48.43 -23.42 -37.83
N MET F 202 48.70 -22.74 -38.94
CA MET F 202 49.58 -23.29 -39.95
C MET F 202 50.39 -22.24 -40.69
N ARG F 203 51.50 -22.70 -41.28
CA ARG F 203 52.39 -21.84 -42.04
C ARG F 203 52.53 -22.47 -43.43
N LYS F 204 52.74 -21.61 -44.42
CA LYS F 204 52.88 -22.03 -45.81
C LYS F 204 54.33 -21.94 -46.31
N SER F 205 54.58 -22.53 -47.47
CA SER F 205 55.86 -22.51 -48.15
C SER F 205 55.56 -22.77 -49.62
N GLY F 206 55.44 -21.69 -50.38
CA GLY F 206 55.12 -21.83 -51.79
C GLY F 206 53.67 -22.31 -51.89
N ASN F 207 53.49 -23.61 -52.12
CA ASN F 207 52.16 -24.20 -52.21
C ASN F 207 52.05 -25.47 -51.38
N THR F 208 52.93 -25.57 -50.37
CA THR F 208 52.97 -26.71 -49.48
C THR F 208 52.78 -26.23 -48.03
N VAL F 209 52.36 -27.14 -47.16
CA VAL F 209 52.17 -26.80 -45.74
C VAL F 209 53.46 -27.07 -44.97
N SER F 210 54.10 -26.01 -44.48
CA SER F 210 55.35 -26.14 -43.75
C SER F 210 55.23 -26.36 -42.23
N HIS F 211 54.15 -25.84 -41.65
CA HIS F 211 53.92 -26.00 -40.21
C HIS F 211 52.43 -26.13 -39.96
N ILE F 212 52.04 -27.07 -39.09
CA ILE F 212 50.62 -27.25 -38.80
C ILE F 212 50.29 -27.83 -37.45
N ARG F 213 49.26 -27.27 -36.84
CA ARG F 213 48.76 -27.69 -35.54
C ARG F 213 47.25 -27.70 -35.65
N ILE F 214 46.64 -28.81 -35.23
CA ILE F 214 45.19 -28.97 -35.29
C ILE F 214 44.71 -29.50 -33.96
N ALA F 215 43.75 -28.80 -33.36
CA ALA F 215 43.19 -29.22 -32.07
C ALA F 215 41.67 -29.27 -32.16
N LEU F 216 41.08 -30.23 -31.44
CA LEU F 216 39.63 -30.43 -31.45
C LEU F 216 38.96 -30.07 -30.12
N THR F 217 37.81 -29.40 -30.22
CA THR F 217 37.06 -28.98 -29.05
C THR F 217 35.77 -29.76 -28.83
N ASN F 218 35.59 -30.22 -27.60
CA ASN F 218 34.40 -30.94 -27.13
C ASN F 218 33.98 -32.18 -27.92
N VAL F 219 34.93 -33.03 -28.27
CA VAL F 219 34.60 -34.25 -29.01
C VAL F 219 35.28 -35.45 -28.36
N ALA F 220 35.63 -35.30 -27.09
CA ALA F 220 36.29 -36.32 -26.28
C ALA F 220 36.26 -35.82 -24.84
N PRO F 221 36.72 -36.63 -23.87
CA PRO F 221 36.71 -36.17 -22.48
C PRO F 221 37.63 -34.96 -22.22
N THR F 222 38.47 -34.67 -23.21
CA THR F 222 39.39 -33.53 -23.12
C THR F 222 39.59 -32.97 -24.53
N ALA F 223 40.31 -31.87 -24.61
CA ALA F 223 40.62 -31.25 -25.88
C ALA F 223 41.63 -32.20 -26.54
N LEU F 224 41.52 -32.38 -27.86
CA LEU F 224 42.42 -33.28 -28.56
C LEU F 224 43.27 -32.61 -29.61
N ARG F 225 44.52 -33.06 -29.71
CA ARG F 225 45.41 -32.56 -30.73
C ARG F 225 45.36 -33.64 -31.82
N ALA F 226 44.99 -33.25 -33.03
CA ALA F 226 44.89 -34.21 -34.13
C ALA F 226 46.23 -34.37 -34.84
N GLU F 227 47.12 -35.15 -34.23
CA GLU F 227 48.44 -35.40 -34.78
C GLU F 227 48.44 -36.09 -36.14
N ALA F 228 47.63 -37.13 -36.28
CA ALA F 228 47.53 -37.85 -37.55
C ALA F 228 46.95 -36.93 -38.63
N ALA F 229 46.10 -35.98 -38.20
CA ALA F 229 45.49 -35.02 -39.12
C ALA F 229 46.58 -34.08 -39.60
N GLU F 230 47.51 -33.74 -38.72
CA GLU F 230 48.61 -32.86 -39.08
C GLU F 230 49.51 -33.62 -40.04
N ALA F 231 49.71 -34.91 -39.74
CA ALA F 231 50.56 -35.78 -40.57
C ALA F 231 50.07 -35.90 -42.00
N ALA F 232 48.79 -35.65 -42.23
CA ALA F 232 48.24 -35.73 -43.57
C ALA F 232 48.46 -34.45 -44.38
N LEU F 233 49.09 -33.45 -43.78
CA LEU F 233 49.33 -32.17 -44.45
C LEU F 233 50.77 -31.69 -44.43
N LEU F 234 51.50 -32.03 -43.39
CA LEU F 234 52.90 -31.62 -43.24
C LEU F 234 53.76 -31.94 -44.47
N GLY F 235 54.36 -30.90 -45.05
CA GLY F 235 55.22 -31.09 -46.20
C GLY F 235 54.56 -31.52 -47.50
N LYS F 236 53.25 -31.74 -47.46
CA LYS F 236 52.50 -32.14 -48.64
C LYS F 236 51.83 -30.89 -49.21
N ALA F 237 51.44 -30.95 -50.48
CA ALA F 237 50.78 -29.83 -51.14
C ALA F 237 49.37 -29.69 -50.58
N PHE F 238 48.85 -28.47 -50.57
CA PHE F 238 47.51 -28.24 -50.04
C PHE F 238 46.44 -28.54 -51.09
N THR F 239 45.96 -29.78 -51.08
CA THR F 239 44.91 -30.20 -52.01
C THR F 239 43.64 -30.54 -51.26
N LYS F 240 42.57 -30.72 -52.04
CA LYS F 240 41.26 -31.07 -51.52
C LYS F 240 41.33 -32.45 -50.86
N GLU F 241 42.08 -33.37 -51.48
CA GLU F 241 42.22 -34.73 -50.97
C GLU F 241 43.01 -34.78 -49.67
N ALA F 242 44.00 -33.89 -49.55
CA ALA F 242 44.82 -33.82 -48.34
C ALA F 242 43.97 -33.40 -47.14
N VAL F 243 43.12 -32.39 -47.35
CA VAL F 243 42.23 -31.89 -46.31
C VAL F 243 41.27 -32.96 -45.81
N GLN F 244 40.67 -33.70 -46.75
CA GLN F 244 39.75 -34.77 -46.40
C GLN F 244 40.46 -35.86 -45.61
N ALA F 245 41.71 -36.16 -46.01
CA ALA F 245 42.52 -37.17 -45.34
C ALA F 245 42.72 -36.75 -43.88
N ALA F 246 42.95 -35.46 -43.68
CA ALA F 246 43.14 -34.91 -42.34
C ALA F 246 41.83 -35.01 -41.57
N ALA F 247 40.74 -34.65 -42.24
CA ALA F 247 39.40 -34.71 -41.64
C ALA F 247 39.09 -36.12 -41.19
N ASP F 248 39.50 -37.09 -41.99
CA ASP F 248 39.27 -38.49 -41.66
C ASP F 248 40.13 -38.89 -40.47
N ALA F 249 41.32 -38.29 -40.38
CA ALA F 249 42.25 -38.57 -39.29
C ALA F 249 41.78 -37.93 -37.98
N ALA F 250 41.06 -36.81 -38.11
CA ALA F 250 40.51 -36.11 -36.95
C ALA F 250 39.31 -36.91 -36.47
N ILE F 251 38.45 -37.29 -37.41
CA ILE F 251 37.25 -38.07 -37.14
C ILE F 251 37.57 -39.38 -36.40
N ALA F 252 38.61 -40.07 -36.85
CA ALA F 252 39.04 -41.34 -36.27
C ALA F 252 39.38 -41.29 -34.78
N ILE F 253 39.86 -40.14 -34.29
CA ILE F 253 40.21 -40.02 -32.88
C ILE F 253 39.11 -39.48 -31.97
N CYS F 254 37.98 -39.08 -32.55
CA CYS F 254 36.86 -38.55 -31.79
C CYS F 254 36.22 -39.61 -30.89
N GLU F 255 35.84 -39.20 -29.68
CA GLU F 255 35.18 -40.08 -28.71
C GLU F 255 34.14 -39.21 -27.97
N PRO F 256 33.23 -38.56 -28.73
CA PRO F 256 32.18 -37.68 -28.19
C PRO F 256 31.20 -38.31 -27.22
N ALA F 257 30.65 -37.46 -26.36
CA ALA F 257 29.67 -37.89 -25.37
C ALA F 257 28.28 -37.54 -25.91
N GLU F 258 27.32 -38.44 -25.73
CA GLU F 258 25.96 -38.19 -26.19
C GLU F 258 25.21 -37.32 -25.18
N ASP F 259 24.70 -36.19 -25.66
CA ASP F 259 23.93 -35.25 -24.85
C ASP F 259 22.98 -34.44 -25.74
N LEU F 260 22.40 -33.37 -25.21
CA LEU F 260 21.48 -32.56 -26.00
C LEU F 260 22.05 -31.85 -27.22
N ARG F 261 23.38 -31.81 -27.33
CA ARG F 261 24.02 -31.17 -28.48
C ARG F 261 24.08 -32.13 -29.66
N GLY F 262 23.84 -33.41 -29.41
CA GLY F 262 23.87 -34.41 -30.46
C GLY F 262 24.47 -35.72 -29.99
N ASP F 263 24.45 -36.74 -30.85
CA ASP F 263 25.04 -38.02 -30.48
C ASP F 263 26.48 -38.10 -31.02
N ALA F 264 27.17 -39.18 -30.68
CA ALA F 264 28.56 -39.38 -31.13
C ALA F 264 28.66 -39.28 -32.65
N ASP F 265 27.68 -39.86 -33.33
CA ASP F 265 27.61 -39.87 -34.78
C ASP F 265 27.64 -38.45 -35.35
N TYR F 266 26.78 -37.59 -34.84
CA TYR F 266 26.71 -36.19 -35.30
C TYR F 266 27.97 -35.39 -34.93
N LYS F 267 28.36 -35.45 -33.67
CA LYS F 267 29.53 -34.73 -33.20
C LYS F 267 30.81 -35.10 -33.95
N THR F 268 30.96 -36.38 -34.28
CA THR F 268 32.12 -36.87 -35.02
C THR F 268 32.10 -36.29 -36.43
N ALA F 269 30.97 -36.41 -37.11
CA ALA F 269 30.85 -35.88 -38.47
C ALA F 269 31.10 -34.37 -38.46
N MET F 270 30.63 -33.71 -37.39
CA MET F 270 30.79 -32.27 -37.27
C MET F 270 32.24 -31.88 -36.97
N ALA F 271 32.95 -32.72 -36.22
CA ALA F 271 34.35 -32.47 -35.90
C ALA F 271 35.07 -32.45 -37.25
N GLY F 272 34.78 -33.44 -38.08
CA GLY F 272 35.40 -33.53 -39.39
C GLY F 272 35.09 -32.32 -40.23
N GLN F 273 33.83 -31.87 -40.17
CA GLN F 273 33.38 -30.70 -40.91
C GLN F 273 34.07 -29.43 -40.45
N MET F 274 34.26 -29.29 -39.15
CA MET F 274 34.93 -28.12 -38.60
C MET F 274 36.40 -28.13 -38.98
N VAL F 275 36.97 -29.33 -39.11
CA VAL F 275 38.35 -29.49 -39.50
C VAL F 275 38.53 -28.99 -40.94
N LYS F 276 37.69 -29.48 -41.85
CA LYS F 276 37.75 -29.06 -43.26
C LYS F 276 37.68 -27.55 -43.40
N ARG F 277 36.71 -26.96 -42.70
CA ARG F 277 36.51 -25.52 -42.73
C ARG F 277 37.66 -24.76 -42.13
N ALA F 278 38.18 -25.25 -41.00
CA ALA F 278 39.28 -24.58 -40.33
C ALA F 278 40.53 -24.58 -41.20
N LEU F 279 40.83 -25.73 -41.83
CA LEU F 279 42.00 -25.85 -42.69
C LEU F 279 41.92 -24.91 -43.89
N ASN F 280 40.76 -24.84 -44.53
CA ASN F 280 40.60 -23.96 -45.68
C ASN F 280 40.68 -22.49 -45.27
N ALA F 281 40.11 -22.19 -44.11
CA ALA F 281 40.12 -20.82 -43.59
C ALA F 281 41.55 -20.44 -43.20
N ALA F 282 42.25 -21.37 -42.56
CA ALA F 282 43.63 -21.13 -42.14
C ALA F 282 44.55 -20.94 -43.35
N TRP F 283 44.37 -21.77 -44.37
CA TRP F 283 45.16 -21.68 -45.59
C TRP F 283 44.96 -20.34 -46.29
N ALA F 284 43.70 -19.91 -46.38
CA ALA F 284 43.36 -18.65 -47.02
C ALA F 284 44.02 -17.45 -46.31
N ARG F 285 44.32 -17.63 -45.03
CA ARG F 285 44.95 -16.57 -44.25
C ARG F 285 46.47 -16.51 -44.38
N CYS F 286 47.07 -17.58 -44.92
CA CYS F 286 48.52 -17.64 -45.11
C CYS F 286 48.96 -16.65 -46.19
N ALA F 287 50.13 -16.04 -45.99
CA ALA F 287 50.67 -15.08 -46.95
C ALA F 287 51.98 -15.57 -47.59
#